data_1U3G
# 
_entry.id   1U3G 
# 
_audit_conform.dict_name       mmcif_pdbx.dic 
_audit_conform.dict_version    5.386 
_audit_conform.dict_location   http://mmcif.pdb.org/dictionaries/ascii/mmcif_pdbx.dic 
# 
loop_
_database_2.database_id 
_database_2.database_code 
_database_2.pdbx_database_accession 
_database_2.pdbx_DOI 
PDB   1U3G         pdb_00001u3g 10.2210/pdb1u3g/pdb 
RCSB  RCSB023196   ?            ?                   
WWPDB D_1000023196 ?            ?                   
# 
loop_
_pdbx_audit_revision_history.ordinal 
_pdbx_audit_revision_history.data_content_type 
_pdbx_audit_revision_history.major_revision 
_pdbx_audit_revision_history.minor_revision 
_pdbx_audit_revision_history.revision_date 
1 'Structure model' 1 0 2004-12-07 
2 'Structure model' 1 1 2008-04-30 
3 'Structure model' 1 2 2011-07-13 
4 'Structure model' 1 3 2024-02-14 
# 
_pdbx_audit_revision_details.ordinal             1 
_pdbx_audit_revision_details.revision_ordinal    1 
_pdbx_audit_revision_details.data_content_type   'Structure model' 
_pdbx_audit_revision_details.provider            repository 
_pdbx_audit_revision_details.type                'Initial release' 
_pdbx_audit_revision_details.description         ? 
_pdbx_audit_revision_details.details             ? 
# 
loop_
_pdbx_audit_revision_group.ordinal 
_pdbx_audit_revision_group.revision_ordinal 
_pdbx_audit_revision_group.data_content_type 
_pdbx_audit_revision_group.group 
1 2 'Structure model' 'Version format compliance' 
2 3 'Structure model' 'Version format compliance' 
3 4 'Structure model' 'Data collection'           
4 4 'Structure model' 'Database references'       
5 4 'Structure model' 'Derived calculations'      
# 
loop_
_pdbx_audit_revision_category.ordinal 
_pdbx_audit_revision_category.revision_ordinal 
_pdbx_audit_revision_category.data_content_type 
_pdbx_audit_revision_category.category 
1 4 'Structure model' chem_comp_atom         
2 4 'Structure model' chem_comp_bond         
3 4 'Structure model' database_2             
4 4 'Structure model' pdbx_database_related  
5 4 'Structure model' pdbx_struct_conn_angle 
6 4 'Structure model' struct_conn            
7 4 'Structure model' struct_ref_seq_dif     
8 4 'Structure model' struct_site            
# 
loop_
_pdbx_audit_revision_item.ordinal 
_pdbx_audit_revision_item.revision_ordinal 
_pdbx_audit_revision_item.data_content_type 
_pdbx_audit_revision_item.item 
1  4 'Structure model' '_database_2.pdbx_DOI'                        
2  4 'Structure model' '_database_2.pdbx_database_accession'         
3  4 'Structure model' '_pdbx_database_related.db_name'              
4  4 'Structure model' '_pdbx_struct_conn_angle.ptnr1_auth_comp_id'  
5  4 'Structure model' '_pdbx_struct_conn_angle.ptnr1_auth_seq_id'   
6  4 'Structure model' '_pdbx_struct_conn_angle.ptnr1_label_asym_id' 
7  4 'Structure model' '_pdbx_struct_conn_angle.ptnr1_label_atom_id' 
8  4 'Structure model' '_pdbx_struct_conn_angle.ptnr1_label_comp_id' 
9  4 'Structure model' '_pdbx_struct_conn_angle.ptnr1_label_seq_id'  
10 4 'Structure model' '_pdbx_struct_conn_angle.ptnr3_auth_comp_id'  
11 4 'Structure model' '_pdbx_struct_conn_angle.ptnr3_auth_seq_id'   
12 4 'Structure model' '_pdbx_struct_conn_angle.ptnr3_label_asym_id' 
13 4 'Structure model' '_pdbx_struct_conn_angle.ptnr3_label_atom_id' 
14 4 'Structure model' '_pdbx_struct_conn_angle.ptnr3_label_comp_id' 
15 4 'Structure model' '_pdbx_struct_conn_angle.ptnr3_label_seq_id'  
16 4 'Structure model' '_pdbx_struct_conn_angle.value'               
17 4 'Structure model' '_struct_conn.pdbx_dist_value'                
18 4 'Structure model' '_struct_conn.ptnr1_auth_comp_id'             
19 4 'Structure model' '_struct_conn.ptnr1_auth_seq_id'              
20 4 'Structure model' '_struct_conn.ptnr1_label_asym_id'            
21 4 'Structure model' '_struct_conn.ptnr1_label_atom_id'            
22 4 'Structure model' '_struct_conn.ptnr1_label_comp_id'            
23 4 'Structure model' '_struct_conn.ptnr1_label_seq_id'             
24 4 'Structure model' '_struct_conn.ptnr2_auth_comp_id'             
25 4 'Structure model' '_struct_conn.ptnr2_auth_seq_id'              
26 4 'Structure model' '_struct_conn.ptnr2_label_asym_id'            
27 4 'Structure model' '_struct_conn.ptnr2_label_atom_id'            
28 4 'Structure model' '_struct_conn.ptnr2_label_comp_id'            
29 4 'Structure model' '_struct_conn.ptnr2_label_seq_id'             
30 4 'Structure model' '_struct_ref_seq_dif.details'                 
31 4 'Structure model' '_struct_site.pdbx_auth_asym_id'              
32 4 'Structure model' '_struct_site.pdbx_auth_comp_id'              
33 4 'Structure model' '_struct_site.pdbx_auth_seq_id'               
# 
_pdbx_database_status.entry_id                        1U3G 
_pdbx_database_status.status_code                     REL 
_pdbx_database_status.recvd_initial_deposition_date   2004-07-21 
_pdbx_database_status.deposit_site                    RCSB 
_pdbx_database_status.process_site                    RCSB 
_pdbx_database_status.SG_entry                        Y 
_pdbx_database_status.status_code_sf                  REL 
_pdbx_database_status.pdb_format_compatible           Y 
_pdbx_database_status.status_code_mr                  ? 
_pdbx_database_status.status_code_cs                  ? 
_pdbx_database_status.status_code_nmr_data            ? 
_pdbx_database_status.methods_development_category    ? 
# 
loop_
_pdbx_database_related.db_name 
_pdbx_database_related.db_id 
_pdbx_database_related.details 
_pdbx_database_related.content_type 
PDB      1U3F         . unspecified 
TargetDB BSGCAIR30461 . unspecified 
# 
loop_
_audit_author.name 
_audit_author.pdbx_ordinal 
'Chen, S.'                                   1 
'Yakunin, A.F.'                              2 
'Proudfoot, M.'                              3 
'Kim, R.'                                    4 
'Kim, S.-H.'                                 5 
'Berkeley Structural Genomics Center (BSGC)' 6 
# 
_citation.id                        primary 
_citation.title                     
'Crystal structure of methenyltetrahydrofolate synthetase from Mycoplasma pneumoniae (GI: 13508087) at 2.2 A resolution' 
_citation.journal_abbrev            Proteins 
_citation.journal_volume            56 
_citation.page_first                839 
_citation.page_last                 843 
_citation.year                      2004 
_citation.journal_id_ASTM           PSFGEY 
_citation.country                   US 
_citation.journal_id_ISSN           0887-3585 
_citation.journal_id_CSD            0867 
_citation.book_publisher            ? 
_citation.pdbx_database_id_PubMed   15281135 
_citation.pdbx_database_id_DOI      10.1002/prot.20214 
# 
loop_
_citation_author.citation_id 
_citation_author.name 
_citation_author.ordinal 
_citation_author.identifier_ORCID 
primary 'Chen, S.'   1 ? 
primary 'Shin, D.H.' 2 ? 
primary 'Pufan, R.'  3 ? 
primary 'Kim, R.'    4 ? 
primary 'Kim, S.-H.' 5 ? 
# 
loop_
_entity.id 
_entity.type 
_entity.src_method 
_entity.pdbx_description 
_entity.formula_weight 
_entity.pdbx_number_of_molecules 
_entity.pdbx_ec 
_entity.pdbx_mutation 
_entity.pdbx_fragment 
_entity.details 
1 polymer     man '5,10-Methenyltetrahydrofolate Synthetase' 22274.486 1  6.3.3.2 ? ? ? 
2 non-polymer syn 'PHOSPHATE ION'                            94.971    1  ?       ? ? ? 
3 non-polymer syn 'MAGNESIUM ION'                            24.305    1  ?       ? ? ? 
4 non-polymer syn "ADENOSINE-5'-DIPHOSPHATE"                 427.201   1  ?       ? ? ? 
5 non-polymer syn '5-HYDROXYMETHYLENE-6-HYDROFOLIC ACID'     473.439   1  ?       ? ? ? 
6 water       nat water                                      18.015    81 ?       ? ? ? 
# 
_entity_name_com.entity_id   1 
_entity_name_com.name        'H91_orf164, Hypothetical protein MG245 homolog' 
# 
_entity_name_sys.entity_id   1 
_entity_name_sys.name        E.C.6.3.3.2 
# 
_entity_poly.entity_id                      1 
_entity_poly.type                           'polypeptide(L)' 
_entity_poly.nstd_linkage                   no 
_entity_poly.nstd_monomer                   no 
_entity_poly.pdbx_seq_one_letter_code       
;MGSSHHHHHHDYDIPTTENLYFQGHMDKNALRKQILQKRMALSTIEKSHLDQKINQKLVAFLTPKPCIKTIALYEPIKNE
VTFVDFFFEFLKINQIRAVYPKVISDTEIIFIDQETNTFEPNQIDCFLIPLVGFNKDNYRLGFGKGYYDRYLMQLTRQQP
KIGIAYSFQKGDFLADPWDVQLDLIINDE
;
_entity_poly.pdbx_seq_one_letter_code_can   
;MGSSHHHHHHDYDIPTTENLYFQGHMDKNALRKQILQKRMALSTIEKSHLDQKINQKLVAFLTPKPCIKTIALYEPIKNE
VTFVDFFFEFLKINQIRAVYPKVISDTEIIFIDQETNTFEPNQIDCFLIPLVGFNKDNYRLGFGKGYYDRYLMQLTRQQP
KIGIAYSFQKGDFLADPWDVQLDLIINDE
;
_entity_poly.pdbx_strand_id                 A 
_entity_poly.pdbx_target_identifier         BSGCAIR30461 
# 
loop_
_pdbx_entity_nonpoly.entity_id 
_pdbx_entity_nonpoly.name 
_pdbx_entity_nonpoly.comp_id 
2 'PHOSPHATE ION'                        PO4 
3 'MAGNESIUM ION'                        MG  
4 "ADENOSINE-5'-DIPHOSPHATE"             ADP 
5 '5-HYDROXYMETHYLENE-6-HYDROFOLIC ACID' THF 
6 water                                  HOH 
# 
loop_
_entity_poly_seq.entity_id 
_entity_poly_seq.num 
_entity_poly_seq.mon_id 
_entity_poly_seq.hetero 
1 1   MET n 
1 2   GLY n 
1 3   SER n 
1 4   SER n 
1 5   HIS n 
1 6   HIS n 
1 7   HIS n 
1 8   HIS n 
1 9   HIS n 
1 10  HIS n 
1 11  ASP n 
1 12  TYR n 
1 13  ASP n 
1 14  ILE n 
1 15  PRO n 
1 16  THR n 
1 17  THR n 
1 18  GLU n 
1 19  ASN n 
1 20  LEU n 
1 21  TYR n 
1 22  PHE n 
1 23  GLN n 
1 24  GLY n 
1 25  HIS n 
1 26  MET n 
1 27  ASP n 
1 28  LYS n 
1 29  ASN n 
1 30  ALA n 
1 31  LEU n 
1 32  ARG n 
1 33  LYS n 
1 34  GLN n 
1 35  ILE n 
1 36  LEU n 
1 37  GLN n 
1 38  LYS n 
1 39  ARG n 
1 40  MET n 
1 41  ALA n 
1 42  LEU n 
1 43  SER n 
1 44  THR n 
1 45  ILE n 
1 46  GLU n 
1 47  LYS n 
1 48  SER n 
1 49  HIS n 
1 50  LEU n 
1 51  ASP n 
1 52  GLN n 
1 53  LYS n 
1 54  ILE n 
1 55  ASN n 
1 56  GLN n 
1 57  LYS n 
1 58  LEU n 
1 59  VAL n 
1 60  ALA n 
1 61  PHE n 
1 62  LEU n 
1 63  THR n 
1 64  PRO n 
1 65  LYS n 
1 66  PRO n 
1 67  CYS n 
1 68  ILE n 
1 69  LYS n 
1 70  THR n 
1 71  ILE n 
1 72  ALA n 
1 73  LEU n 
1 74  TYR n 
1 75  GLU n 
1 76  PRO n 
1 77  ILE n 
1 78  LYS n 
1 79  ASN n 
1 80  GLU n 
1 81  VAL n 
1 82  THR n 
1 83  PHE n 
1 84  VAL n 
1 85  ASP n 
1 86  PHE n 
1 87  PHE n 
1 88  PHE n 
1 89  GLU n 
1 90  PHE n 
1 91  LEU n 
1 92  LYS n 
1 93  ILE n 
1 94  ASN n 
1 95  GLN n 
1 96  ILE n 
1 97  ARG n 
1 98  ALA n 
1 99  VAL n 
1 100 TYR n 
1 101 PRO n 
1 102 LYS n 
1 103 VAL n 
1 104 ILE n 
1 105 SER n 
1 106 ASP n 
1 107 THR n 
1 108 GLU n 
1 109 ILE n 
1 110 ILE n 
1 111 PHE n 
1 112 ILE n 
1 113 ASP n 
1 114 GLN n 
1 115 GLU n 
1 116 THR n 
1 117 ASN n 
1 118 THR n 
1 119 PHE n 
1 120 GLU n 
1 121 PRO n 
1 122 ASN n 
1 123 GLN n 
1 124 ILE n 
1 125 ASP n 
1 126 CYS n 
1 127 PHE n 
1 128 LEU n 
1 129 ILE n 
1 130 PRO n 
1 131 LEU n 
1 132 VAL n 
1 133 GLY n 
1 134 PHE n 
1 135 ASN n 
1 136 LYS n 
1 137 ASP n 
1 138 ASN n 
1 139 TYR n 
1 140 ARG n 
1 141 LEU n 
1 142 GLY n 
1 143 PHE n 
1 144 GLY n 
1 145 LYS n 
1 146 GLY n 
1 147 TYR n 
1 148 TYR n 
1 149 ASP n 
1 150 ARG n 
1 151 TYR n 
1 152 LEU n 
1 153 MET n 
1 154 GLN n 
1 155 LEU n 
1 156 THR n 
1 157 ARG n 
1 158 GLN n 
1 159 GLN n 
1 160 PRO n 
1 161 LYS n 
1 162 ILE n 
1 163 GLY n 
1 164 ILE n 
1 165 ALA n 
1 166 TYR n 
1 167 SER n 
1 168 PHE n 
1 169 GLN n 
1 170 LYS n 
1 171 GLY n 
1 172 ASP n 
1 173 PHE n 
1 174 LEU n 
1 175 ALA n 
1 176 ASP n 
1 177 PRO n 
1 178 TRP n 
1 179 ASP n 
1 180 VAL n 
1 181 GLN n 
1 182 LEU n 
1 183 ASP n 
1 184 LEU n 
1 185 ILE n 
1 186 ILE n 
1 187 ASN n 
1 188 ASP n 
1 189 GLU n 
# 
_entity_src_gen.entity_id                          1 
_entity_src_gen.pdbx_src_id                        1 
_entity_src_gen.pdbx_alt_source_flag               sample 
_entity_src_gen.pdbx_seq_type                      ? 
_entity_src_gen.pdbx_beg_seq_num                   ? 
_entity_src_gen.pdbx_end_seq_num                   ? 
_entity_src_gen.gene_src_common_name               ? 
_entity_src_gen.gene_src_genus                     Mycoplasma 
_entity_src_gen.pdbx_gene_src_gene                 ? 
_entity_src_gen.gene_src_species                   ? 
_entity_src_gen.gene_src_strain                    ? 
_entity_src_gen.gene_src_tissue                    ? 
_entity_src_gen.gene_src_tissue_fraction           ? 
_entity_src_gen.gene_src_details                   ? 
_entity_src_gen.pdbx_gene_src_fragment             ? 
_entity_src_gen.pdbx_gene_src_scientific_name      'Mycoplasma pneumoniae' 
_entity_src_gen.pdbx_gene_src_ncbi_taxonomy_id     2104 
_entity_src_gen.pdbx_gene_src_variant              ? 
_entity_src_gen.pdbx_gene_src_cell_line            ? 
_entity_src_gen.pdbx_gene_src_atcc                 ? 
_entity_src_gen.pdbx_gene_src_organ                ? 
_entity_src_gen.pdbx_gene_src_organelle            ? 
_entity_src_gen.pdbx_gene_src_cell                 ? 
_entity_src_gen.pdbx_gene_src_cellular_location    ? 
_entity_src_gen.host_org_common_name               ? 
_entity_src_gen.pdbx_host_org_scientific_name      'Escherichia coli' 
_entity_src_gen.pdbx_host_org_ncbi_taxonomy_id     562 
_entity_src_gen.host_org_genus                     Escherichia 
_entity_src_gen.pdbx_host_org_gene                 ? 
_entity_src_gen.pdbx_host_org_organ                ? 
_entity_src_gen.host_org_species                   ? 
_entity_src_gen.pdbx_host_org_tissue               ? 
_entity_src_gen.pdbx_host_org_tissue_fraction      ? 
_entity_src_gen.pdbx_host_org_strain               ? 
_entity_src_gen.pdbx_host_org_variant              ? 
_entity_src_gen.pdbx_host_org_cell_line            ? 
_entity_src_gen.pdbx_host_org_atcc                 ? 
_entity_src_gen.pdbx_host_org_culture_collection   ? 
_entity_src_gen.pdbx_host_org_cell                 ? 
_entity_src_gen.pdbx_host_org_organelle            ? 
_entity_src_gen.pdbx_host_org_cellular_location    ? 
_entity_src_gen.pdbx_host_org_vector_type          ? 
_entity_src_gen.pdbx_host_org_vector               ? 
_entity_src_gen.host_org_details                   ? 
_entity_src_gen.expression_system_id               ? 
_entity_src_gen.plasmid_name                       ? 
_entity_src_gen.plasmid_details                    ? 
_entity_src_gen.pdbx_description                   ? 
# 
loop_
_chem_comp.id 
_chem_comp.type 
_chem_comp.mon_nstd_flag 
_chem_comp.name 
_chem_comp.pdbx_synonyms 
_chem_comp.formula 
_chem_comp.formula_weight 
ADP non-polymer         n "ADENOSINE-5'-DIPHOSPHATE"             ? 'C10 H15 N5 O10 P2' 427.201 
ALA 'L-peptide linking' y ALANINE                                ? 'C3 H7 N O2'        89.093  
ARG 'L-peptide linking' y ARGININE                               ? 'C6 H15 N4 O2 1'    175.209 
ASN 'L-peptide linking' y ASPARAGINE                             ? 'C4 H8 N2 O3'       132.118 
ASP 'L-peptide linking' y 'ASPARTIC ACID'                        ? 'C4 H7 N O4'        133.103 
CYS 'L-peptide linking' y CYSTEINE                               ? 'C3 H7 N O2 S'      121.158 
GLN 'L-peptide linking' y GLUTAMINE                              ? 'C5 H10 N2 O3'      146.144 
GLU 'L-peptide linking' y 'GLUTAMIC ACID'                        ? 'C5 H9 N O4'        147.129 
GLY 'peptide linking'   y GLYCINE                                ? 'C2 H5 N O2'        75.067  
HIS 'L-peptide linking' y HISTIDINE                              ? 'C6 H10 N3 O2 1'    156.162 
HOH non-polymer         . WATER                                  ? 'H2 O'              18.015  
ILE 'L-peptide linking' y ISOLEUCINE                             ? 'C6 H13 N O2'       131.173 
LEU 'L-peptide linking' y LEUCINE                                ? 'C6 H13 N O2'       131.173 
LYS 'L-peptide linking' y LYSINE                                 ? 'C6 H15 N2 O2 1'    147.195 
MET 'L-peptide linking' y METHIONINE                             ? 'C5 H11 N O2 S'     149.211 
MG  non-polymer         . 'MAGNESIUM ION'                        ? 'Mg 2'              24.305  
PHE 'L-peptide linking' y PHENYLALANINE                          ? 'C9 H11 N O2'       165.189 
PO4 non-polymer         . 'PHOSPHATE ION'                        ? 'O4 P -3'           94.971  
PRO 'L-peptide linking' y PROLINE                                ? 'C5 H9 N O2'        115.130 
SER 'L-peptide linking' y SERINE                                 ? 'C3 H7 N O3'        105.093 
THF non-polymer         . '5-HYDROXYMETHYLENE-6-HYDROFOLIC ACID' ? 'C20 H23 N7 O7'     473.439 
THR 'L-peptide linking' y THREONINE                              ? 'C4 H9 N O3'        119.119 
TRP 'L-peptide linking' y TRYPTOPHAN                             ? 'C11 H12 N2 O2'     204.225 
TYR 'L-peptide linking' y TYROSINE                               ? 'C9 H11 N O3'       181.189 
VAL 'L-peptide linking' y VALINE                                 ? 'C5 H11 N O2'       117.146 
# 
loop_
_pdbx_poly_seq_scheme.asym_id 
_pdbx_poly_seq_scheme.entity_id 
_pdbx_poly_seq_scheme.seq_id 
_pdbx_poly_seq_scheme.mon_id 
_pdbx_poly_seq_scheme.ndb_seq_num 
_pdbx_poly_seq_scheme.pdb_seq_num 
_pdbx_poly_seq_scheme.auth_seq_num 
_pdbx_poly_seq_scheme.pdb_mon_id 
_pdbx_poly_seq_scheme.auth_mon_id 
_pdbx_poly_seq_scheme.pdb_strand_id 
_pdbx_poly_seq_scheme.pdb_ins_code 
_pdbx_poly_seq_scheme.hetero 
A 1 1   MET 1   -24 ?   ?   ?   A . n 
A 1 2   GLY 2   -23 ?   ?   ?   A . n 
A 1 3   SER 3   -22 ?   ?   ?   A . n 
A 1 4   SER 4   -21 ?   ?   ?   A . n 
A 1 5   HIS 5   -20 ?   ?   ?   A . n 
A 1 6   HIS 6   -19 ?   ?   ?   A . n 
A 1 7   HIS 7   -18 ?   ?   ?   A . n 
A 1 8   HIS 8   -17 ?   ?   ?   A . n 
A 1 9   HIS 9   -16 ?   ?   ?   A . n 
A 1 10  HIS 10  -15 ?   ?   ?   A . n 
A 1 11  ASP 11  -14 ?   ?   ?   A . n 
A 1 12  TYR 12  -13 ?   ?   ?   A . n 
A 1 13  ASP 13  -12 ?   ?   ?   A . n 
A 1 14  ILE 14  -11 ?   ?   ?   A . n 
A 1 15  PRO 15  -10 ?   ?   ?   A . n 
A 1 16  THR 16  -9  ?   ?   ?   A . n 
A 1 17  THR 17  -8  ?   ?   ?   A . n 
A 1 18  GLU 18  -7  ?   ?   ?   A . n 
A 1 19  ASN 19  -6  ?   ?   ?   A . n 
A 1 20  LEU 20  -5  ?   ?   ?   A . n 
A 1 21  TYR 21  -4  ?   ?   ?   A . n 
A 1 22  PHE 22  -3  ?   ?   ?   A . n 
A 1 23  GLN 23  -2  ?   ?   ?   A . n 
A 1 24  GLY 24  -1  ?   ?   ?   A . n 
A 1 25  HIS 25  0   ?   ?   ?   A . n 
A 1 26  MET 26  1   1   MET MET A . n 
A 1 27  ASP 27  2   2   ASP ASP A . n 
A 1 28  LYS 28  3   3   LYS LYS A . n 
A 1 29  ASN 29  4   4   ASN ASN A . n 
A 1 30  ALA 30  5   5   ALA ALA A . n 
A 1 31  LEU 31  6   6   LEU LEU A . n 
A 1 32  ARG 32  7   7   ARG ARG A . n 
A 1 33  LYS 33  8   8   LYS LYS A . n 
A 1 34  GLN 34  9   9   GLN GLN A . n 
A 1 35  ILE 35  10  10  ILE ILE A . n 
A 1 36  LEU 36  11  11  LEU LEU A . n 
A 1 37  GLN 37  12  12  GLN GLN A . n 
A 1 38  LYS 38  13  13  LYS LYS A . n 
A 1 39  ARG 39  14  14  ARG ARG A . n 
A 1 40  MET 40  15  15  MET MET A . n 
A 1 41  ALA 41  16  16  ALA ALA A . n 
A 1 42  LEU 42  17  17  LEU LEU A . n 
A 1 43  SER 43  18  18  SER SER A . n 
A 1 44  THR 44  19  19  THR THR A . n 
A 1 45  ILE 45  20  20  ILE ILE A . n 
A 1 46  GLU 46  21  21  GLU GLU A . n 
A 1 47  LYS 47  22  22  LYS LYS A . n 
A 1 48  SER 48  23  23  SER SER A . n 
A 1 49  HIS 49  24  24  HIS HIS A . n 
A 1 50  LEU 50  25  25  LEU LEU A . n 
A 1 51  ASP 51  26  26  ASP ASP A . n 
A 1 52  GLN 52  27  27  GLN GLN A . n 
A 1 53  LYS 53  28  28  LYS LYS A . n 
A 1 54  ILE 54  29  29  ILE ILE A . n 
A 1 55  ASN 55  30  30  ASN ASN A . n 
A 1 56  GLN 56  31  31  GLN GLN A . n 
A 1 57  LYS 57  32  32  LYS LYS A . n 
A 1 58  LEU 58  33  33  LEU LEU A . n 
A 1 59  VAL 59  34  34  VAL VAL A . n 
A 1 60  ALA 60  35  35  ALA ALA A . n 
A 1 61  PHE 61  36  36  PHE PHE A . n 
A 1 62  LEU 62  37  37  LEU LEU A . n 
A 1 63  THR 63  38  38  THR THR A . n 
A 1 64  PRO 64  39  39  PRO PRO A . n 
A 1 65  LYS 65  40  40  LYS LYS A . n 
A 1 66  PRO 66  41  41  PRO PRO A . n 
A 1 67  CYS 67  42  42  CYS CYS A . n 
A 1 68  ILE 68  43  43  ILE ILE A . n 
A 1 69  LYS 69  44  44  LYS LYS A . n 
A 1 70  THR 70  45  45  THR THR A . n 
A 1 71  ILE 71  46  46  ILE ILE A . n 
A 1 72  ALA 72  47  47  ALA ALA A . n 
A 1 73  LEU 73  48  48  LEU LEU A . n 
A 1 74  TYR 74  49  49  TYR TYR A . n 
A 1 75  GLU 75  50  50  GLU GLU A . n 
A 1 76  PRO 76  51  51  PRO PRO A . n 
A 1 77  ILE 77  52  52  ILE ILE A . n 
A 1 78  LYS 78  53  53  LYS LYS A . n 
A 1 79  ASN 79  54  54  ASN ASN A . n 
A 1 80  GLU 80  55  55  GLU GLU A . n 
A 1 81  VAL 81  56  56  VAL VAL A . n 
A 1 82  THR 82  57  57  THR THR A . n 
A 1 83  PHE 83  58  58  PHE PHE A . n 
A 1 84  VAL 84  59  59  VAL VAL A . n 
A 1 85  ASP 85  60  60  ASP ASP A . n 
A 1 86  PHE 86  61  61  PHE PHE A . n 
A 1 87  PHE 87  62  62  PHE PHE A . n 
A 1 88  PHE 88  63  63  PHE PHE A . n 
A 1 89  GLU 89  64  64  GLU GLU A . n 
A 1 90  PHE 90  65  65  PHE PHE A . n 
A 1 91  LEU 91  66  66  LEU LEU A . n 
A 1 92  LYS 92  67  67  LYS LYS A . n 
A 1 93  ILE 93  68  68  ILE ILE A . n 
A 1 94  ASN 94  69  69  ASN ASN A . n 
A 1 95  GLN 95  70  70  GLN GLN A . n 
A 1 96  ILE 96  71  71  ILE ILE A . n 
A 1 97  ARG 97  72  72  ARG ARG A . n 
A 1 98  ALA 98  73  73  ALA ALA A . n 
A 1 99  VAL 99  74  74  VAL VAL A . n 
A 1 100 TYR 100 75  75  TYR TYR A . n 
A 1 101 PRO 101 76  76  PRO PRO A . n 
A 1 102 LYS 102 77  77  LYS LYS A . n 
A 1 103 VAL 103 78  78  VAL VAL A . n 
A 1 104 ILE 104 79  79  ILE ILE A . n 
A 1 105 SER 105 80  80  SER SER A . n 
A 1 106 ASP 106 81  81  ASP ASP A . n 
A 1 107 THR 107 82  82  THR THR A . n 
A 1 108 GLU 108 83  83  GLU GLU A . n 
A 1 109 ILE 109 84  84  ILE ILE A . n 
A 1 110 ILE 110 85  85  ILE ILE A . n 
A 1 111 PHE 111 86  86  PHE PHE A . n 
A 1 112 ILE 112 87  87  ILE ILE A . n 
A 1 113 ASP 113 88  88  ASP ASP A . n 
A 1 114 GLN 114 89  89  GLN GLN A . n 
A 1 115 GLU 115 90  90  GLU GLU A . n 
A 1 116 THR 116 91  91  THR THR A . n 
A 1 117 ASN 117 92  92  ASN ASN A . n 
A 1 118 THR 118 93  93  THR THR A . n 
A 1 119 PHE 119 94  94  PHE PHE A . n 
A 1 120 GLU 120 95  95  GLU GLU A . n 
A 1 121 PRO 121 96  96  PRO PRO A . n 
A 1 122 ASN 122 97  97  ASN ASN A . n 
A 1 123 GLN 123 98  98  GLN GLN A . n 
A 1 124 ILE 124 99  99  ILE ILE A . n 
A 1 125 ASP 125 100 100 ASP ASP A . n 
A 1 126 CYS 126 101 101 CYS CYS A . n 
A 1 127 PHE 127 102 102 PHE PHE A . n 
A 1 128 LEU 128 103 103 LEU LEU A . n 
A 1 129 ILE 129 104 104 ILE ILE A . n 
A 1 130 PRO 130 105 105 PRO PRO A . n 
A 1 131 LEU 131 106 106 LEU LEU A . n 
A 1 132 VAL 132 107 107 VAL VAL A . n 
A 1 133 GLY 133 108 108 GLY GLY A . n 
A 1 134 PHE 134 109 109 PHE PHE A . n 
A 1 135 ASN 135 110 110 ASN ASN A . n 
A 1 136 LYS 136 111 111 LYS LYS A . n 
A 1 137 ASP 137 112 112 ASP ASP A . n 
A 1 138 ASN 138 113 113 ASN ASN A . n 
A 1 139 TYR 139 114 114 TYR TYR A . n 
A 1 140 ARG 140 115 115 ARG ARG A . n 
A 1 141 LEU 141 116 116 LEU LEU A . n 
A 1 142 GLY 142 117 117 GLY GLY A . n 
A 1 143 PHE 143 118 118 PHE PHE A . n 
A 1 144 GLY 144 119 119 GLY GLY A . n 
A 1 145 LYS 145 120 120 LYS LYS A . n 
A 1 146 GLY 146 121 121 GLY GLY A . n 
A 1 147 TYR 147 122 122 TYR TYR A . n 
A 1 148 TYR 148 123 123 TYR TYR A . n 
A 1 149 ASP 149 124 124 ASP ASP A . n 
A 1 150 ARG 150 125 125 ARG ARG A . n 
A 1 151 TYR 151 126 126 TYR TYR A . n 
A 1 152 LEU 152 127 127 LEU LEU A . n 
A 1 153 MET 153 128 128 MET MET A . n 
A 1 154 GLN 154 129 129 GLN GLN A . n 
A 1 155 LEU 155 130 130 LEU LEU A . n 
A 1 156 THR 156 131 131 THR THR A . n 
A 1 157 ARG 157 132 132 ARG ARG A . n 
A 1 158 GLN 158 133 133 GLN GLN A . n 
A 1 159 GLN 159 134 134 GLN GLN A . n 
A 1 160 PRO 160 135 135 PRO PRO A . n 
A 1 161 LYS 161 136 136 LYS LYS A . n 
A 1 162 ILE 162 137 137 ILE ILE A . n 
A 1 163 GLY 163 138 138 GLY GLY A . n 
A 1 164 ILE 164 139 139 ILE ILE A . n 
A 1 165 ALA 165 140 140 ALA ALA A . n 
A 1 166 TYR 166 141 141 TYR TYR A . n 
A 1 167 SER 167 142 142 SER SER A . n 
A 1 168 PHE 168 143 143 PHE PHE A . n 
A 1 169 GLN 169 144 144 GLN GLN A . n 
A 1 170 LYS 170 145 145 LYS LYS A . n 
A 1 171 GLY 171 146 146 GLY GLY A . n 
A 1 172 ASP 172 147 147 ASP ASP A . n 
A 1 173 PHE 173 148 148 PHE PHE A . n 
A 1 174 LEU 174 149 149 LEU LEU A . n 
A 1 175 ALA 175 150 150 ALA ALA A . n 
A 1 176 ASP 176 151 151 ASP ASP A . n 
A 1 177 PRO 177 152 152 PRO PRO A . n 
A 1 178 TRP 178 153 153 TRP TRP A . n 
A 1 179 ASP 179 154 154 ASP ASP A . n 
A 1 180 VAL 180 155 155 VAL VAL A . n 
A 1 181 GLN 181 156 156 GLN GLN A . n 
A 1 182 LEU 182 157 157 LEU LEU A . n 
A 1 183 ASP 183 158 158 ASP ASP A . n 
A 1 184 LEU 184 159 159 LEU LEU A . n 
A 1 185 ILE 185 160 160 ILE ILE A . n 
A 1 186 ILE 186 161 161 ILE ILE A . n 
A 1 187 ASN 187 162 162 ASN ASN A . n 
A 1 188 ASP 188 163 163 ASP ASP A . n 
A 1 189 GLU 189 164 164 GLU GLU A . n 
# 
loop_
_pdbx_nonpoly_scheme.asym_id 
_pdbx_nonpoly_scheme.entity_id 
_pdbx_nonpoly_scheme.mon_id 
_pdbx_nonpoly_scheme.ndb_seq_num 
_pdbx_nonpoly_scheme.pdb_seq_num 
_pdbx_nonpoly_scheme.auth_seq_num 
_pdbx_nonpoly_scheme.pdb_mon_id 
_pdbx_nonpoly_scheme.auth_mon_id 
_pdbx_nonpoly_scheme.pdb_strand_id 
_pdbx_nonpoly_scheme.pdb_ins_code 
B 2 PO4 1  201 201 PO4 PO4 A . 
C 3 MG  1  401 401 MG  MG  A . 
D 4 ADP 1  301 301 ADP ADP A . 
E 5 THF 1  501 501 THF THF A . 
F 6 HOH 1  601 601 HOH HOH A . 
F 6 HOH 2  602 602 HOH HOH A . 
F 6 HOH 3  603 603 HOH HOH A . 
F 6 HOH 4  604 604 HOH HOH A . 
F 6 HOH 5  605 605 HOH HOH A . 
F 6 HOH 6  606 606 HOH HOH A . 
F 6 HOH 7  607 607 HOH HOH A . 
F 6 HOH 8  608 608 HOH HOH A . 
F 6 HOH 9  609 609 HOH HOH A . 
F 6 HOH 10 610 610 HOH HOH A . 
F 6 HOH 11 611 611 HOH HOH A . 
F 6 HOH 12 612 612 HOH HOH A . 
F 6 HOH 13 613 613 HOH HOH A . 
F 6 HOH 14 614 614 HOH HOH A . 
F 6 HOH 15 615 615 HOH HOH A . 
F 6 HOH 16 616 616 HOH HOH A . 
F 6 HOH 17 617 617 HOH HOH A . 
F 6 HOH 18 618 618 HOH HOH A . 
F 6 HOH 19 619 619 HOH HOH A . 
F 6 HOH 20 620 620 HOH HOH A . 
F 6 HOH 21 621 621 HOH HOH A . 
F 6 HOH 22 622 622 HOH HOH A . 
F 6 HOH 23 623 623 HOH HOH A . 
F 6 HOH 24 624 624 HOH HOH A . 
F 6 HOH 25 625 625 HOH HOH A . 
F 6 HOH 26 626 626 HOH HOH A . 
F 6 HOH 27 627 627 HOH HOH A . 
F 6 HOH 28 628 628 HOH HOH A . 
F 6 HOH 29 629 629 HOH HOH A . 
F 6 HOH 30 630 630 HOH HOH A . 
F 6 HOH 31 631 631 HOH HOH A . 
F 6 HOH 32 632 632 HOH HOH A . 
F 6 HOH 33 633 633 HOH HOH A . 
F 6 HOH 34 634 634 HOH HOH A . 
F 6 HOH 35 635 635 HOH HOH A . 
F 6 HOH 36 636 636 HOH HOH A . 
F 6 HOH 37 637 637 HOH HOH A . 
F 6 HOH 38 638 638 HOH HOH A . 
F 6 HOH 39 639 639 HOH HOH A . 
F 6 HOH 40 640 640 HOH HOH A . 
F 6 HOH 41 641 641 HOH HOH A . 
F 6 HOH 42 642 642 HOH HOH A . 
F 6 HOH 43 643 643 HOH HOH A . 
F 6 HOH 44 644 644 HOH HOH A . 
F 6 HOH 45 645 645 HOH HOH A . 
F 6 HOH 46 646 646 HOH HOH A . 
F 6 HOH 47 647 647 HOH HOH A . 
F 6 HOH 48 648 648 HOH HOH A . 
F 6 HOH 49 649 649 HOH HOH A . 
F 6 HOH 50 650 650 HOH HOH A . 
F 6 HOH 51 651 651 HOH HOH A . 
F 6 HOH 52 652 652 HOH HOH A . 
F 6 HOH 53 653 653 HOH HOH A . 
F 6 HOH 54 654 654 HOH HOH A . 
F 6 HOH 55 655 655 HOH HOH A . 
F 6 HOH 56 656 656 HOH HOH A . 
F 6 HOH 57 657 657 HOH HOH A . 
F 6 HOH 58 658 658 HOH HOH A . 
F 6 HOH 59 659 659 HOH HOH A . 
F 6 HOH 60 660 660 HOH HOH A . 
F 6 HOH 61 661 661 HOH HOH A . 
F 6 HOH 62 662 662 HOH HOH A . 
F 6 HOH 63 663 663 HOH HOH A . 
F 6 HOH 64 664 664 HOH HOH A . 
F 6 HOH 65 665 665 HOH HOH A . 
F 6 HOH 66 666 666 HOH HOH A . 
F 6 HOH 67 667 667 HOH HOH A . 
F 6 HOH 68 668 668 HOH HOH A . 
F 6 HOH 69 669 669 HOH HOH A . 
F 6 HOH 70 670 670 HOH HOH A . 
F 6 HOH 71 671 671 HOH HOH A . 
F 6 HOH 72 672 672 HOH HOH A . 
F 6 HOH 73 673 673 HOH HOH A . 
F 6 HOH 74 674 674 HOH HOH A . 
F 6 HOH 75 675 675 HOH HOH A . 
F 6 HOH 76 676 676 HOH HOH A . 
F 6 HOH 77 677 677 HOH HOH A . 
F 6 HOH 78 678 678 HOH HOH A . 
F 6 HOH 79 679 679 HOH HOH A . 
F 6 HOH 80 680 680 HOH HOH A . 
F 6 HOH 81 681 681 HOH HOH A . 
# 
loop_
_pdbx_unobs_or_zero_occ_atoms.id 
_pdbx_unobs_or_zero_occ_atoms.PDB_model_num 
_pdbx_unobs_or_zero_occ_atoms.polymer_flag 
_pdbx_unobs_or_zero_occ_atoms.occupancy_flag 
_pdbx_unobs_or_zero_occ_atoms.auth_asym_id 
_pdbx_unobs_or_zero_occ_atoms.auth_comp_id 
_pdbx_unobs_or_zero_occ_atoms.auth_seq_id 
_pdbx_unobs_or_zero_occ_atoms.PDB_ins_code 
_pdbx_unobs_or_zero_occ_atoms.auth_atom_id 
_pdbx_unobs_or_zero_occ_atoms.label_alt_id 
_pdbx_unobs_or_zero_occ_atoms.label_asym_id 
_pdbx_unobs_or_zero_occ_atoms.label_comp_id 
_pdbx_unobs_or_zero_occ_atoms.label_seq_id 
_pdbx_unobs_or_zero_occ_atoms.label_atom_id 
1  1 N 0 A THF 501 ? N10 ? E THF ? N10 
2  1 N 0 A THF 501 ? C11 ? E THF ? C11 
3  1 N 0 A THF 501 ? C12 ? E THF ? C12 
4  1 N 0 A THF 501 ? C13 ? E THF ? C13 
5  1 N 0 A THF 501 ? C14 ? E THF ? C14 
6  1 N 0 A THF 501 ? C15 ? E THF ? C15 
7  1 N 0 A THF 501 ? C16 ? E THF ? C16 
8  1 N 0 A THF 501 ? C   ? E THF ? C   
9  1 N 0 A THF 501 ? O   ? E THF ? O   
10 1 N 0 A THF 501 ? N   ? E THF ? N   
11 1 N 0 A THF 501 ? CA  ? E THF ? CA  
12 1 N 0 A THF 501 ? CB  ? E THF ? CB  
13 1 N 0 A THF 501 ? CG  ? E THF ? CG  
14 1 N 0 A THF 501 ? CD  ? E THF ? CD  
15 1 N 0 A THF 501 ? OE1 ? E THF ? OE1 
16 1 N 0 A THF 501 ? OE2 ? E THF ? OE2 
17 1 N 0 A THF 501 ? CT  ? E THF ? CT  
18 1 N 0 A THF 501 ? O1  ? E THF ? O1  
19 1 N 0 A THF 501 ? O2  ? E THF ? O2  
# 
loop_
_software.name 
_software.classification 
_software.version 
_software.citation_id 
_software.pdbx_ordinal 
CNS       refinement       1.1 ? 1 
HKL-2000  'data reduction' .   ? 2 
SCALEPACK 'data scaling'   .   ? 3 
AMoRE     phasing          .   ? 4 
# 
_cell.entry_id           1U3G 
_cell.length_a           50.925 
_cell.length_b           84.106 
_cell.length_c           41.615 
_cell.angle_alpha        90.00 
_cell.angle_beta         90.00 
_cell.angle_gamma        90.00 
_cell.Z_PDB              4 
_cell.pdbx_unique_axis   ? 
# 
_symmetry.entry_id                         1U3G 
_symmetry.space_group_name_H-M             'P 21 21 2' 
_symmetry.pdbx_full_space_group_name_H-M   ? 
_symmetry.cell_setting                     orthorhombic 
_symmetry.Int_Tables_number                18 
_symmetry.space_group_name_Hall            ? 
# 
_exptl.entry_id          1U3G 
_exptl.method            'X-RAY DIFFRACTION' 
_exptl.crystals_number   1 
# 
_exptl_crystal.id                    1 
_exptl_crystal.density_percent_sol   41.2 
_exptl_crystal.density_Matthews      2.11 
_exptl_crystal.density_meas          ? 
_exptl_crystal.description           ? 
_exptl_crystal.F_000                 ? 
_exptl_crystal.preparation           ? 
# 
_exptl_crystal_grow.crystal_id      1 
_exptl_crystal_grow.method          'VAPOR DIFFUSION, HANGING DROP' 
_exptl_crystal_grow.temp            293 
_exptl_crystal_grow.temp_details    ? 
_exptl_crystal_grow.pH              7 
_exptl_crystal_grow.pdbx_details    
;30 mg/ml protein, 20% polyethylene glycol 4000, 5 mM adenosine triphosphate (ATP), 10 mM 5-formyltetrahydrofolate , pH 7, VAPOR DIFFUSION, HANGING DROP, temperature 293K
;
_exptl_crystal_grow.pdbx_pH_range   . 
# 
_diffrn.id                     1 
_diffrn.ambient_temp           100 
_diffrn.ambient_temp_details   ? 
_diffrn.crystal_id             1 
# 
_diffrn_detector.diffrn_id              1 
_diffrn_detector.detector               CCD 
_diffrn_detector.type                   'ADSC QUANTUM 210' 
_diffrn_detector.pdbx_collection_date   2004-04-09 
_diffrn_detector.details                ? 
# 
_diffrn_radiation.diffrn_id                        1 
_diffrn_radiation.wavelength_id                    1 
_diffrn_radiation.pdbx_monochromatic_or_laue_m_l   M 
_diffrn_radiation.monochromator                    synchrotron 
_diffrn_radiation.pdbx_diffrn_protocol             'SINGLE WAVELENGTH' 
_diffrn_radiation.pdbx_scattering_type             x-ray 
# 
_diffrn_radiation_wavelength.id           1 
_diffrn_radiation_wavelength.wavelength   1.0 
_diffrn_radiation_wavelength.wt           1.0 
# 
_diffrn_source.diffrn_id                   1 
_diffrn_source.source                      SYNCHROTRON 
_diffrn_source.type                        'ALS BEAMLINE 5.0.1' 
_diffrn_source.pdbx_synchrotron_site       ALS 
_diffrn_source.pdbx_synchrotron_beamline   5.0.1 
_diffrn_source.pdbx_wavelength             ? 
_diffrn_source.pdbx_wavelength_list        1.0 
# 
_reflns.entry_id                     1U3G 
_reflns.observed_criterion_sigma_I   -3 
_reflns.observed_criterion_sigma_F   ? 
_reflns.d_resolution_low             500 
_reflns.d_resolution_high            2.50 
_reflns.number_obs                   6569 
_reflns.number_all                   ? 
_reflns.percent_possible_obs         100 
_reflns.pdbx_Rmerge_I_obs            ? 
_reflns.pdbx_Rsym_value              ? 
_reflns.pdbx_netI_over_sigmaI        ? 
_reflns.B_iso_Wilson_estimate        9.6 
_reflns.pdbx_redundancy              ? 
_reflns.R_free_details               ? 
_reflns.limit_h_max                  ? 
_reflns.limit_h_min                  ? 
_reflns.limit_k_max                  ? 
_reflns.limit_k_min                  ? 
_reflns.limit_l_max                  ? 
_reflns.limit_l_min                  ? 
_reflns.observed_criterion_F_max     ? 
_reflns.observed_criterion_F_min     ? 
_reflns.pdbx_chi_squared             ? 
_reflns.pdbx_scaling_rejects         ? 
_reflns.pdbx_diffrn_id               1 
_reflns.pdbx_ordinal                 1 
# 
_reflns_shell.d_res_high             2.50 
_reflns_shell.d_res_low              2.59 
_reflns_shell.percent_possible_all   100 
_reflns_shell.Rmerge_I_obs           ? 
_reflns_shell.pdbx_Rsym_value        ? 
_reflns_shell.meanI_over_sigI_obs    ? 
_reflns_shell.pdbx_redundancy        ? 
_reflns_shell.percent_possible_obs   ? 
_reflns_shell.number_unique_all      ? 
_reflns_shell.number_measured_all    ? 
_reflns_shell.number_measured_obs    ? 
_reflns_shell.number_unique_obs      ? 
_reflns_shell.pdbx_chi_squared       ? 
_reflns_shell.pdbx_diffrn_id         ? 
_reflns_shell.pdbx_ordinal           1 
# 
_refine.entry_id                                 1U3G 
_refine.ls_number_reflns_obs                     5868 
_refine.ls_number_reflns_all                     6569 
_refine.pdbx_ls_sigma_I                          ? 
_refine.pdbx_ls_sigma_F                          2.0 
_refine.pdbx_data_cutoff_high_absF               117297.25 
_refine.pdbx_data_cutoff_low_absF                0.000000 
_refine.pdbx_data_cutoff_high_rms_absF           ? 
_refine.ls_d_res_low                             43.56 
_refine.ls_d_res_high                            2.50 
_refine.ls_percent_reflns_obs                    88.8 
_refine.ls_R_factor_obs                          0.2081 
_refine.ls_R_factor_all                          0.2081 
_refine.ls_R_factor_R_work                       0.208 
_refine.ls_R_factor_R_free                       0.269 
_refine.ls_R_factor_R_free_error                 0.011 
_refine.ls_R_factor_R_free_error_details         ? 
_refine.ls_percent_reflns_R_free                 10.7 
_refine.ls_number_reflns_R_free                  629 
_refine.ls_number_parameters                     ? 
_refine.ls_number_restraints                     ? 
_refine.occupancy_min                            ? 
_refine.occupancy_max                            ? 
_refine.correlation_coeff_Fo_to_Fc               ? 
_refine.correlation_coeff_Fo_to_Fc_free          ? 
_refine.B_iso_mean                               23.0 
_refine.aniso_B[1][1]                            1.53 
_refine.aniso_B[2][2]                            2.25 
_refine.aniso_B[3][3]                            -3.78 
_refine.aniso_B[1][2]                            0.00 
_refine.aniso_B[1][3]                            0.00 
_refine.aniso_B[2][3]                            0.00 
_refine.solvent_model_details                    'FLAT MODEL' 
_refine.solvent_model_param_ksol                 0.301211 
_refine.solvent_model_param_bsol                 25.908 
_refine.pdbx_solvent_vdw_probe_radii             ? 
_refine.pdbx_solvent_ion_probe_radii             ? 
_refine.pdbx_solvent_shrinkage_radii             ? 
_refine.pdbx_ls_cross_valid_method               THROUGHOUT 
_refine.details                                  ? 
_refine.pdbx_starting_model                      ? 
_refine.pdbx_method_to_determine_struct          'MOLECULAR REPLACEMENT' 
_refine.pdbx_isotropic_thermal_model             RESTRAINED 
_refine.pdbx_stereochemistry_target_values       'Engh & Huber' 
_refine.pdbx_stereochem_target_val_spec_case     ? 
_refine.pdbx_R_Free_selection_details            RANDOM 
_refine.pdbx_overall_ESU_R                       ? 
_refine.pdbx_overall_ESU_R_Free                  ? 
_refine.overall_SU_ML                            ? 
_refine.overall_SU_B                             ? 
_refine.ls_redundancy_reflns_obs                 ? 
_refine.B_iso_min                                ? 
_refine.B_iso_max                                ? 
_refine.overall_SU_R_Cruickshank_DPI             ? 
_refine.overall_SU_R_free                        ? 
_refine.ls_wR_factor_R_free                      ? 
_refine.ls_wR_factor_R_work                      ? 
_refine.overall_FOM_free_R_set                   ? 
_refine.overall_FOM_work_R_set                   ? 
_refine.pdbx_refine_id                           'X-RAY DIFFRACTION' 
_refine.pdbx_diffrn_id                           1 
_refine.pdbx_TLS_residual_ADP_flag               ? 
_refine.pdbx_overall_phase_error                 ? 
_refine.pdbx_overall_SU_R_free_Cruickshank_DPI   ? 
_refine.pdbx_overall_SU_R_Blow_DPI               ? 
_refine.pdbx_overall_SU_R_free_Blow_DPI          ? 
# 
_refine_analyze.entry_id                        1U3G 
_refine_analyze.Luzzati_coordinate_error_obs    0.27 
_refine_analyze.Luzzati_sigma_a_obs             0.27 
_refine_analyze.Luzzati_d_res_low_obs           5.00 
_refine_analyze.Luzzati_coordinate_error_free   0.39 
_refine_analyze.Luzzati_sigma_a_free            0.40 
_refine_analyze.Luzzati_d_res_low_free          ? 
_refine_analyze.number_disordered_residues      ? 
_refine_analyze.occupancy_sum_hydrogen          ? 
_refine_analyze.occupancy_sum_non_hydrogen      ? 
_refine_analyze.pdbx_Luzzati_d_res_high_obs     ? 
_refine_analyze.pdbx_refine_id                  'X-RAY DIFFRACTION' 
# 
_refine_hist.pdbx_refine_id                   'X-RAY DIFFRACTION' 
_refine_hist.cycle_id                         LAST 
_refine_hist.pdbx_number_atoms_protein        1361 
_refine_hist.pdbx_number_atoms_nucleic_acid   0 
_refine_hist.pdbx_number_atoms_ligand         67 
_refine_hist.number_atoms_solvent             81 
_refine_hist.number_atoms_total               1509 
_refine_hist.d_res_high                       2.50 
_refine_hist.d_res_low                        43.56 
# 
loop_
_refine_ls_restr.type 
_refine_ls_restr.dev_ideal 
_refine_ls_restr.dev_ideal_target 
_refine_ls_restr.weight 
_refine_ls_restr.number 
_refine_ls_restr.pdbx_refine_id 
_refine_ls_restr.pdbx_restraint_function 
c_bond_d           0.008 ?    ? ? 'X-RAY DIFFRACTION' ? 
c_angle_deg        1.4   ?    ? ? 'X-RAY DIFFRACTION' ? 
c_dihedral_angle_d 22.9  ?    ? ? 'X-RAY DIFFRACTION' ? 
c_improper_angle_d 0.94  ?    ? ? 'X-RAY DIFFRACTION' ? 
c_mcbond_it        1.36  1.50 ? ? 'X-RAY DIFFRACTION' ? 
c_mcangle_it       2.26  2.00 ? ? 'X-RAY DIFFRACTION' ? 
c_scbond_it        4.34  2.00 ? ? 'X-RAY DIFFRACTION' ? 
c_scangle_it       5.51  2.50 ? ? 'X-RAY DIFFRACTION' ? 
# 
_refine_ls_shell.pdbx_total_number_of_bins_used   6 
_refine_ls_shell.d_res_high                       2.50 
_refine_ls_shell.d_res_low                        2.66 
_refine_ls_shell.number_reflns_R_work             712 
_refine_ls_shell.R_factor_R_work                  0.244 
_refine_ls_shell.percent_reflns_obs               74.6 
_refine_ls_shell.R_factor_R_free                  0.346 
_refine_ls_shell.R_factor_R_free_error            0.036 
_refine_ls_shell.percent_reflns_R_free            11.6 
_refine_ls_shell.number_reflns_R_free             93 
_refine_ls_shell.number_reflns_obs                ? 
_refine_ls_shell.redundancy_reflns_obs            ? 
_refine_ls_shell.number_reflns_all                ? 
_refine_ls_shell.pdbx_refine_id                   'X-RAY DIFFRACTION' 
_refine_ls_shell.R_factor_all                     ? 
# 
loop_
_pdbx_xplor_file.serial_no 
_pdbx_xplor_file.param_file 
_pdbx_xplor_file.topol_file 
_pdbx_xplor_file.pdbx_refine_id 
1 PROTEIN_REP.PARAM PROTEIN.TOP 'X-RAY DIFFRACTION' 
2 WATER_REP.PARAM   WATER.TOP   'X-RAY DIFFRACTION' 
3 ION.PARAM         ION.TOP     'X-RAY DIFFRACTION' 
4 ADP.PAR           ADP.TO      'X-RAY DIFFRACTION' 
5 THF.PAR           THF.TOP     'X-RAY DIFFRACTION' 
# 
_struct.entry_id                  1U3G 
_struct.title                     
'Structural and Functional Characterization of a 5,10-Methenyltetrahydrofolate Synthetase from Mycoplasma pneumoniae (GI: 13508087)' 
_struct.pdbx_model_details        ? 
_struct.pdbx_CASP_flag            ? 
_struct.pdbx_model_type_details   ? 
# 
_struct_keywords.entry_id        1U3G 
_struct_keywords.pdbx_keywords   LIGASE 
_struct_keywords.text            
;Mycoplasma pneumoniae; 5, 10-methenyltetrahydrofolate synthetase; 5-formyltetrahydrofolate cyclo-ligase; MTHFS; ATP binding; ligase; Structural Genomics; BSGC structure funded by NIH; Protein Structure Initiative; PSI; Berkeley Structural Genomics Center, LIGASE
;
# 
loop_
_struct_asym.id 
_struct_asym.pdbx_blank_PDB_chainid_flag 
_struct_asym.pdbx_modified 
_struct_asym.entity_id 
_struct_asym.details 
A N N 1 ? 
B N N 2 ? 
C N N 3 ? 
D N N 4 ? 
E N N 5 ? 
F N N 6 ? 
# 
_struct_ref.id                         1 
_struct_ref.db_name                    UNP 
_struct_ref.db_code                    Y348_MYCPN 
_struct_ref.pdbx_db_accession          P75430 
_struct_ref.entity_id                  1 
_struct_ref.pdbx_seq_one_letter_code   
;MDKNALRKQILQKRMALSTIEKSHLDQKINQKLVAFLTPKPCIKTIALYEPIKNEVTFVDFFFEFLKINQIRAVYPKVIS
DTEIIFIDQETNTFEPNQIDCFLIPLVGFNKDNYRLGFGKGYYDRYLMQLTRQQPKIGIAYSFQKGDFLADPWDVQLDLI
INDE
;
_struct_ref.pdbx_align_begin           1 
_struct_ref.pdbx_db_isoform            ? 
# 
_struct_ref_seq.align_id                      1 
_struct_ref_seq.ref_id                        1 
_struct_ref_seq.pdbx_PDB_id_code              1U3G 
_struct_ref_seq.pdbx_strand_id                A 
_struct_ref_seq.seq_align_beg                 26 
_struct_ref_seq.pdbx_seq_align_beg_ins_code   ? 
_struct_ref_seq.seq_align_end                 189 
_struct_ref_seq.pdbx_seq_align_end_ins_code   ? 
_struct_ref_seq.pdbx_db_accession             P75430 
_struct_ref_seq.db_align_beg                  1 
_struct_ref_seq.pdbx_db_align_beg_ins_code    ? 
_struct_ref_seq.db_align_end                  164 
_struct_ref_seq.pdbx_db_align_end_ins_code    ? 
_struct_ref_seq.pdbx_auth_seq_align_beg       1 
_struct_ref_seq.pdbx_auth_seq_align_end       164 
# 
loop_
_struct_ref_seq_dif.align_id 
_struct_ref_seq_dif.pdbx_pdb_id_code 
_struct_ref_seq_dif.mon_id 
_struct_ref_seq_dif.pdbx_pdb_strand_id 
_struct_ref_seq_dif.seq_num 
_struct_ref_seq_dif.pdbx_pdb_ins_code 
_struct_ref_seq_dif.pdbx_seq_db_name 
_struct_ref_seq_dif.pdbx_seq_db_accession_code 
_struct_ref_seq_dif.db_mon_id 
_struct_ref_seq_dif.pdbx_seq_db_seq_num 
_struct_ref_seq_dif.details 
_struct_ref_seq_dif.pdbx_auth_seq_num 
_struct_ref_seq_dif.pdbx_ordinal 
1 1U3G MET A 1  ? UNP P75430 ? ? 'cloning artifact' -24 1  
1 1U3G GLY A 2  ? UNP P75430 ? ? 'cloning artifact' -23 2  
1 1U3G SER A 3  ? UNP P75430 ? ? 'cloning artifact' -22 3  
1 1U3G SER A 4  ? UNP P75430 ? ? 'cloning artifact' -21 4  
1 1U3G HIS A 5  ? UNP P75430 ? ? 'cloning artifact' -20 5  
1 1U3G HIS A 6  ? UNP P75430 ? ? 'cloning artifact' -19 6  
1 1U3G HIS A 7  ? UNP P75430 ? ? 'cloning artifact' -18 7  
1 1U3G HIS A 8  ? UNP P75430 ? ? 'cloning artifact' -17 8  
1 1U3G HIS A 9  ? UNP P75430 ? ? 'cloning artifact' -16 9  
1 1U3G HIS A 10 ? UNP P75430 ? ? 'cloning artifact' -15 10 
1 1U3G ASP A 11 ? UNP P75430 ? ? 'cloning artifact' -14 11 
1 1U3G TYR A 12 ? UNP P75430 ? ? 'cloning artifact' -13 12 
1 1U3G ASP A 13 ? UNP P75430 ? ? 'cloning artifact' -12 13 
1 1U3G ILE A 14 ? UNP P75430 ? ? 'cloning artifact' -11 14 
1 1U3G PRO A 15 ? UNP P75430 ? ? 'cloning artifact' -10 15 
1 1U3G THR A 16 ? UNP P75430 ? ? 'cloning artifact' -9  16 
1 1U3G THR A 17 ? UNP P75430 ? ? 'cloning artifact' -8  17 
1 1U3G GLU A 18 ? UNP P75430 ? ? 'cloning artifact' -7  18 
1 1U3G ASN A 19 ? UNP P75430 ? ? 'cloning artifact' -6  19 
1 1U3G LEU A 20 ? UNP P75430 ? ? 'cloning artifact' -5  20 
1 1U3G TYR A 21 ? UNP P75430 ? ? 'cloning artifact' -4  21 
1 1U3G PHE A 22 ? UNP P75430 ? ? 'cloning artifact' -3  22 
1 1U3G GLN A 23 ? UNP P75430 ? ? 'cloning artifact' -2  23 
1 1U3G GLY A 24 ? UNP P75430 ? ? 'cloning artifact' -1  24 
1 1U3G HIS A 25 ? UNP P75430 ? ? 'cloning artifact' 0   25 
# 
_pdbx_struct_assembly.id                   1 
_pdbx_struct_assembly.details              author_defined_assembly 
_pdbx_struct_assembly.method_details       ? 
_pdbx_struct_assembly.oligomeric_details   monomeric 
_pdbx_struct_assembly.oligomeric_count     1 
# 
_pdbx_struct_assembly_gen.assembly_id       1 
_pdbx_struct_assembly_gen.oper_expression   1 
_pdbx_struct_assembly_gen.asym_id_list      A,B,C,D,E,F 
# 
_pdbx_struct_oper_list.id                   1 
_pdbx_struct_oper_list.type                 'identity operation' 
_pdbx_struct_oper_list.name                 1_555 
_pdbx_struct_oper_list.symmetry_operation   x,y,z 
_pdbx_struct_oper_list.matrix[1][1]         1.0000000000 
_pdbx_struct_oper_list.matrix[1][2]         0.0000000000 
_pdbx_struct_oper_list.matrix[1][3]         0.0000000000 
_pdbx_struct_oper_list.vector[1]            0.0000000000 
_pdbx_struct_oper_list.matrix[2][1]         0.0000000000 
_pdbx_struct_oper_list.matrix[2][2]         1.0000000000 
_pdbx_struct_oper_list.matrix[2][3]         0.0000000000 
_pdbx_struct_oper_list.vector[2]            0.0000000000 
_pdbx_struct_oper_list.matrix[3][1]         0.0000000000 
_pdbx_struct_oper_list.matrix[3][2]         0.0000000000 
_pdbx_struct_oper_list.matrix[3][3]         1.0000000000 
_pdbx_struct_oper_list.vector[3]            0.0000000000 
# 
loop_
_struct_conf.conf_type_id 
_struct_conf.id 
_struct_conf.pdbx_PDB_helix_id 
_struct_conf.beg_label_comp_id 
_struct_conf.beg_label_asym_id 
_struct_conf.beg_label_seq_id 
_struct_conf.pdbx_beg_PDB_ins_code 
_struct_conf.end_label_comp_id 
_struct_conf.end_label_asym_id 
_struct_conf.end_label_seq_id 
_struct_conf.pdbx_end_PDB_ins_code 
_struct_conf.beg_auth_comp_id 
_struct_conf.beg_auth_asym_id 
_struct_conf.beg_auth_seq_id 
_struct_conf.end_auth_comp_id 
_struct_conf.end_auth_asym_id 
_struct_conf.end_auth_seq_id 
_struct_conf.pdbx_PDB_helix_class 
_struct_conf.details 
_struct_conf.pdbx_PDB_helix_length 
HELX_P HELX_P1 1 ASP A 27  ? ALA A 41  ? ASP A 2   ALA A 16  1 ? 15 
HELX_P HELX_P2 2 SER A 43  ? THR A 63  ? SER A 18  THR A 38  1 ? 21 
HELX_P HELX_P3 3 VAL A 84  ? ILE A 93  ? VAL A 59  ILE A 68  1 ? 10 
HELX_P HELX_P4 4 GLU A 120 ? ILE A 124 ? GLU A 95  ILE A 99  5 ? 5  
HELX_P HELX_P5 5 GLY A 146 ? LEU A 152 ? GLY A 121 LEU A 127 1 ? 7  
HELX_P HELX_P6 6 TYR A 166 ? LYS A 170 ? TYR A 141 LYS A 145 5 ? 5  
# 
_struct_conf_type.id          HELX_P 
_struct_conf_type.criteria    ? 
_struct_conf_type.reference   ? 
# 
loop_
_struct_conn.id 
_struct_conn.conn_type_id 
_struct_conn.pdbx_leaving_atom_flag 
_struct_conn.pdbx_PDB_id 
_struct_conn.ptnr1_label_asym_id 
_struct_conn.ptnr1_label_comp_id 
_struct_conn.ptnr1_label_seq_id 
_struct_conn.ptnr1_label_atom_id 
_struct_conn.pdbx_ptnr1_label_alt_id 
_struct_conn.pdbx_ptnr1_PDB_ins_code 
_struct_conn.pdbx_ptnr1_standard_comp_id 
_struct_conn.ptnr1_symmetry 
_struct_conn.ptnr2_label_asym_id 
_struct_conn.ptnr2_label_comp_id 
_struct_conn.ptnr2_label_seq_id 
_struct_conn.ptnr2_label_atom_id 
_struct_conn.pdbx_ptnr2_label_alt_id 
_struct_conn.pdbx_ptnr2_PDB_ins_code 
_struct_conn.ptnr1_auth_asym_id 
_struct_conn.ptnr1_auth_comp_id 
_struct_conn.ptnr1_auth_seq_id 
_struct_conn.ptnr2_auth_asym_id 
_struct_conn.ptnr2_auth_comp_id 
_struct_conn.ptnr2_auth_seq_id 
_struct_conn.ptnr2_symmetry 
_struct_conn.pdbx_ptnr3_label_atom_id 
_struct_conn.pdbx_ptnr3_label_seq_id 
_struct_conn.pdbx_ptnr3_label_comp_id 
_struct_conn.pdbx_ptnr3_label_asym_id 
_struct_conn.pdbx_ptnr3_label_alt_id 
_struct_conn.pdbx_ptnr3_PDB_ins_code 
_struct_conn.details 
_struct_conn.pdbx_dist_value 
_struct_conn.pdbx_value_order 
_struct_conn.pdbx_role 
metalc1 metalc ? ? A ASP 149 OD2 ? ? ? 1_555 C MG  . MG ? ? A ASP 124 A MG  401 1_555 ? ? ? ? ? ? ? 2.492 ? ? 
metalc2 metalc ? ? A ASP 179 OD1 ? ? ? 1_555 C MG  . MG ? ? A ASP 154 A MG  401 1_555 ? ? ? ? ? ? ? 2.413 ? ? 
metalc3 metalc ? ? D ADP .   O3B ? ? ? 1_555 C MG  . MG ? ? A ADP 301 A MG  401 1_555 ? ? ? ? ? ? ? 2.539 ? ? 
metalc4 metalc ? ? D ADP .   O1A ? ? ? 1_555 C MG  . MG ? ? A ADP 301 A MG  401 1_555 ? ? ? ? ? ? ? 2.626 ? ? 
metalc5 metalc ? ? C MG  .   MG  ? ? ? 1_555 F HOH . O  ? ? A MG  401 A HOH 662 1_555 ? ? ? ? ? ? ? 2.290 ? ? 
# 
_struct_conn_type.id          metalc 
_struct_conn_type.criteria    ? 
_struct_conn_type.reference   ? 
# 
loop_
_pdbx_struct_conn_angle.id 
_pdbx_struct_conn_angle.ptnr1_label_atom_id 
_pdbx_struct_conn_angle.ptnr1_label_alt_id 
_pdbx_struct_conn_angle.ptnr1_label_asym_id 
_pdbx_struct_conn_angle.ptnr1_label_comp_id 
_pdbx_struct_conn_angle.ptnr1_label_seq_id 
_pdbx_struct_conn_angle.ptnr1_auth_atom_id 
_pdbx_struct_conn_angle.ptnr1_auth_asym_id 
_pdbx_struct_conn_angle.ptnr1_auth_comp_id 
_pdbx_struct_conn_angle.ptnr1_auth_seq_id 
_pdbx_struct_conn_angle.ptnr1_PDB_ins_code 
_pdbx_struct_conn_angle.ptnr1_symmetry 
_pdbx_struct_conn_angle.ptnr2_label_atom_id 
_pdbx_struct_conn_angle.ptnr2_label_alt_id 
_pdbx_struct_conn_angle.ptnr2_label_asym_id 
_pdbx_struct_conn_angle.ptnr2_label_comp_id 
_pdbx_struct_conn_angle.ptnr2_label_seq_id 
_pdbx_struct_conn_angle.ptnr2_auth_atom_id 
_pdbx_struct_conn_angle.ptnr2_auth_asym_id 
_pdbx_struct_conn_angle.ptnr2_auth_comp_id 
_pdbx_struct_conn_angle.ptnr2_auth_seq_id 
_pdbx_struct_conn_angle.ptnr2_PDB_ins_code 
_pdbx_struct_conn_angle.ptnr2_symmetry 
_pdbx_struct_conn_angle.ptnr3_label_atom_id 
_pdbx_struct_conn_angle.ptnr3_label_alt_id 
_pdbx_struct_conn_angle.ptnr3_label_asym_id 
_pdbx_struct_conn_angle.ptnr3_label_comp_id 
_pdbx_struct_conn_angle.ptnr3_label_seq_id 
_pdbx_struct_conn_angle.ptnr3_auth_atom_id 
_pdbx_struct_conn_angle.ptnr3_auth_asym_id 
_pdbx_struct_conn_angle.ptnr3_auth_comp_id 
_pdbx_struct_conn_angle.ptnr3_auth_seq_id 
_pdbx_struct_conn_angle.ptnr3_PDB_ins_code 
_pdbx_struct_conn_angle.ptnr3_symmetry 
_pdbx_struct_conn_angle.value 
_pdbx_struct_conn_angle.value_esd 
1  OD2 ? A ASP 149 ? A ASP 124 ? 1_555 MG ? C MG . ? A MG 401 ? 1_555 OD1 ? A ASP 179 ? A ASP 154 ? 1_555 107.0 ? 
2  OD2 ? A ASP 149 ? A ASP 124 ? 1_555 MG ? C MG . ? A MG 401 ? 1_555 O3B ? D ADP .   ? A ADP 301 ? 1_555 65.9  ? 
3  OD1 ? A ASP 179 ? A ASP 154 ? 1_555 MG ? C MG . ? A MG 401 ? 1_555 O3B ? D ADP .   ? A ADP 301 ? 1_555 166.8 ? 
4  OD2 ? A ASP 149 ? A ASP 124 ? 1_555 MG ? C MG . ? A MG 401 ? 1_555 O1A ? D ADP .   ? A ADP 301 ? 1_555 85.0  ? 
5  OD1 ? A ASP 179 ? A ASP 154 ? 1_555 MG ? C MG . ? A MG 401 ? 1_555 O1A ? D ADP .   ? A ADP 301 ? 1_555 90.3  ? 
6  O3B ? D ADP .   ? A ADP 301 ? 1_555 MG ? C MG . ? A MG 401 ? 1_555 O1A ? D ADP .   ? A ADP 301 ? 1_555 78.2  ? 
7  OD2 ? A ASP 149 ? A ASP 124 ? 1_555 MG ? C MG . ? A MG 401 ? 1_555 O   ? F HOH .   ? A HOH 662 ? 1_555 151.1 ? 
8  OD1 ? A ASP 179 ? A ASP 154 ? 1_555 MG ? C MG . ? A MG 401 ? 1_555 O   ? F HOH .   ? A HOH 662 ? 1_555 101.9 ? 
9  O3B ? D ADP .   ? A ADP 301 ? 1_555 MG ? C MG . ? A MG 401 ? 1_555 O   ? F HOH .   ? A HOH 662 ? 1_555 85.7  ? 
10 O1A ? D ADP .   ? A ADP 301 ? 1_555 MG ? C MG . ? A MG 401 ? 1_555 O   ? F HOH .   ? A HOH 662 ? 1_555 94.9  ? 
# 
loop_
_struct_sheet.id 
_struct_sheet.type 
_struct_sheet.number_strands 
_struct_sheet.details 
A ? 7 ? 
B ? 2 ? 
# 
loop_
_struct_sheet_order.sheet_id 
_struct_sheet_order.range_id_1 
_struct_sheet_order.range_id_2 
_struct_sheet_order.offset 
_struct_sheet_order.sense 
A 1 2 ? anti-parallel 
A 2 3 ? anti-parallel 
A 3 4 ? parallel      
A 4 5 ? parallel      
A 5 6 ? parallel      
A 6 7 ? parallel      
B 1 2 ? anti-parallel 
# 
loop_
_struct_sheet_range.sheet_id 
_struct_sheet_range.id 
_struct_sheet_range.beg_label_comp_id 
_struct_sheet_range.beg_label_asym_id 
_struct_sheet_range.beg_label_seq_id 
_struct_sheet_range.pdbx_beg_PDB_ins_code 
_struct_sheet_range.end_label_comp_id 
_struct_sheet_range.end_label_asym_id 
_struct_sheet_range.end_label_seq_id 
_struct_sheet_range.pdbx_end_PDB_ins_code 
_struct_sheet_range.beg_auth_comp_id 
_struct_sheet_range.beg_auth_asym_id 
_struct_sheet_range.beg_auth_seq_id 
_struct_sheet_range.end_auth_comp_id 
_struct_sheet_range.end_auth_asym_id 
_struct_sheet_range.end_auth_seq_id 
A 1 THR A 118 ? PHE A 119 ? THR A 93  PHE A 94  
A 2 ILE A 109 ? ILE A 112 ? ILE A 84  ILE A 87  
A 3 ARG A 97  ? VAL A 103 ? ARG A 72  VAL A 78  
A 4 THR A 70  ? ALA A 72  ? THR A 45  ALA A 47  
A 5 CYS A 126 ? PRO A 130 ? CYS A 101 PRO A 105 
A 6 LYS A 161 ? ILE A 164 ? LYS A 136 ILE A 139 
A 7 LEU A 184 ? ILE A 186 ? LEU A 159 ILE A 161 
B 1 GLY A 133 ? PHE A 134 ? GLY A 108 PHE A 109 
B 2 ARG A 140 ? LEU A 141 ? ARG A 115 LEU A 116 
# 
loop_
_pdbx_struct_sheet_hbond.sheet_id 
_pdbx_struct_sheet_hbond.range_id_1 
_pdbx_struct_sheet_hbond.range_id_2 
_pdbx_struct_sheet_hbond.range_1_label_atom_id 
_pdbx_struct_sheet_hbond.range_1_label_comp_id 
_pdbx_struct_sheet_hbond.range_1_label_asym_id 
_pdbx_struct_sheet_hbond.range_1_label_seq_id 
_pdbx_struct_sheet_hbond.range_1_PDB_ins_code 
_pdbx_struct_sheet_hbond.range_1_auth_atom_id 
_pdbx_struct_sheet_hbond.range_1_auth_comp_id 
_pdbx_struct_sheet_hbond.range_1_auth_asym_id 
_pdbx_struct_sheet_hbond.range_1_auth_seq_id 
_pdbx_struct_sheet_hbond.range_2_label_atom_id 
_pdbx_struct_sheet_hbond.range_2_label_comp_id 
_pdbx_struct_sheet_hbond.range_2_label_asym_id 
_pdbx_struct_sheet_hbond.range_2_label_seq_id 
_pdbx_struct_sheet_hbond.range_2_PDB_ins_code 
_pdbx_struct_sheet_hbond.range_2_auth_atom_id 
_pdbx_struct_sheet_hbond.range_2_auth_comp_id 
_pdbx_struct_sheet_hbond.range_2_auth_asym_id 
_pdbx_struct_sheet_hbond.range_2_auth_seq_id 
A 1 2 O PHE A 119 ? O PHE A 94  N PHE A 111 ? N PHE A 86  
A 2 3 O ILE A 110 ? O ILE A 85  N LYS A 102 ? N LYS A 77  
A 3 4 O ARG A 97  ? O ARG A 72  N ILE A 71  ? N ILE A 46  
A 4 5 N ALA A 72  ? N ALA A 47  O LEU A 128 ? O LEU A 103 
A 5 6 N ILE A 129 ? N ILE A 104 O ILE A 164 ? O ILE A 139 
A 6 7 N GLY A 163 ? N GLY A 138 O LEU A 184 ? O LEU A 159 
B 1 2 N GLY A 133 ? N GLY A 108 O LEU A 141 ? O LEU A 116 
# 
loop_
_struct_site.id 
_struct_site.pdbx_evidence_code 
_struct_site.pdbx_auth_asym_id 
_struct_site.pdbx_auth_comp_id 
_struct_site.pdbx_auth_seq_id 
_struct_site.pdbx_auth_ins_code 
_struct_site.pdbx_num_residues 
_struct_site.details 
AC1 Software A PO4 201 ? 11 'BINDING SITE FOR RESIDUE PO4 A 201' 
AC2 Software A MG  401 ? 5  'BINDING SITE FOR RESIDUE MG A 401'  
AC3 Software A ADP 301 ? 16 'BINDING SITE FOR RESIDUE ADP A 301' 
AC4 Software A THF 501 ? 12 'BINDING SITE FOR RESIDUE THF A 501' 
# 
loop_
_struct_site_gen.id 
_struct_site_gen.site_id 
_struct_site_gen.pdbx_num_res 
_struct_site_gen.label_comp_id 
_struct_site_gen.label_asym_id 
_struct_site_gen.label_seq_id 
_struct_site_gen.pdbx_auth_ins_code 
_struct_site_gen.auth_comp_id 
_struct_site_gen.auth_asym_id 
_struct_site_gen.auth_seq_id 
_struct_site_gen.label_atom_id 
_struct_site_gen.label_alt_id 
_struct_site_gen.symmetry 
_struct_site_gen.details 
1  AC1 11 ARG A 140 ? ARG A 115 . ? 1_555 ? 
2  AC1 11 GLY A 142 ? GLY A 117 . ? 1_555 ? 
3  AC1 11 PHE A 143 ? PHE A 118 . ? 1_555 ? 
4  AC1 11 GLY A 144 ? GLY A 119 . ? 1_555 ? 
5  AC1 11 LYS A 145 ? LYS A 120 . ? 1_555 ? 
6  AC1 11 GLY A 146 ? GLY A 121 . ? 1_555 ? 
7  AC1 11 TYR A 147 ? TYR A 122 . ? 1_555 ? 
8  AC1 11 TYR A 148 ? TYR A 123 . ? 1_555 ? 
9  AC1 11 ADP D .   ? ADP A 301 . ? 1_555 ? 
10 AC1 11 THF E .   ? THF A 501 . ? 1_555 ? 
11 AC1 11 HOH F .   ? HOH A 613 . ? 1_555 ? 
12 AC2 5  LYS A 28  ? LYS A 3   . ? 1_555 ? 
13 AC2 5  ASP A 149 ? ASP A 124 . ? 1_555 ? 
14 AC2 5  ASP A 179 ? ASP A 154 . ? 1_555 ? 
15 AC2 5  ADP D .   ? ADP A 301 . ? 1_555 ? 
16 AC2 5  HOH F .   ? HOH A 662 . ? 1_555 ? 
17 AC3 16 LYS A 28  ? LYS A 3   . ? 1_555 ? 
18 AC3 16 ARG A 32  ? ARG A 7   . ? 1_555 ? 
19 AC3 16 GLY A 142 ? GLY A 117 . ? 1_555 ? 
20 AC3 16 PHE A 143 ? PHE A 118 . ? 1_555 ? 
21 AC3 16 GLY A 144 ? GLY A 119 . ? 1_555 ? 
22 AC3 16 LYS A 145 ? LYS A 120 . ? 1_555 ? 
23 AC3 16 GLY A 146 ? GLY A 121 . ? 1_555 ? 
24 AC3 16 ASP A 149 ? ASP A 124 . ? 1_555 ? 
25 AC3 16 ARG A 150 ? ARG A 125 . ? 1_555 ? 
26 AC3 16 MET A 153 ? MET A 128 . ? 1_555 ? 
27 AC3 16 TRP A 178 ? TRP A 153 . ? 1_555 ? 
28 AC3 16 ASP A 179 ? ASP A 154 . ? 1_555 ? 
29 AC3 16 PO4 B .   ? PO4 A 201 . ? 1_555 ? 
30 AC3 16 MG  C .   ? MG  A 401 . ? 1_555 ? 
31 AC3 16 HOH F .   ? HOH A 613 . ? 1_555 ? 
32 AC3 16 HOH F .   ? HOH A 662 . ? 1_555 ? 
33 AC4 12 TYR A 74  ? TYR A 49  . ? 1_555 ? 
34 AC4 12 GLU A 75  ? GLU A 50  . ? 1_555 ? 
35 AC4 12 ILE A 77  ? ILE A 52  . ? 1_555 ? 
36 AC4 12 GLU A 80  ? GLU A 55  . ? 1_555 ? 
37 AC4 12 PRO A 101 ? PRO A 76  . ? 1_555 ? 
38 AC4 12 PRO A 130 ? PRO A 105 . ? 1_555 ? 
39 AC4 12 ARG A 140 ? ARG A 115 . ? 1_555 ? 
40 AC4 12 PHE A 143 ? PHE A 118 . ? 1_555 ? 
41 AC4 12 TYR A 148 ? TYR A 123 . ? 1_555 ? 
42 AC4 12 PO4 B .   ? PO4 A 201 . ? 1_555 ? 
43 AC4 12 HOH F .   ? HOH A 608 . ? 1_555 ? 
44 AC4 12 HOH F .   ? HOH A 670 . ? 1_555 ? 
# 
loop_
_pdbx_validate_torsion.id 
_pdbx_validate_torsion.PDB_model_num 
_pdbx_validate_torsion.auth_comp_id 
_pdbx_validate_torsion.auth_asym_id 
_pdbx_validate_torsion.auth_seq_id 
_pdbx_validate_torsion.PDB_ins_code 
_pdbx_validate_torsion.label_alt_id 
_pdbx_validate_torsion.phi 
_pdbx_validate_torsion.psi 
1  1 ASP A 2   ? ? 57.48   109.38  
2  1 PRO A 39  ? ? -68.18  7.37    
3  1 LYS A 40  ? ? -159.79 64.75   
4  1 PRO A 41  ? ? -69.58  62.44   
5  1 LEU A 48  ? ? -118.07 -156.70 
6  1 PRO A 51  ? ? -36.90  132.74  
7  1 ILE A 52  ? ? -123.70 -105.11 
8  1 LYS A 53  ? ? -56.52  61.73   
9  1 SER A 80  ? ? -123.59 -71.93  
10 1 ASP A 81  ? ? 179.97  10.07   
11 1 THR A 82  ? ? -102.48 -60.80  
12 1 ASP A 88  ? ? -108.68 -165.85 
13 1 LEU A 127 ? ? -54.13  4.64    
# 
_pdbx_SG_project.id                    1 
_pdbx_SG_project.project_name          'PSI, Protein Structure Initiative' 
_pdbx_SG_project.full_name_of_center   'Berkeley Structural Genomics Center' 
_pdbx_SG_project.initial_of_center     BSGC 
# 
loop_
_pdbx_unobs_or_zero_occ_residues.id 
_pdbx_unobs_or_zero_occ_residues.PDB_model_num 
_pdbx_unobs_or_zero_occ_residues.polymer_flag 
_pdbx_unobs_or_zero_occ_residues.occupancy_flag 
_pdbx_unobs_or_zero_occ_residues.auth_asym_id 
_pdbx_unobs_or_zero_occ_residues.auth_comp_id 
_pdbx_unobs_or_zero_occ_residues.auth_seq_id 
_pdbx_unobs_or_zero_occ_residues.PDB_ins_code 
_pdbx_unobs_or_zero_occ_residues.label_asym_id 
_pdbx_unobs_or_zero_occ_residues.label_comp_id 
_pdbx_unobs_or_zero_occ_residues.label_seq_id 
1  1 Y 1 A MET -24 ? A MET 1  
2  1 Y 1 A GLY -23 ? A GLY 2  
3  1 Y 1 A SER -22 ? A SER 3  
4  1 Y 1 A SER -21 ? A SER 4  
5  1 Y 1 A HIS -20 ? A HIS 5  
6  1 Y 1 A HIS -19 ? A HIS 6  
7  1 Y 1 A HIS -18 ? A HIS 7  
8  1 Y 1 A HIS -17 ? A HIS 8  
9  1 Y 1 A HIS -16 ? A HIS 9  
10 1 Y 1 A HIS -15 ? A HIS 10 
11 1 Y 1 A ASP -14 ? A ASP 11 
12 1 Y 1 A TYR -13 ? A TYR 12 
13 1 Y 1 A ASP -12 ? A ASP 13 
14 1 Y 1 A ILE -11 ? A ILE 14 
15 1 Y 1 A PRO -10 ? A PRO 15 
16 1 Y 1 A THR -9  ? A THR 16 
17 1 Y 1 A THR -8  ? A THR 17 
18 1 Y 1 A GLU -7  ? A GLU 18 
19 1 Y 1 A ASN -6  ? A ASN 19 
20 1 Y 1 A LEU -5  ? A LEU 20 
21 1 Y 1 A TYR -4  ? A TYR 21 
22 1 Y 1 A PHE -3  ? A PHE 22 
23 1 Y 1 A GLN -2  ? A GLN 23 
24 1 Y 1 A GLY -1  ? A GLY 24 
25 1 Y 1 A HIS 0   ? A HIS 25 
# 
loop_
_chem_comp_atom.comp_id 
_chem_comp_atom.atom_id 
_chem_comp_atom.type_symbol 
_chem_comp_atom.pdbx_aromatic_flag 
_chem_comp_atom.pdbx_stereo_config 
_chem_comp_atom.pdbx_ordinal 
ADP PB     P  N N 1   
ADP O1B    O  N N 2   
ADP O2B    O  N N 3   
ADP O3B    O  N N 4   
ADP PA     P  N S 5   
ADP O1A    O  N N 6   
ADP O2A    O  N N 7   
ADP O3A    O  N N 8   
ADP "O5'"  O  N N 9   
ADP "C5'"  C  N N 10  
ADP "C4'"  C  N R 11  
ADP "O4'"  O  N N 12  
ADP "C3'"  C  N S 13  
ADP "O3'"  O  N N 14  
ADP "C2'"  C  N R 15  
ADP "O2'"  O  N N 16  
ADP "C1'"  C  N R 17  
ADP N9     N  Y N 18  
ADP C8     C  Y N 19  
ADP N7     N  Y N 20  
ADP C5     C  Y N 21  
ADP C6     C  Y N 22  
ADP N6     N  N N 23  
ADP N1     N  Y N 24  
ADP C2     C  Y N 25  
ADP N3     N  Y N 26  
ADP C4     C  Y N 27  
ADP HOB2   H  N N 28  
ADP HOB3   H  N N 29  
ADP HOA2   H  N N 30  
ADP "H5'1" H  N N 31  
ADP "H5'2" H  N N 32  
ADP "H4'"  H  N N 33  
ADP "H3'"  H  N N 34  
ADP "HO3'" H  N N 35  
ADP "H2'"  H  N N 36  
ADP "HO2'" H  N N 37  
ADP "H1'"  H  N N 38  
ADP H8     H  N N 39  
ADP HN61   H  N N 40  
ADP HN62   H  N N 41  
ADP H2     H  N N 42  
ALA N      N  N N 43  
ALA CA     C  N S 44  
ALA C      C  N N 45  
ALA O      O  N N 46  
ALA CB     C  N N 47  
ALA OXT    O  N N 48  
ALA H      H  N N 49  
ALA H2     H  N N 50  
ALA HA     H  N N 51  
ALA HB1    H  N N 52  
ALA HB2    H  N N 53  
ALA HB3    H  N N 54  
ALA HXT    H  N N 55  
ARG N      N  N N 56  
ARG CA     C  N S 57  
ARG C      C  N N 58  
ARG O      O  N N 59  
ARG CB     C  N N 60  
ARG CG     C  N N 61  
ARG CD     C  N N 62  
ARG NE     N  N N 63  
ARG CZ     C  N N 64  
ARG NH1    N  N N 65  
ARG NH2    N  N N 66  
ARG OXT    O  N N 67  
ARG H      H  N N 68  
ARG H2     H  N N 69  
ARG HA     H  N N 70  
ARG HB2    H  N N 71  
ARG HB3    H  N N 72  
ARG HG2    H  N N 73  
ARG HG3    H  N N 74  
ARG HD2    H  N N 75  
ARG HD3    H  N N 76  
ARG HE     H  N N 77  
ARG HH11   H  N N 78  
ARG HH12   H  N N 79  
ARG HH21   H  N N 80  
ARG HH22   H  N N 81  
ARG HXT    H  N N 82  
ASN N      N  N N 83  
ASN CA     C  N S 84  
ASN C      C  N N 85  
ASN O      O  N N 86  
ASN CB     C  N N 87  
ASN CG     C  N N 88  
ASN OD1    O  N N 89  
ASN ND2    N  N N 90  
ASN OXT    O  N N 91  
ASN H      H  N N 92  
ASN H2     H  N N 93  
ASN HA     H  N N 94  
ASN HB2    H  N N 95  
ASN HB3    H  N N 96  
ASN HD21   H  N N 97  
ASN HD22   H  N N 98  
ASN HXT    H  N N 99  
ASP N      N  N N 100 
ASP CA     C  N S 101 
ASP C      C  N N 102 
ASP O      O  N N 103 
ASP CB     C  N N 104 
ASP CG     C  N N 105 
ASP OD1    O  N N 106 
ASP OD2    O  N N 107 
ASP OXT    O  N N 108 
ASP H      H  N N 109 
ASP H2     H  N N 110 
ASP HA     H  N N 111 
ASP HB2    H  N N 112 
ASP HB3    H  N N 113 
ASP HD2    H  N N 114 
ASP HXT    H  N N 115 
CYS N      N  N N 116 
CYS CA     C  N R 117 
CYS C      C  N N 118 
CYS O      O  N N 119 
CYS CB     C  N N 120 
CYS SG     S  N N 121 
CYS OXT    O  N N 122 
CYS H      H  N N 123 
CYS H2     H  N N 124 
CYS HA     H  N N 125 
CYS HB2    H  N N 126 
CYS HB3    H  N N 127 
CYS HG     H  N N 128 
CYS HXT    H  N N 129 
GLN N      N  N N 130 
GLN CA     C  N S 131 
GLN C      C  N N 132 
GLN O      O  N N 133 
GLN CB     C  N N 134 
GLN CG     C  N N 135 
GLN CD     C  N N 136 
GLN OE1    O  N N 137 
GLN NE2    N  N N 138 
GLN OXT    O  N N 139 
GLN H      H  N N 140 
GLN H2     H  N N 141 
GLN HA     H  N N 142 
GLN HB2    H  N N 143 
GLN HB3    H  N N 144 
GLN HG2    H  N N 145 
GLN HG3    H  N N 146 
GLN HE21   H  N N 147 
GLN HE22   H  N N 148 
GLN HXT    H  N N 149 
GLU N      N  N N 150 
GLU CA     C  N S 151 
GLU C      C  N N 152 
GLU O      O  N N 153 
GLU CB     C  N N 154 
GLU CG     C  N N 155 
GLU CD     C  N N 156 
GLU OE1    O  N N 157 
GLU OE2    O  N N 158 
GLU OXT    O  N N 159 
GLU H      H  N N 160 
GLU H2     H  N N 161 
GLU HA     H  N N 162 
GLU HB2    H  N N 163 
GLU HB3    H  N N 164 
GLU HG2    H  N N 165 
GLU HG3    H  N N 166 
GLU HE2    H  N N 167 
GLU HXT    H  N N 168 
GLY N      N  N N 169 
GLY CA     C  N N 170 
GLY C      C  N N 171 
GLY O      O  N N 172 
GLY OXT    O  N N 173 
GLY H      H  N N 174 
GLY H2     H  N N 175 
GLY HA2    H  N N 176 
GLY HA3    H  N N 177 
GLY HXT    H  N N 178 
HIS N      N  N N 179 
HIS CA     C  N S 180 
HIS C      C  N N 181 
HIS O      O  N N 182 
HIS CB     C  N N 183 
HIS CG     C  Y N 184 
HIS ND1    N  Y N 185 
HIS CD2    C  Y N 186 
HIS CE1    C  Y N 187 
HIS NE2    N  Y N 188 
HIS OXT    O  N N 189 
HIS H      H  N N 190 
HIS H2     H  N N 191 
HIS HA     H  N N 192 
HIS HB2    H  N N 193 
HIS HB3    H  N N 194 
HIS HD1    H  N N 195 
HIS HD2    H  N N 196 
HIS HE1    H  N N 197 
HIS HE2    H  N N 198 
HIS HXT    H  N N 199 
HOH O      O  N N 200 
HOH H1     H  N N 201 
HOH H2     H  N N 202 
ILE N      N  N N 203 
ILE CA     C  N S 204 
ILE C      C  N N 205 
ILE O      O  N N 206 
ILE CB     C  N S 207 
ILE CG1    C  N N 208 
ILE CG2    C  N N 209 
ILE CD1    C  N N 210 
ILE OXT    O  N N 211 
ILE H      H  N N 212 
ILE H2     H  N N 213 
ILE HA     H  N N 214 
ILE HB     H  N N 215 
ILE HG12   H  N N 216 
ILE HG13   H  N N 217 
ILE HG21   H  N N 218 
ILE HG22   H  N N 219 
ILE HG23   H  N N 220 
ILE HD11   H  N N 221 
ILE HD12   H  N N 222 
ILE HD13   H  N N 223 
ILE HXT    H  N N 224 
LEU N      N  N N 225 
LEU CA     C  N S 226 
LEU C      C  N N 227 
LEU O      O  N N 228 
LEU CB     C  N N 229 
LEU CG     C  N N 230 
LEU CD1    C  N N 231 
LEU CD2    C  N N 232 
LEU OXT    O  N N 233 
LEU H      H  N N 234 
LEU H2     H  N N 235 
LEU HA     H  N N 236 
LEU HB2    H  N N 237 
LEU HB3    H  N N 238 
LEU HG     H  N N 239 
LEU HD11   H  N N 240 
LEU HD12   H  N N 241 
LEU HD13   H  N N 242 
LEU HD21   H  N N 243 
LEU HD22   H  N N 244 
LEU HD23   H  N N 245 
LEU HXT    H  N N 246 
LYS N      N  N N 247 
LYS CA     C  N S 248 
LYS C      C  N N 249 
LYS O      O  N N 250 
LYS CB     C  N N 251 
LYS CG     C  N N 252 
LYS CD     C  N N 253 
LYS CE     C  N N 254 
LYS NZ     N  N N 255 
LYS OXT    O  N N 256 
LYS H      H  N N 257 
LYS H2     H  N N 258 
LYS HA     H  N N 259 
LYS HB2    H  N N 260 
LYS HB3    H  N N 261 
LYS HG2    H  N N 262 
LYS HG3    H  N N 263 
LYS HD2    H  N N 264 
LYS HD3    H  N N 265 
LYS HE2    H  N N 266 
LYS HE3    H  N N 267 
LYS HZ1    H  N N 268 
LYS HZ2    H  N N 269 
LYS HZ3    H  N N 270 
LYS HXT    H  N N 271 
MET N      N  N N 272 
MET CA     C  N S 273 
MET C      C  N N 274 
MET O      O  N N 275 
MET CB     C  N N 276 
MET CG     C  N N 277 
MET SD     S  N N 278 
MET CE     C  N N 279 
MET OXT    O  N N 280 
MET H      H  N N 281 
MET H2     H  N N 282 
MET HA     H  N N 283 
MET HB2    H  N N 284 
MET HB3    H  N N 285 
MET HG2    H  N N 286 
MET HG3    H  N N 287 
MET HE1    H  N N 288 
MET HE2    H  N N 289 
MET HE3    H  N N 290 
MET HXT    H  N N 291 
MG  MG     MG N N 292 
PHE N      N  N N 293 
PHE CA     C  N S 294 
PHE C      C  N N 295 
PHE O      O  N N 296 
PHE CB     C  N N 297 
PHE CG     C  Y N 298 
PHE CD1    C  Y N 299 
PHE CD2    C  Y N 300 
PHE CE1    C  Y N 301 
PHE CE2    C  Y N 302 
PHE CZ     C  Y N 303 
PHE OXT    O  N N 304 
PHE H      H  N N 305 
PHE H2     H  N N 306 
PHE HA     H  N N 307 
PHE HB2    H  N N 308 
PHE HB3    H  N N 309 
PHE HD1    H  N N 310 
PHE HD2    H  N N 311 
PHE HE1    H  N N 312 
PHE HE2    H  N N 313 
PHE HZ     H  N N 314 
PHE HXT    H  N N 315 
PO4 P      P  N N 316 
PO4 O1     O  N N 317 
PO4 O2     O  N N 318 
PO4 O3     O  N N 319 
PO4 O4     O  N N 320 
PRO N      N  N N 321 
PRO CA     C  N S 322 
PRO C      C  N N 323 
PRO O      O  N N 324 
PRO CB     C  N N 325 
PRO CG     C  N N 326 
PRO CD     C  N N 327 
PRO OXT    O  N N 328 
PRO H      H  N N 329 
PRO HA     H  N N 330 
PRO HB2    H  N N 331 
PRO HB3    H  N N 332 
PRO HG2    H  N N 333 
PRO HG3    H  N N 334 
PRO HD2    H  N N 335 
PRO HD3    H  N N 336 
PRO HXT    H  N N 337 
SER N      N  N N 338 
SER CA     C  N S 339 
SER C      C  N N 340 
SER O      O  N N 341 
SER CB     C  N N 342 
SER OG     O  N N 343 
SER OXT    O  N N 344 
SER H      H  N N 345 
SER H2     H  N N 346 
SER HA     H  N N 347 
SER HB2    H  N N 348 
SER HB3    H  N N 349 
SER HG     H  N N 350 
SER HXT    H  N N 351 
THF N1     N  Y N 352 
THF C2     C  Y N 353 
THF NA2    N  N N 354 
THF N3     N  Y N 355 
THF C4     C  Y N 356 
THF O4     O  N N 357 
THF C4A    C  Y N 358 
THF N5     N  N N 359 
THF C6     C  N S 360 
THF C7     C  N N 361 
THF N8     N  N N 362 
THF C8A    C  Y N 363 
THF C9     C  N N 364 
THF N10    N  N N 365 
THF C11    C  Y N 366 
THF C12    C  Y N 367 
THF C13    C  Y N 368 
THF C14    C  Y N 369 
THF C15    C  Y N 370 
THF C16    C  Y N 371 
THF C      C  N N 372 
THF O      O  N N 373 
THF N      N  N N 374 
THF CA     C  N S 375 
THF CB     C  N N 376 
THF CG     C  N N 377 
THF CD     C  N N 378 
THF OE1    O  N N 379 
THF OE2    O  N N 380 
THF CT     C  N N 381 
THF O1     O  N N 382 
THF O2     O  N N 383 
THF CP1    C  N N 384 
THF O3     O  N N 385 
THF HN1    H  N N 386 
THF HN21   H  N N 387 
THF HN22   H  N N 388 
THF H6     H  N N 389 
THF H7     H  N N 390 
THF H91    H  N N 391 
THF H92    H  N N 392 
THF HN0    H  N N 393 
THF H12    H  N N 394 
THF H13    H  N N 395 
THF H15    H  N N 396 
THF H16    H  N N 397 
THF HN     H  N N 398 
THF HA     H  N N 399 
THF HB1    H  N N 400 
THF HB2    H  N N 401 
THF HG1    H  N N 402 
THF HG2    H  N N 403 
THF HOE2   H  N N 404 
THF HO2    H  N N 405 
THF HCP1   H  N N 406 
THF HCP2   H  N N 407 
THF HO3    H  N N 408 
THR N      N  N N 409 
THR CA     C  N S 410 
THR C      C  N N 411 
THR O      O  N N 412 
THR CB     C  N R 413 
THR OG1    O  N N 414 
THR CG2    C  N N 415 
THR OXT    O  N N 416 
THR H      H  N N 417 
THR H2     H  N N 418 
THR HA     H  N N 419 
THR HB     H  N N 420 
THR HG1    H  N N 421 
THR HG21   H  N N 422 
THR HG22   H  N N 423 
THR HG23   H  N N 424 
THR HXT    H  N N 425 
TRP N      N  N N 426 
TRP CA     C  N S 427 
TRP C      C  N N 428 
TRP O      O  N N 429 
TRP CB     C  N N 430 
TRP CG     C  Y N 431 
TRP CD1    C  Y N 432 
TRP CD2    C  Y N 433 
TRP NE1    N  Y N 434 
TRP CE2    C  Y N 435 
TRP CE3    C  Y N 436 
TRP CZ2    C  Y N 437 
TRP CZ3    C  Y N 438 
TRP CH2    C  Y N 439 
TRP OXT    O  N N 440 
TRP H      H  N N 441 
TRP H2     H  N N 442 
TRP HA     H  N N 443 
TRP HB2    H  N N 444 
TRP HB3    H  N N 445 
TRP HD1    H  N N 446 
TRP HE1    H  N N 447 
TRP HE3    H  N N 448 
TRP HZ2    H  N N 449 
TRP HZ3    H  N N 450 
TRP HH2    H  N N 451 
TRP HXT    H  N N 452 
TYR N      N  N N 453 
TYR CA     C  N S 454 
TYR C      C  N N 455 
TYR O      O  N N 456 
TYR CB     C  N N 457 
TYR CG     C  Y N 458 
TYR CD1    C  Y N 459 
TYR CD2    C  Y N 460 
TYR CE1    C  Y N 461 
TYR CE2    C  Y N 462 
TYR CZ     C  Y N 463 
TYR OH     O  N N 464 
TYR OXT    O  N N 465 
TYR H      H  N N 466 
TYR H2     H  N N 467 
TYR HA     H  N N 468 
TYR HB2    H  N N 469 
TYR HB3    H  N N 470 
TYR HD1    H  N N 471 
TYR HD2    H  N N 472 
TYR HE1    H  N N 473 
TYR HE2    H  N N 474 
TYR HH     H  N N 475 
TYR HXT    H  N N 476 
VAL N      N  N N 477 
VAL CA     C  N S 478 
VAL C      C  N N 479 
VAL O      O  N N 480 
VAL CB     C  N N 481 
VAL CG1    C  N N 482 
VAL CG2    C  N N 483 
VAL OXT    O  N N 484 
VAL H      H  N N 485 
VAL H2     H  N N 486 
VAL HA     H  N N 487 
VAL HB     H  N N 488 
VAL HG11   H  N N 489 
VAL HG12   H  N N 490 
VAL HG13   H  N N 491 
VAL HG21   H  N N 492 
VAL HG22   H  N N 493 
VAL HG23   H  N N 494 
VAL HXT    H  N N 495 
# 
loop_
_chem_comp_bond.comp_id 
_chem_comp_bond.atom_id_1 
_chem_comp_bond.atom_id_2 
_chem_comp_bond.value_order 
_chem_comp_bond.pdbx_aromatic_flag 
_chem_comp_bond.pdbx_stereo_config 
_chem_comp_bond.pdbx_ordinal 
ADP PB    O1B    doub N N 1   
ADP PB    O2B    sing N N 2   
ADP PB    O3B    sing N N 3   
ADP PB    O3A    sing N N 4   
ADP O2B   HOB2   sing N N 5   
ADP O3B   HOB3   sing N N 6   
ADP PA    O1A    doub N N 7   
ADP PA    O2A    sing N N 8   
ADP PA    O3A    sing N N 9   
ADP PA    "O5'"  sing N N 10  
ADP O2A   HOA2   sing N N 11  
ADP "O5'" "C5'"  sing N N 12  
ADP "C5'" "C4'"  sing N N 13  
ADP "C5'" "H5'1" sing N N 14  
ADP "C5'" "H5'2" sing N N 15  
ADP "C4'" "O4'"  sing N N 16  
ADP "C4'" "C3'"  sing N N 17  
ADP "C4'" "H4'"  sing N N 18  
ADP "O4'" "C1'"  sing N N 19  
ADP "C3'" "O3'"  sing N N 20  
ADP "C3'" "C2'"  sing N N 21  
ADP "C3'" "H3'"  sing N N 22  
ADP "O3'" "HO3'" sing N N 23  
ADP "C2'" "O2'"  sing N N 24  
ADP "C2'" "C1'"  sing N N 25  
ADP "C2'" "H2'"  sing N N 26  
ADP "O2'" "HO2'" sing N N 27  
ADP "C1'" N9     sing N N 28  
ADP "C1'" "H1'"  sing N N 29  
ADP N9    C8     sing Y N 30  
ADP N9    C4     sing Y N 31  
ADP C8    N7     doub Y N 32  
ADP C8    H8     sing N N 33  
ADP N7    C5     sing Y N 34  
ADP C5    C6     sing Y N 35  
ADP C5    C4     doub Y N 36  
ADP C6    N6     sing N N 37  
ADP C6    N1     doub Y N 38  
ADP N6    HN61   sing N N 39  
ADP N6    HN62   sing N N 40  
ADP N1    C2     sing Y N 41  
ADP C2    N3     doub Y N 42  
ADP C2    H2     sing N N 43  
ADP N3    C4     sing Y N 44  
ALA N     CA     sing N N 45  
ALA N     H      sing N N 46  
ALA N     H2     sing N N 47  
ALA CA    C      sing N N 48  
ALA CA    CB     sing N N 49  
ALA CA    HA     sing N N 50  
ALA C     O      doub N N 51  
ALA C     OXT    sing N N 52  
ALA CB    HB1    sing N N 53  
ALA CB    HB2    sing N N 54  
ALA CB    HB3    sing N N 55  
ALA OXT   HXT    sing N N 56  
ARG N     CA     sing N N 57  
ARG N     H      sing N N 58  
ARG N     H2     sing N N 59  
ARG CA    C      sing N N 60  
ARG CA    CB     sing N N 61  
ARG CA    HA     sing N N 62  
ARG C     O      doub N N 63  
ARG C     OXT    sing N N 64  
ARG CB    CG     sing N N 65  
ARG CB    HB2    sing N N 66  
ARG CB    HB3    sing N N 67  
ARG CG    CD     sing N N 68  
ARG CG    HG2    sing N N 69  
ARG CG    HG3    sing N N 70  
ARG CD    NE     sing N N 71  
ARG CD    HD2    sing N N 72  
ARG CD    HD3    sing N N 73  
ARG NE    CZ     sing N N 74  
ARG NE    HE     sing N N 75  
ARG CZ    NH1    sing N N 76  
ARG CZ    NH2    doub N N 77  
ARG NH1   HH11   sing N N 78  
ARG NH1   HH12   sing N N 79  
ARG NH2   HH21   sing N N 80  
ARG NH2   HH22   sing N N 81  
ARG OXT   HXT    sing N N 82  
ASN N     CA     sing N N 83  
ASN N     H      sing N N 84  
ASN N     H2     sing N N 85  
ASN CA    C      sing N N 86  
ASN CA    CB     sing N N 87  
ASN CA    HA     sing N N 88  
ASN C     O      doub N N 89  
ASN C     OXT    sing N N 90  
ASN CB    CG     sing N N 91  
ASN CB    HB2    sing N N 92  
ASN CB    HB3    sing N N 93  
ASN CG    OD1    doub N N 94  
ASN CG    ND2    sing N N 95  
ASN ND2   HD21   sing N N 96  
ASN ND2   HD22   sing N N 97  
ASN OXT   HXT    sing N N 98  
ASP N     CA     sing N N 99  
ASP N     H      sing N N 100 
ASP N     H2     sing N N 101 
ASP CA    C      sing N N 102 
ASP CA    CB     sing N N 103 
ASP CA    HA     sing N N 104 
ASP C     O      doub N N 105 
ASP C     OXT    sing N N 106 
ASP CB    CG     sing N N 107 
ASP CB    HB2    sing N N 108 
ASP CB    HB3    sing N N 109 
ASP CG    OD1    doub N N 110 
ASP CG    OD2    sing N N 111 
ASP OD2   HD2    sing N N 112 
ASP OXT   HXT    sing N N 113 
CYS N     CA     sing N N 114 
CYS N     H      sing N N 115 
CYS N     H2     sing N N 116 
CYS CA    C      sing N N 117 
CYS CA    CB     sing N N 118 
CYS CA    HA     sing N N 119 
CYS C     O      doub N N 120 
CYS C     OXT    sing N N 121 
CYS CB    SG     sing N N 122 
CYS CB    HB2    sing N N 123 
CYS CB    HB3    sing N N 124 
CYS SG    HG     sing N N 125 
CYS OXT   HXT    sing N N 126 
GLN N     CA     sing N N 127 
GLN N     H      sing N N 128 
GLN N     H2     sing N N 129 
GLN CA    C      sing N N 130 
GLN CA    CB     sing N N 131 
GLN CA    HA     sing N N 132 
GLN C     O      doub N N 133 
GLN C     OXT    sing N N 134 
GLN CB    CG     sing N N 135 
GLN CB    HB2    sing N N 136 
GLN CB    HB3    sing N N 137 
GLN CG    CD     sing N N 138 
GLN CG    HG2    sing N N 139 
GLN CG    HG3    sing N N 140 
GLN CD    OE1    doub N N 141 
GLN CD    NE2    sing N N 142 
GLN NE2   HE21   sing N N 143 
GLN NE2   HE22   sing N N 144 
GLN OXT   HXT    sing N N 145 
GLU N     CA     sing N N 146 
GLU N     H      sing N N 147 
GLU N     H2     sing N N 148 
GLU CA    C      sing N N 149 
GLU CA    CB     sing N N 150 
GLU CA    HA     sing N N 151 
GLU C     O      doub N N 152 
GLU C     OXT    sing N N 153 
GLU CB    CG     sing N N 154 
GLU CB    HB2    sing N N 155 
GLU CB    HB3    sing N N 156 
GLU CG    CD     sing N N 157 
GLU CG    HG2    sing N N 158 
GLU CG    HG3    sing N N 159 
GLU CD    OE1    doub N N 160 
GLU CD    OE2    sing N N 161 
GLU OE2   HE2    sing N N 162 
GLU OXT   HXT    sing N N 163 
GLY N     CA     sing N N 164 
GLY N     H      sing N N 165 
GLY N     H2     sing N N 166 
GLY CA    C      sing N N 167 
GLY CA    HA2    sing N N 168 
GLY CA    HA3    sing N N 169 
GLY C     O      doub N N 170 
GLY C     OXT    sing N N 171 
GLY OXT   HXT    sing N N 172 
HIS N     CA     sing N N 173 
HIS N     H      sing N N 174 
HIS N     H2     sing N N 175 
HIS CA    C      sing N N 176 
HIS CA    CB     sing N N 177 
HIS CA    HA     sing N N 178 
HIS C     O      doub N N 179 
HIS C     OXT    sing N N 180 
HIS CB    CG     sing N N 181 
HIS CB    HB2    sing N N 182 
HIS CB    HB3    sing N N 183 
HIS CG    ND1    sing Y N 184 
HIS CG    CD2    doub Y N 185 
HIS ND1   CE1    doub Y N 186 
HIS ND1   HD1    sing N N 187 
HIS CD2   NE2    sing Y N 188 
HIS CD2   HD2    sing N N 189 
HIS CE1   NE2    sing Y N 190 
HIS CE1   HE1    sing N N 191 
HIS NE2   HE2    sing N N 192 
HIS OXT   HXT    sing N N 193 
HOH O     H1     sing N N 194 
HOH O     H2     sing N N 195 
ILE N     CA     sing N N 196 
ILE N     H      sing N N 197 
ILE N     H2     sing N N 198 
ILE CA    C      sing N N 199 
ILE CA    CB     sing N N 200 
ILE CA    HA     sing N N 201 
ILE C     O      doub N N 202 
ILE C     OXT    sing N N 203 
ILE CB    CG1    sing N N 204 
ILE CB    CG2    sing N N 205 
ILE CB    HB     sing N N 206 
ILE CG1   CD1    sing N N 207 
ILE CG1   HG12   sing N N 208 
ILE CG1   HG13   sing N N 209 
ILE CG2   HG21   sing N N 210 
ILE CG2   HG22   sing N N 211 
ILE CG2   HG23   sing N N 212 
ILE CD1   HD11   sing N N 213 
ILE CD1   HD12   sing N N 214 
ILE CD1   HD13   sing N N 215 
ILE OXT   HXT    sing N N 216 
LEU N     CA     sing N N 217 
LEU N     H      sing N N 218 
LEU N     H2     sing N N 219 
LEU CA    C      sing N N 220 
LEU CA    CB     sing N N 221 
LEU CA    HA     sing N N 222 
LEU C     O      doub N N 223 
LEU C     OXT    sing N N 224 
LEU CB    CG     sing N N 225 
LEU CB    HB2    sing N N 226 
LEU CB    HB3    sing N N 227 
LEU CG    CD1    sing N N 228 
LEU CG    CD2    sing N N 229 
LEU CG    HG     sing N N 230 
LEU CD1   HD11   sing N N 231 
LEU CD1   HD12   sing N N 232 
LEU CD1   HD13   sing N N 233 
LEU CD2   HD21   sing N N 234 
LEU CD2   HD22   sing N N 235 
LEU CD2   HD23   sing N N 236 
LEU OXT   HXT    sing N N 237 
LYS N     CA     sing N N 238 
LYS N     H      sing N N 239 
LYS N     H2     sing N N 240 
LYS CA    C      sing N N 241 
LYS CA    CB     sing N N 242 
LYS CA    HA     sing N N 243 
LYS C     O      doub N N 244 
LYS C     OXT    sing N N 245 
LYS CB    CG     sing N N 246 
LYS CB    HB2    sing N N 247 
LYS CB    HB3    sing N N 248 
LYS CG    CD     sing N N 249 
LYS CG    HG2    sing N N 250 
LYS CG    HG3    sing N N 251 
LYS CD    CE     sing N N 252 
LYS CD    HD2    sing N N 253 
LYS CD    HD3    sing N N 254 
LYS CE    NZ     sing N N 255 
LYS CE    HE2    sing N N 256 
LYS CE    HE3    sing N N 257 
LYS NZ    HZ1    sing N N 258 
LYS NZ    HZ2    sing N N 259 
LYS NZ    HZ3    sing N N 260 
LYS OXT   HXT    sing N N 261 
MET N     CA     sing N N 262 
MET N     H      sing N N 263 
MET N     H2     sing N N 264 
MET CA    C      sing N N 265 
MET CA    CB     sing N N 266 
MET CA    HA     sing N N 267 
MET C     O      doub N N 268 
MET C     OXT    sing N N 269 
MET CB    CG     sing N N 270 
MET CB    HB2    sing N N 271 
MET CB    HB3    sing N N 272 
MET CG    SD     sing N N 273 
MET CG    HG2    sing N N 274 
MET CG    HG3    sing N N 275 
MET SD    CE     sing N N 276 
MET CE    HE1    sing N N 277 
MET CE    HE2    sing N N 278 
MET CE    HE3    sing N N 279 
MET OXT   HXT    sing N N 280 
PHE N     CA     sing N N 281 
PHE N     H      sing N N 282 
PHE N     H2     sing N N 283 
PHE CA    C      sing N N 284 
PHE CA    CB     sing N N 285 
PHE CA    HA     sing N N 286 
PHE C     O      doub N N 287 
PHE C     OXT    sing N N 288 
PHE CB    CG     sing N N 289 
PHE CB    HB2    sing N N 290 
PHE CB    HB3    sing N N 291 
PHE CG    CD1    doub Y N 292 
PHE CG    CD2    sing Y N 293 
PHE CD1   CE1    sing Y N 294 
PHE CD1   HD1    sing N N 295 
PHE CD2   CE2    doub Y N 296 
PHE CD2   HD2    sing N N 297 
PHE CE1   CZ     doub Y N 298 
PHE CE1   HE1    sing N N 299 
PHE CE2   CZ     sing Y N 300 
PHE CE2   HE2    sing N N 301 
PHE CZ    HZ     sing N N 302 
PHE OXT   HXT    sing N N 303 
PO4 P     O1     doub N N 304 
PO4 P     O2     sing N N 305 
PO4 P     O3     sing N N 306 
PO4 P     O4     sing N N 307 
PRO N     CA     sing N N 308 
PRO N     CD     sing N N 309 
PRO N     H      sing N N 310 
PRO CA    C      sing N N 311 
PRO CA    CB     sing N N 312 
PRO CA    HA     sing N N 313 
PRO C     O      doub N N 314 
PRO C     OXT    sing N N 315 
PRO CB    CG     sing N N 316 
PRO CB    HB2    sing N N 317 
PRO CB    HB3    sing N N 318 
PRO CG    CD     sing N N 319 
PRO CG    HG2    sing N N 320 
PRO CG    HG3    sing N N 321 
PRO CD    HD2    sing N N 322 
PRO CD    HD3    sing N N 323 
PRO OXT   HXT    sing N N 324 
SER N     CA     sing N N 325 
SER N     H      sing N N 326 
SER N     H2     sing N N 327 
SER CA    C      sing N N 328 
SER CA    CB     sing N N 329 
SER CA    HA     sing N N 330 
SER C     O      doub N N 331 
SER C     OXT    sing N N 332 
SER CB    OG     sing N N 333 
SER CB    HB2    sing N N 334 
SER CB    HB3    sing N N 335 
SER OG    HG     sing N N 336 
SER OXT   HXT    sing N N 337 
THF N1    C2     sing Y N 338 
THF N1    C8A    sing Y N 339 
THF N1    HN1    sing N N 340 
THF C2    NA2    sing N N 341 
THF C2    N3     doub Y N 342 
THF NA2   HN21   sing N N 343 
THF NA2   HN22   sing N N 344 
THF N3    C4     sing Y N 345 
THF C4    O4     doub N N 346 
THF C4    C4A    sing Y N 347 
THF C4A   N5     sing N N 348 
THF C4A   C8A    doub Y N 349 
THF N5    C6     sing N N 350 
THF N5    CP1    sing N N 351 
THF C6    C7     sing N N 352 
THF C6    C9     sing N N 353 
THF C6    H6     sing N N 354 
THF C7    N8     doub N N 355 
THF C7    H7     sing N N 356 
THF N8    C8A    sing N N 357 
THF C9    N10    sing N N 358 
THF C9    H91    sing N N 359 
THF C9    H92    sing N N 360 
THF N10   C14    sing N N 361 
THF N10   HN0    sing N N 362 
THF C11   C12    doub Y N 363 
THF C11   C16    sing Y N 364 
THF C11   C      sing N N 365 
THF C12   C13    sing Y N 366 
THF C12   H12    sing N N 367 
THF C13   C14    doub Y N 368 
THF C13   H13    sing N N 369 
THF C14   C15    sing Y N 370 
THF C15   C16    doub Y N 371 
THF C15   H15    sing N N 372 
THF C16   H16    sing N N 373 
THF C     O      doub N N 374 
THF C     N      sing N N 375 
THF N     CA     sing N N 376 
THF N     HN     sing N N 377 
THF CA    CB     sing N N 378 
THF CA    CT     sing N N 379 
THF CA    HA     sing N N 380 
THF CB    CG     sing N N 381 
THF CB    HB1    sing N N 382 
THF CB    HB2    sing N N 383 
THF CG    CD     sing N N 384 
THF CG    HG1    sing N N 385 
THF CG    HG2    sing N N 386 
THF CD    OE1    doub N N 387 
THF CD    OE2    sing N N 388 
THF OE2   HOE2   sing N N 389 
THF CT    O1     doub N N 390 
THF CT    O2     sing N N 391 
THF O2    HO2    sing N N 392 
THF CP1   O3     sing N N 393 
THF CP1   HCP1   sing N N 394 
THF CP1   HCP2   sing N N 395 
THF O3    HO3    sing N N 396 
THR N     CA     sing N N 397 
THR N     H      sing N N 398 
THR N     H2     sing N N 399 
THR CA    C      sing N N 400 
THR CA    CB     sing N N 401 
THR CA    HA     sing N N 402 
THR C     O      doub N N 403 
THR C     OXT    sing N N 404 
THR CB    OG1    sing N N 405 
THR CB    CG2    sing N N 406 
THR CB    HB     sing N N 407 
THR OG1   HG1    sing N N 408 
THR CG2   HG21   sing N N 409 
THR CG2   HG22   sing N N 410 
THR CG2   HG23   sing N N 411 
THR OXT   HXT    sing N N 412 
TRP N     CA     sing N N 413 
TRP N     H      sing N N 414 
TRP N     H2     sing N N 415 
TRP CA    C      sing N N 416 
TRP CA    CB     sing N N 417 
TRP CA    HA     sing N N 418 
TRP C     O      doub N N 419 
TRP C     OXT    sing N N 420 
TRP CB    CG     sing N N 421 
TRP CB    HB2    sing N N 422 
TRP CB    HB3    sing N N 423 
TRP CG    CD1    doub Y N 424 
TRP CG    CD2    sing Y N 425 
TRP CD1   NE1    sing Y N 426 
TRP CD1   HD1    sing N N 427 
TRP CD2   CE2    doub Y N 428 
TRP CD2   CE3    sing Y N 429 
TRP NE1   CE2    sing Y N 430 
TRP NE1   HE1    sing N N 431 
TRP CE2   CZ2    sing Y N 432 
TRP CE3   CZ3    doub Y N 433 
TRP CE3   HE3    sing N N 434 
TRP CZ2   CH2    doub Y N 435 
TRP CZ2   HZ2    sing N N 436 
TRP CZ3   CH2    sing Y N 437 
TRP CZ3   HZ3    sing N N 438 
TRP CH2   HH2    sing N N 439 
TRP OXT   HXT    sing N N 440 
TYR N     CA     sing N N 441 
TYR N     H      sing N N 442 
TYR N     H2     sing N N 443 
TYR CA    C      sing N N 444 
TYR CA    CB     sing N N 445 
TYR CA    HA     sing N N 446 
TYR C     O      doub N N 447 
TYR C     OXT    sing N N 448 
TYR CB    CG     sing N N 449 
TYR CB    HB2    sing N N 450 
TYR CB    HB3    sing N N 451 
TYR CG    CD1    doub Y N 452 
TYR CG    CD2    sing Y N 453 
TYR CD1   CE1    sing Y N 454 
TYR CD1   HD1    sing N N 455 
TYR CD2   CE2    doub Y N 456 
TYR CD2   HD2    sing N N 457 
TYR CE1   CZ     doub Y N 458 
TYR CE1   HE1    sing N N 459 
TYR CE2   CZ     sing Y N 460 
TYR CE2   HE2    sing N N 461 
TYR CZ    OH     sing N N 462 
TYR OH    HH     sing N N 463 
TYR OXT   HXT    sing N N 464 
VAL N     CA     sing N N 465 
VAL N     H      sing N N 466 
VAL N     H2     sing N N 467 
VAL CA    C      sing N N 468 
VAL CA    CB     sing N N 469 
VAL CA    HA     sing N N 470 
VAL C     O      doub N N 471 
VAL C     OXT    sing N N 472 
VAL CB    CG1    sing N N 473 
VAL CB    CG2    sing N N 474 
VAL CB    HB     sing N N 475 
VAL CG1   HG11   sing N N 476 
VAL CG1   HG12   sing N N 477 
VAL CG1   HG13   sing N N 478 
VAL CG2   HG21   sing N N 479 
VAL CG2   HG22   sing N N 480 
VAL CG2   HG23   sing N N 481 
VAL OXT   HXT    sing N N 482 
# 
_atom_sites.entry_id                    1U3G 
_atom_sites.fract_transf_matrix[1][1]   -0.01375302 
_atom_sites.fract_transf_matrix[1][2]   0.00750435 
_atom_sites.fract_transf_matrix[1][3]   0.01183853 
_atom_sites.fract_transf_matrix[2][1]   -0.00332532 
_atom_sites.fract_transf_matrix[2][2]   0.00749255 
_atom_sites.fract_transf_matrix[2][3]   -0.00861255 
_atom_sites.fract_transf_matrix[3][1]   -0.01578086 
_atom_sites.fract_transf_matrix[3][2]   -0.01624226 
_atom_sites.fract_transf_matrix[3][3]   -0.00803706 
_atom_sites.fract_transf_vector[1]      0.146335 
_atom_sites.fract_transf_vector[2]      0.288468 
_atom_sites.fract_transf_vector[3]      0.252646 
# 
loop_
_atom_type.symbol 
C  
MG 
N  
O  
P  
S  
# 
loop_
_atom_site.group_PDB 
_atom_site.id 
_atom_site.type_symbol 
_atom_site.label_atom_id 
_atom_site.label_alt_id 
_atom_site.label_comp_id 
_atom_site.label_asym_id 
_atom_site.label_entity_id 
_atom_site.label_seq_id 
_atom_site.pdbx_PDB_ins_code 
_atom_site.Cartn_x 
_atom_site.Cartn_y 
_atom_site.Cartn_z 
_atom_site.occupancy 
_atom_site.B_iso_or_equiv 
_atom_site.pdbx_formal_charge 
_atom_site.auth_seq_id 
_atom_site.auth_comp_id 
_atom_site.auth_asym_id 
_atom_site.auth_atom_id 
_atom_site.pdbx_PDB_model_num 
ATOM   1    N  N     . MET A 1 26  ? 8.503   -19.046 4.865   1.00 41.22  ? 1   MET A N     1 
ATOM   2    C  CA    . MET A 1 26  ? 8.072   -19.596 6.179   1.00 39.76  ? 1   MET A CA    1 
ATOM   3    C  C     . MET A 1 26  ? 6.554   -19.727 6.185   1.00 37.84  ? 1   MET A C     1 
ATOM   4    O  O     . MET A 1 26  ? 5.898   -19.374 7.167   1.00 38.92  ? 1   MET A O     1 
ATOM   5    C  CB    . MET A 1 26  ? 8.519   -18.664 7.315   1.00 41.26  ? 1   MET A CB    1 
ATOM   6    C  CG    . MET A 1 26  ? 8.489   -19.304 8.700   1.00 44.05  ? 1   MET A CG    1 
ATOM   7    S  SD    . MET A 1 26  ? 8.838   -18.133 10.041  1.00 47.03  ? 1   MET A SD    1 
ATOM   8    C  CE    . MET A 1 26  ? 7.171   -17.714 10.533  1.00 45.58  ? 1   MET A CE    1 
ATOM   9    N  N     . ASP A 1 27  ? 6.002   -20.237 5.086   1.00 34.73  ? 2   ASP A N     1 
ATOM   10   C  CA    . ASP A 1 27  ? 4.558   -20.407 4.958   1.00 32.77  ? 2   ASP A CA    1 
ATOM   11   C  C     . ASP A 1 27  ? 3.840   -19.067 5.147   1.00 31.61  ? 2   ASP A C     1 
ATOM   12   O  O     . ASP A 1 27  ? 3.777   -18.523 6.252   1.00 31.34  ? 2   ASP A O     1 
ATOM   13   C  CB    . ASP A 1 27  ? 4.058   -21.426 5.985   1.00 32.76  ? 2   ASP A CB    1 
ATOM   14   C  CG    . ASP A 1 27  ? 2.581   -21.735 5.833   1.00 33.44  ? 2   ASP A CG    1 
ATOM   15   O  OD1   . ASP A 1 27  ? 1.753   -20.828 6.047   1.00 33.35  ? 2   ASP A OD1   1 
ATOM   16   O  OD2   . ASP A 1 27  ? 2.246   -22.891 5.499   1.00 34.84  ? 2   ASP A OD2   1 
ATOM   17   N  N     . LYS A 1 28  ? 3.297   -18.546 4.055   1.00 29.22  ? 3   LYS A N     1 
ATOM   18   C  CA    . LYS A 1 28  ? 2.595   -17.274 4.068   1.00 26.86  ? 3   LYS A CA    1 
ATOM   19   C  C     . LYS A 1 28  ? 1.599   -17.115 5.220   1.00 27.13  ? 3   LYS A C     1 
ATOM   20   O  O     . LYS A 1 28  ? 1.438   -16.018 5.760   1.00 26.78  ? 3   LYS A O     1 
ATOM   21   C  CB    . LYS A 1 28  ? 1.892   -17.070 2.723   1.00 24.26  ? 3   LYS A CB    1 
ATOM   22   C  CG    . LYS A 1 28  ? 2.862   -16.938 1.552   1.00 21.30  ? 3   LYS A CG    1 
ATOM   23   C  CD    . LYS A 1 28  ? 2.134   -16.697 0.246   1.00 20.97  ? 3   LYS A CD    1 
ATOM   24   C  CE    . LYS A 1 28  ? 3.081   -16.208 -0.835  1.00 19.29  ? 3   LYS A CE    1 
ATOM   25   N  NZ    . LYS A 1 28  ? 2.351   -15.906 -2.100  1.00 18.21  ? 3   LYS A NZ    1 
ATOM   26   N  N     . ASN A 1 29  ? 0.938   -18.199 5.608   1.00 26.50  ? 4   ASN A N     1 
ATOM   27   C  CA    . ASN A 1 29  ? -0.035  -18.128 6.694   1.00 26.64  ? 4   ASN A CA    1 
ATOM   28   C  C     . ASN A 1 29  ? 0.588   -17.918 8.066   1.00 24.79  ? 4   ASN A C     1 
ATOM   29   O  O     . ASN A 1 29  ? 0.105   -17.109 8.856   1.00 24.35  ? 4   ASN A O     1 
ATOM   30   C  CB    . ASN A 1 29  ? -0.897  -19.386 6.723   1.00 29.95  ? 4   ASN A CB    1 
ATOM   31   C  CG    . ASN A 1 29  ? -2.337  -19.106 6.362   1.00 32.41  ? 4   ASN A CG    1 
ATOM   32   O  OD1   . ASN A 1 29  ? -2.654  -18.774 5.215   1.00 32.71  ? 4   ASN A OD1   1 
ATOM   33   N  ND2   . ASN A 1 29  ? -3.224  -19.226 7.345   1.00 34.78  ? 4   ASN A ND2   1 
ATOM   34   N  N     . ALA A 1 30  ? 1.655   -18.646 8.362   1.00 21.33  ? 5   ALA A N     1 
ATOM   35   C  CA    . ALA A 1 30  ? 2.293   -18.494 9.656   1.00 19.72  ? 5   ALA A CA    1 
ATOM   36   C  C     . ALA A 1 30  ? 2.881   -17.099 9.778   1.00 19.84  ? 5   ALA A C     1 
ATOM   37   O  O     . ALA A 1 30  ? 2.754   -16.449 10.813  1.00 16.77  ? 5   ALA A O     1 
ATOM   38   C  CB    . ALA A 1 30  ? 3.382   -19.539 9.834   1.00 19.28  ? 5   ALA A CB    1 
ATOM   39   N  N     . LEU A 1 31  ? 3.509   -16.627 8.706   1.00 20.36  ? 6   LEU A N     1 
ATOM   40   C  CA    . LEU A 1 31  ? 4.122   -15.310 8.731   1.00 19.93  ? 6   LEU A CA    1 
ATOM   41   C  C     . LEU A 1 31  ? 3.090   -14.191 8.780   1.00 20.78  ? 6   LEU A C     1 
ATOM   42   O  O     . LEU A 1 31  ? 3.427   -13.059 9.129   1.00 21.44  ? 6   LEU A O     1 
ATOM   43   C  CB    . LEU A 1 31  ? 5.062   -15.128 7.533   1.00 20.76  ? 6   LEU A CB    1 
ATOM   44   C  CG    . LEU A 1 31  ? 6.045   -13.951 7.634   1.00 20.58  ? 6   LEU A CG    1 
ATOM   45   C  CD1   . LEU A 1 31  ? 6.789   -14.006 8.962   1.00 19.42  ? 6   LEU A CD1   1 
ATOM   46   C  CD2   . LEU A 1 31  ? 7.033   -14.000 6.481   1.00 20.66  ? 6   LEU A CD2   1 
ATOM   47   N  N     . ARG A 1 32  ? 1.839   -14.492 8.433   1.00 21.37  ? 7   ARG A N     1 
ATOM   48   C  CA    . ARG A 1 32  ? 0.792   -13.469 8.494   1.00 22.13  ? 7   ARG A CA    1 
ATOM   49   C  C     . ARG A 1 32  ? 0.388   -13.269 9.942   1.00 22.66  ? 7   ARG A C     1 
ATOM   50   O  O     . ARG A 1 32  ? 0.509   -12.170 10.478  1.00 23.20  ? 7   ARG A O     1 
ATOM   51   C  CB    . ARG A 1 32  ? -0.449  -13.862 7.692   1.00 21.47  ? 7   ARG A CB    1 
ATOM   52   C  CG    . ARG A 1 32  ? -0.340  -13.629 6.201   1.00 21.67  ? 7   ARG A CG    1 
ATOM   53   C  CD    . ARG A 1 32  ? -1.711  -13.558 5.553   1.00 20.61  ? 7   ARG A CD    1 
ATOM   54   N  NE    . ARG A 1 32  ? -1.628  -13.615 4.097   1.00 21.71  ? 7   ARG A NE    1 
ATOM   55   C  CZ    . ARG A 1 32  ? -1.470  -14.735 3.399   1.00 23.01  ? 7   ARG A CZ    1 
ATOM   56   N  NH1   . ARG A 1 32  ? -1.383  -15.903 4.017   1.00 24.32  ? 7   ARG A NH1   1 
ATOM   57   N  NH2   . ARG A 1 32  ? -1.388  -14.686 2.077   1.00 24.20  ? 7   ARG A NH2   1 
ATOM   58   N  N     . LYS A 1 33  ? -0.084  -14.343 10.570  1.00 23.98  ? 8   LYS A N     1 
ATOM   59   C  CA    . LYS A 1 33  ? -0.506  -14.296 11.968  1.00 24.60  ? 8   LYS A CA    1 
ATOM   60   C  C     . LYS A 1 33  ? 0.565   -13.614 12.814  1.00 23.80  ? 8   LYS A C     1 
ATOM   61   O  O     . LYS A 1 33  ? 0.259   -12.738 13.617  1.00 23.91  ? 8   LYS A O     1 
ATOM   62   C  CB    . LYS A 1 33  ? -0.745  -15.710 12.506  1.00 26.41  ? 8   LYS A CB    1 
ATOM   63   C  CG    . LYS A 1 33  ? -1.669  -16.588 11.656  1.00 29.56  ? 8   LYS A CG    1 
ATOM   64   C  CD    . LYS A 1 33  ? -1.683  -18.030 12.186  1.00 29.88  ? 8   LYS A CD    1 
ATOM   65   C  CE    . LYS A 1 33  ? -2.286  -19.017 11.182  1.00 30.27  ? 8   LYS A CE    1 
ATOM   66   N  NZ    . LYS A 1 33  ? -3.731  -18.764 10.921  1.00 25.69  ? 8   LYS A NZ    1 
ATOM   67   N  N     . GLN A 1 34  ? 1.820   -14.011 12.623  1.00 22.02  ? 9   GLN A N     1 
ATOM   68   C  CA    . GLN A 1 34  ? 2.917   -13.429 13.388  1.00 21.92  ? 9   GLN A CA    1 
ATOM   69   C  C     . GLN A 1 34  ? 3.042   -11.920 13.234  1.00 21.23  ? 9   GLN A C     1 
ATOM   70   O  O     . GLN A 1 34  ? 2.992   -11.190 14.217  1.00 20.62  ? 9   GLN A O     1 
ATOM   71   C  CB    . GLN A 1 34  ? 4.248   -14.077 13.009  1.00 23.15  ? 9   GLN A CB    1 
ATOM   72   C  CG    . GLN A 1 34  ? 4.354   -15.539 13.388  1.00 27.64  ? 9   GLN A CG    1 
ATOM   73   C  CD    . GLN A 1 34  ? 5.782   -15.960 13.695  1.00 29.35  ? 9   GLN A CD    1 
ATOM   74   O  OE1   . GLN A 1 34  ? 6.664   -15.918 12.825  1.00 26.71  ? 9   GLN A OE1   1 
ATOM   75   N  NE2   . GLN A 1 34  ? 6.021   -16.362 14.946  1.00 29.44  ? 9   GLN A NE2   1 
ATOM   76   N  N     . ILE A 1 35  ? 3.208   -11.454 12.001  1.00 20.46  ? 10  ILE A N     1 
ATOM   77   C  CA    . ILE A 1 35  ? 3.359   -10.029 11.743  1.00 19.28  ? 10  ILE A CA    1 
ATOM   78   C  C     . ILE A 1 35  ? 2.099   -9.242  12.089  1.00 19.16  ? 10  ILE A C     1 
ATOM   79   O  O     . ILE A 1 35  ? 2.158   -8.183  12.715  1.00 19.14  ? 10  ILE A O     1 
ATOM   80   C  CB    . ILE A 1 35  ? 3.714   -9.780  10.275  1.00 17.13  ? 10  ILE A CB    1 
ATOM   81   C  CG1   . ILE A 1 35  ? 4.950   -10.604 9.903   1.00 16.35  ? 10  ILE A CG1   1 
ATOM   82   C  CG2   . ILE A 1 35  ? 3.944   -8.296  10.048  1.00 16.24  ? 10  ILE A CG2   1 
ATOM   83   C  CD1   . ILE A 1 35  ? 5.371   -10.478 8.466   1.00 14.44  ? 10  ILE A CD1   1 
ATOM   84   N  N     . LEU A 1 36  ? 0.956   -9.770  11.680  1.00 19.28  ? 11  LEU A N     1 
ATOM   85   C  CA    . LEU A 1 36  ? -0.324  -9.136  11.944  1.00 21.06  ? 11  LEU A CA    1 
ATOM   86   C  C     . LEU A 1 36  ? -0.520  -8.920  13.447  1.00 22.50  ? 11  LEU A C     1 
ATOM   87   O  O     . LEU A 1 36  ? -1.033  -7.885  13.879  1.00 23.10  ? 11  LEU A O     1 
ATOM   88   C  CB    . LEU A 1 36  ? -1.437  -10.023 11.389  1.00 22.48  ? 11  LEU A CB    1 
ATOM   89   C  CG    . LEU A 1 36  ? -2.632  -9.387  10.692  1.00 22.66  ? 11  LEU A CG    1 
ATOM   90   C  CD1   . LEU A 1 36  ? -2.238  -8.089  10.005  1.00 25.04  ? 11  LEU A CD1   1 
ATOM   91   C  CD2   . LEU A 1 36  ? -3.173  -10.385 9.693   1.00 23.33  ? 11  LEU A CD2   1 
ATOM   92   N  N     . GLN A 1 37  ? -0.102  -9.902  14.236  1.00 23.74  ? 12  GLN A N     1 
ATOM   93   C  CA    . GLN A 1 37  ? -0.233  -9.837  15.685  1.00 24.80  ? 12  GLN A CA    1 
ATOM   94   C  C     . GLN A 1 37  ? 0.760   -8.858  16.308  1.00 24.93  ? 12  GLN A C     1 
ATOM   95   O  O     . GLN A 1 37  ? 0.446   -8.152  17.263  1.00 23.64  ? 12  GLN A O     1 
ATOM   96   C  CB    . GLN A 1 37  ? -0.029  -11.229 16.272  1.00 27.63  ? 12  GLN A CB    1 
ATOM   97   C  CG    . GLN A 1 37  ? -0.405  -11.341 17.734  1.00 32.45  ? 12  GLN A CG    1 
ATOM   98   C  CD    . GLN A 1 37  ? 0.762   -11.761 18.588  1.00 32.60  ? 12  GLN A CD    1 
ATOM   99   O  OE1   . GLN A 1 37  ? 1.754   -11.041 18.692  1.00 35.61  ? 12  GLN A OE1   1 
ATOM   100  N  NE2   . GLN A 1 37  ? 0.657   -12.935 19.202  1.00 35.24  ? 12  GLN A NE2   1 
ATOM   101  N  N     . LYS A 1 38  ? 1.966   -8.815  15.764  1.00 24.93  ? 13  LYS A N     1 
ATOM   102  C  CA    . LYS A 1 38  ? 2.975   -7.907  16.282  1.00 24.52  ? 13  LYS A CA    1 
ATOM   103  C  C     . LYS A 1 38  ? 2.527   -6.481  16.003  1.00 22.30  ? 13  LYS A C     1 
ATOM   104  O  O     . LYS A 1 38  ? 2.816   -5.570  16.776  1.00 21.39  ? 13  LYS A O     1 
ATOM   105  C  CB    . LYS A 1 38  ? 4.319   -8.163  15.605  1.00 26.61  ? 13  LYS A CB    1 
ATOM   106  C  CG    . LYS A 1 38  ? 5.500   -7.502  16.299  1.00 30.28  ? 13  LYS A CG    1 
ATOM   107  C  CD    . LYS A 1 38  ? 6.779   -7.689  15.498  1.00 33.43  ? 13  LYS A CD    1 
ATOM   108  C  CE    . LYS A 1 38  ? 6.941   -9.133  15.016  1.00 37.35  ? 13  LYS A CE    1 
ATOM   109  N  NZ    . LYS A 1 38  ? 6.871   -10.121 16.128  1.00 39.46  ? 13  LYS A NZ    1 
ATOM   110  N  N     . ARG A 1 39  ? 1.818   -6.298  14.892  1.00 20.78  ? 14  ARG A N     1 
ATOM   111  C  CA    . ARG A 1 39  ? 1.326   -4.977  14.498  1.00 19.71  ? 14  ARG A CA    1 
ATOM   112  C  C     . ARG A 1 39  ? 0.129   -4.538  15.329  1.00 19.80  ? 14  ARG A C     1 
ATOM   113  O  O     . ARG A 1 39  ? -0.067  -3.352  15.561  1.00 19.20  ? 14  ARG A O     1 
ATOM   114  C  CB    . ARG A 1 39  ? 0.938   -4.962  13.006  1.00 17.39  ? 14  ARG A CB    1 
ATOM   115  C  CG    . ARG A 1 39  ? 0.469   -3.611  12.505  1.00 12.03  ? 14  ARG A CG    1 
ATOM   116  C  CD    . ARG A 1 39  ? 0.302   -3.593  10.992  1.00 12.73  ? 14  ARG A CD    1 
ATOM   117  N  NE    . ARG A 1 39  ? -0.913  -4.270  10.542  1.00 11.72  ? 14  ARG A NE    1 
ATOM   118  C  CZ    . ARG A 1 39  ? -1.212  -4.515  9.267   1.00 11.62  ? 14  ARG A CZ    1 
ATOM   119  N  NH1   . ARG A 1 39  ? -0.382  -4.136  8.305   1.00 9.57   ? 14  ARG A NH1   1 
ATOM   120  N  NH2   . ARG A 1 39  ? -2.336  -5.153  8.958   1.00 10.48  ? 14  ARG A NH2   1 
ATOM   121  N  N     . MET A 1 40  ? -0.675  -5.500  15.766  1.00 21.10  ? 15  MET A N     1 
ATOM   122  C  CA    . MET A 1 40  ? -1.854  -5.195  16.566  1.00 22.90  ? 15  MET A CA    1 
ATOM   123  C  C     . MET A 1 40  ? -1.464  -4.817  17.987  1.00 22.67  ? 15  MET A C     1 
ATOM   124  O  O     . MET A 1 40  ? -2.217  -4.146  18.690  1.00 23.80  ? 15  MET A O     1 
ATOM   125  C  CB    . MET A 1 40  ? -2.799  -6.395  16.603  1.00 24.89  ? 15  MET A CB    1 
ATOM   126  C  CG    . MET A 1 40  ? -4.088  -6.127  17.363  1.00 28.10  ? 15  MET A CG    1 
ATOM   127  S  SD    . MET A 1 40  ? -5.110  -7.595  17.508  1.00 28.01  ? 15  MET A SD    1 
ATOM   128  C  CE    . MET A 1 40  ? -4.119  -8.570  18.625  1.00 27.61  ? 15  MET A CE    1 
ATOM   129  N  N     . ALA A 1 41  ? -0.275  -5.245  18.395  1.00 21.35  ? 16  ALA A N     1 
ATOM   130  C  CA    . ALA A 1 41  ? 0.239   -4.970  19.728  1.00 21.43  ? 16  ALA A CA    1 
ATOM   131  C  C     . ALA A 1 41  ? 1.019   -3.661  19.805  1.00 21.08  ? 16  ALA A C     1 
ATOM   132  O  O     . ALA A 1 41  ? 1.653   -3.371  20.818  1.00 20.37  ? 16  ALA A O     1 
ATOM   133  C  CB    . ALA A 1 41  ? 1.123   -6.121  20.180  1.00 20.88  ? 16  ALA A CB    1 
ATOM   134  N  N     . LEU A 1 42  ? 0.965   -2.864  18.744  1.00 20.54  ? 17  LEU A N     1 
ATOM   135  C  CA    . LEU A 1 42  ? 1.687   -1.592  18.714  1.00 20.24  ? 17  LEU A CA    1 
ATOM   136  C  C     . LEU A 1 42  ? 1.039   -0.493  19.574  1.00 19.44  ? 17  LEU A C     1 
ATOM   137  O  O     . LEU A 1 42  ? -0.170  -0.263  19.495  1.00 17.92  ? 17  LEU A O     1 
ATOM   138  C  CB    . LEU A 1 42  ? 1.816   -1.117  17.263  1.00 20.58  ? 17  LEU A CB    1 
ATOM   139  C  CG    . LEU A 1 42  ? 3.236   -0.764  16.828  1.00 21.55  ? 17  LEU A CG    1 
ATOM   140  C  CD1   . LEU A 1 42  ? 3.269   -0.414  15.351  1.00 23.77  ? 17  LEU A CD1   1 
ATOM   141  C  CD2   . LEU A 1 42  ? 3.727   0.395   17.664  1.00 22.10  ? 17  LEU A CD2   1 
ATOM   142  N  N     . SER A 1 43  ? 1.847   0.188   20.386  1.00 18.23  ? 18  SER A N     1 
ATOM   143  C  CA    . SER A 1 43  ? 1.346   1.258   21.253  1.00 17.74  ? 18  SER A CA    1 
ATOM   144  C  C     . SER A 1 43  ? 1.043   2.531   20.466  1.00 17.88  ? 18  SER A C     1 
ATOM   145  O  O     . SER A 1 43  ? 1.818   2.920   19.591  1.00 19.74  ? 18  SER A O     1 
ATOM   146  C  CB    . SER A 1 43  ? 2.365   1.592   22.342  1.00 16.90  ? 18  SER A CB    1 
ATOM   147  O  OG    . SER A 1 43  ? 3.407   2.401   21.825  1.00 20.24  ? 18  SER A OG    1 
ATOM   148  N  N     . THR A 1 44  ? -0.065  3.190   20.803  1.00 16.43  ? 19  THR A N     1 
ATOM   149  C  CA    . THR A 1 44  ? -0.486  4.408   20.119  1.00 17.36  ? 19  THR A CA    1 
ATOM   150  C  C     . THR A 1 44  ? 0.657   5.392   19.859  1.00 17.00  ? 19  THR A C     1 
ATOM   151  O  O     . THR A 1 44  ? 0.790   5.905   18.746  1.00 17.28  ? 19  THR A O     1 
ATOM   152  C  CB    . THR A 1 44  ? -1.616  5.140   20.907  1.00 17.88  ? 19  THR A CB    1 
ATOM   153  O  OG1   . THR A 1 44  ? -2.745  4.268   21.054  1.00 19.57  ? 19  THR A OG1   1 
ATOM   154  C  CG2   . THR A 1 44  ? -2.068  6.404   20.164  1.00 15.74  ? 19  THR A CG2   1 
ATOM   155  N  N     . ILE A 1 45  ? 1.484   5.646   20.873  1.00 17.97  ? 20  ILE A N     1 
ATOM   156  C  CA    . ILE A 1 45  ? 2.602   6.580   20.727  1.00 17.60  ? 20  ILE A CA    1 
ATOM   157  C  C     . ILE A 1 45  ? 3.623   6.136   19.680  1.00 17.57  ? 20  ILE A C     1 
ATOM   158  O  O     . ILE A 1 45  ? 4.098   6.956   18.895  1.00 17.74  ? 20  ILE A O     1 
ATOM   159  C  CB    . ILE A 1 45  ? 3.347   6.811   22.068  1.00 18.13  ? 20  ILE A CB    1 
ATOM   160  C  CG1   . ILE A 1 45  ? 2.404   7.424   23.111  1.00 20.68  ? 20  ILE A CG1   1 
ATOM   161  C  CG2   . ILE A 1 45  ? 4.524   7.763   21.849  1.00 19.51  ? 20  ILE A CG2   1 
ATOM   162  C  CD1   . ILE A 1 45  ? 1.910   8.815   22.756  1.00 20.73  ? 20  ILE A CD1   1 
ATOM   163  N  N     . GLU A 1 46  ? 3.980   4.856   19.667  1.00 15.75  ? 21  GLU A N     1 
ATOM   164  C  CA    . GLU A 1 46  ? 4.935   4.387   18.664  1.00 16.91  ? 21  GLU A CA    1 
ATOM   165  C  C     . GLU A 1 46  ? 4.314   4.455   17.283  1.00 15.15  ? 21  GLU A C     1 
ATOM   166  O  O     . GLU A 1 46  ? 4.906   4.999   16.348  1.00 13.48  ? 21  GLU A O     1 
ATOM   167  C  CB    . GLU A 1 46  ? 5.361   2.944   18.914  1.00 18.16  ? 21  GLU A CB    1 
ATOM   168  C  CG    . GLU A 1 46  ? 6.539   2.790   19.817  1.00 23.55  ? 21  GLU A CG    1 
ATOM   169  C  CD    . GLU A 1 46  ? 7.094   1.388   19.759  1.00 27.58  ? 21  GLU A CD    1 
ATOM   170  O  OE1   . GLU A 1 46  ? 6.301   0.431   19.916  1.00 29.78  ? 21  GLU A OE1   1 
ATOM   171  O  OE2   . GLU A 1 46  ? 8.321   1.240   19.556  1.00 28.11  ? 21  GLU A OE2   1 
ATOM   172  N  N     . LYS A 1 47  ? 3.121   3.888   17.158  1.00 14.89  ? 22  LYS A N     1 
ATOM   173  C  CA    . LYS A 1 47  ? 2.435   3.891   15.879  1.00 15.18  ? 22  LYS A CA    1 
ATOM   174  C  C     . LYS A 1 47  ? 2.489   5.301   15.349  1.00 15.12  ? 22  LYS A C     1 
ATOM   175  O  O     . LYS A 1 47  ? 2.886   5.534   14.211  1.00 16.02  ? 22  LYS A O     1 
ATOM   176  C  CB    . LYS A 1 47  ? 0.974   3.459   16.032  1.00 13.81  ? 22  LYS A CB    1 
ATOM   177  C  CG    . LYS A 1 47  ? 0.210   3.530   14.727  1.00 15.32  ? 22  LYS A CG    1 
ATOM   178  C  CD    . LYS A 1 47  ? -1.185  2.959   14.838  1.00 16.99  ? 22  LYS A CD    1 
ATOM   179  C  CE    . LYS A 1 47  ? -1.621  2.327   13.519  1.00 17.96  ? 22  LYS A CE    1 
ATOM   180  N  NZ    . LYS A 1 47  ? -1.478  3.246   12.345  1.00 19.69  ? 22  LYS A NZ    1 
ATOM   181  N  N     . SER A 1 48  ? 2.093   6.236   16.202  1.00 13.70  ? 23  SER A N     1 
ATOM   182  C  CA    . SER A 1 48  ? 2.074   7.645   15.865  1.00 14.57  ? 23  SER A CA    1 
ATOM   183  C  C     . SER A 1 48  ? 3.440   8.115   15.382  1.00 15.03  ? 23  SER A C     1 
ATOM   184  O  O     . SER A 1 48  ? 3.541   8.845   14.404  1.00 14.19  ? 23  SER A O     1 
ATOM   185  C  CB    . SER A 1 48  ? 1.645   8.451   17.091  1.00 16.07  ? 23  SER A CB    1 
ATOM   186  O  OG    . SER A 1 48  ? 1.684   9.842   16.835  1.00 17.24  ? 23  SER A OG    1 
ATOM   187  N  N     . HIS A 1 49  ? 4.492   7.685   16.070  1.00 15.19  ? 24  HIS A N     1 
ATOM   188  C  CA    . HIS A 1 49  ? 5.852   8.073   15.719  1.00 16.71  ? 24  HIS A CA    1 
ATOM   189  C  C     . HIS A 1 49  ? 6.338   7.438   14.415  1.00 16.13  ? 24  HIS A C     1 
ATOM   190  O  O     . HIS A 1 49  ? 7.133   8.029   13.674  1.00 14.58  ? 24  HIS A O     1 
ATOM   191  C  CB    . HIS A 1 49  ? 6.797   7.729   16.881  1.00 21.00  ? 24  HIS A CB    1 
ATOM   192  C  CG    . HIS A 1 49  ? 8.241   8.004   16.596  1.00 27.16  ? 24  HIS A CG    1 
ATOM   193  N  ND1   . HIS A 1 49  ? 9.026   7.160   15.838  1.00 30.01  ? 24  HIS A ND1   1 
ATOM   194  C  CD2   . HIS A 1 49  ? 9.045   9.027   16.972  1.00 29.33  ? 24  HIS A CD2   1 
ATOM   195  C  CE1   . HIS A 1 49  ? 10.251  7.651   15.760  1.00 30.46  ? 24  HIS A CE1   1 
ATOM   196  N  NE2   . HIS A 1 49  ? 10.288  8.784   16.440  1.00 31.15  ? 24  HIS A NE2   1 
ATOM   197  N  N     . LEU A 1 50  ? 5.852   6.239   14.123  1.00 12.20  ? 25  LEU A N     1 
ATOM   198  C  CA    . LEU A 1 50  ? 6.256   5.573   12.898  1.00 11.99  ? 25  LEU A CA    1 
ATOM   199  C  C     . LEU A 1 50  ? 5.434   6.042   11.694  1.00 13.94  ? 25  LEU A C     1 
ATOM   200  O  O     . LEU A 1 50  ? 5.948   6.121   10.582  1.00 13.47  ? 25  LEU A O     1 
ATOM   201  C  CB    . LEU A 1 50  ? 6.165   4.057   13.080  1.00 10.16  ? 25  LEU A CB    1 
ATOM   202  C  CG    . LEU A 1 50  ? 7.083   3.565   14.209  1.00 7.36   ? 25  LEU A CG    1 
ATOM   203  C  CD1   . LEU A 1 50  ? 6.572   2.253   14.753  1.00 8.32   ? 25  LEU A CD1   1 
ATOM   204  C  CD2   . LEU A 1 50  ? 8.513   3.439   13.710  1.00 5.25   ? 25  LEU A CD2   1 
ATOM   205  N  N     . ASP A 1 51  ? 4.166   6.377   11.904  1.00 14.33  ? 26  ASP A N     1 
ATOM   206  C  CA    . ASP A 1 51  ? 3.339   6.854   10.796  1.00 17.76  ? 26  ASP A CA    1 
ATOM   207  C  C     . ASP A 1 51  ? 3.766   8.265   10.381  1.00 18.50  ? 26  ASP A C     1 
ATOM   208  O  O     . ASP A 1 51  ? 3.793   8.606   9.197   1.00 19.00  ? 26  ASP A O     1 
ATOM   209  C  CB    . ASP A 1 51  ? 1.867   6.827   11.192  1.00 19.39  ? 26  ASP A CB    1 
ATOM   210  C  CG    . ASP A 1 51  ? 1.331   5.413   11.319  1.00 20.32  ? 26  ASP A CG    1 
ATOM   211  O  OD1   . ASP A 1 51  ? 0.179   5.261   11.766  1.00 21.28  ? 26  ASP A OD1   1 
ATOM   212  O  OD2   . ASP A 1 51  ? 2.062   4.454   10.974  1.00 19.15  ? 26  ASP A OD2   1 
ATOM   213  N  N     . GLN A 1 52  ? 4.116   9.079   11.365  1.00 18.84  ? 27  GLN A N     1 
ATOM   214  C  CA    . GLN A 1 52  ? 4.580   10.422  11.087  1.00 18.61  ? 27  GLN A CA    1 
ATOM   215  C  C     . GLN A 1 52  ? 5.823   10.298  10.194  1.00 17.44  ? 27  GLN A C     1 
ATOM   216  O  O     . GLN A 1 52  ? 5.860   10.860  9.107   1.00 16.48  ? 27  GLN A O     1 
ATOM   217  C  CB    . GLN A 1 52  ? 4.936   11.127  12.390  1.00 20.26  ? 27  GLN A CB    1 
ATOM   218  C  CG    . GLN A 1 52  ? 4.783   12.628  12.346  1.00 25.02  ? 27  GLN A CG    1 
ATOM   219  C  CD    . GLN A 1 52  ? 3.325   13.074  12.252  1.00 27.59  ? 27  GLN A CD    1 
ATOM   220  O  OE1   . GLN A 1 52  ? 2.463   12.581  12.985  1.00 29.58  ? 27  GLN A OE1   1 
ATOM   221  N  NE2   . GLN A 1 52  ? 3.051   14.020  11.361  1.00 25.57  ? 27  GLN A NE2   1 
ATOM   222  N  N     . LYS A 1 53  ? 6.830   9.555   10.650  1.00 16.85  ? 28  LYS A N     1 
ATOM   223  C  CA    . LYS A 1 53  ? 8.057   9.360   9.866   1.00 18.24  ? 28  LYS A CA    1 
ATOM   224  C  C     . LYS A 1 53  ? 7.765   8.905   8.441   1.00 16.42  ? 28  LYS A C     1 
ATOM   225  O  O     . LYS A 1 53  ? 8.230   9.512   7.478   1.00 16.03  ? 28  LYS A O     1 
ATOM   226  C  CB    . LYS A 1 53  ? 8.968   8.307   10.509  1.00 21.60  ? 28  LYS A CB    1 
ATOM   227  C  CG    . LYS A 1 53  ? 9.550   8.680   11.854  1.00 26.60  ? 28  LYS A CG    1 
ATOM   228  C  CD    . LYS A 1 53  ? 10.448  7.565   12.408  1.00 29.81  ? 28  LYS A CD    1 
ATOM   229  C  CE    . LYS A 1 53  ? 11.723  7.389   11.583  1.00 30.28  ? 28  LYS A CE    1 
ATOM   230  N  NZ    . LYS A 1 53  ? 12.603  6.304   12.107  1.00 30.80  ? 28  LYS A NZ    1 
ATOM   231  N  N     . ILE A 1 54  ? 6.996   7.826   8.324   1.00 14.92  ? 29  ILE A N     1 
ATOM   232  C  CA    . ILE A 1 54  ? 6.645   7.262   7.031   1.00 13.66  ? 29  ILE A CA    1 
ATOM   233  C  C     . ILE A 1 54  ? 5.907   8.235   6.125   1.00 13.60  ? 29  ILE A C     1 
ATOM   234  O  O     . ILE A 1 54  ? 6.231   8.346   4.948   1.00 12.04  ? 29  ILE A O     1 
ATOM   235  C  CB    . ILE A 1 54  ? 5.799   5.975   7.192   1.00 14.43  ? 29  ILE A CB    1 
ATOM   236  C  CG1   . ILE A 1 54  ? 6.664   4.846   7.768   1.00 12.47  ? 29  ILE A CG1   1 
ATOM   237  C  CG2   . ILE A 1 54  ? 5.236   5.557   5.848   1.00 12.64  ? 29  ILE A CG2   1 
ATOM   238  C  CD1   . ILE A 1 54  ? 5.887   3.631   8.236   1.00 13.13  ? 29  ILE A CD1   1 
ATOM   239  N  N     . ASN A 1 55  ? 4.919   8.950   6.656   1.00 14.58  ? 30  ASN A N     1 
ATOM   240  C  CA    . ASN A 1 55  ? 4.191   9.900   5.819   1.00 14.42  ? 30  ASN A CA    1 
ATOM   241  C  C     . ASN A 1 55  ? 5.101   10.992  5.299   1.00 14.24  ? 30  ASN A C     1 
ATOM   242  O  O     . ASN A 1 55  ? 4.880   11.512  4.213   1.00 16.81  ? 30  ASN A O     1 
ATOM   243  C  CB    . ASN A 1 55  ? 3.003   10.504  6.567   1.00 13.01  ? 30  ASN A CB    1 
ATOM   244  C  CG    . ASN A 1 55  ? 1.770   9.623   6.492   1.00 13.67  ? 30  ASN A CG    1 
ATOM   245  O  OD1   . ASN A 1 55  ? 1.794   8.461   6.902   1.00 10.63  ? 30  ASN A OD1   1 
ATOM   246  N  ND2   . ASN A 1 55  ? 0.687   10.169  5.955   1.00 9.67   ? 30  ASN A ND2   1 
ATOM   247  N  N     . GLN A 1 56  ? 6.135   11.323  6.066   1.00 14.25  ? 31  GLN A N     1 
ATOM   248  C  CA    . GLN A 1 56  ? 7.097   12.341  5.658   1.00 16.84  ? 31  GLN A CA    1 
ATOM   249  C  C     . GLN A 1 56  ? 8.022   11.807  4.559   1.00 16.71  ? 31  GLN A C     1 
ATOM   250  O  O     . GLN A 1 56  ? 8.351   12.524  3.614   1.00 17.74  ? 31  GLN A O     1 
ATOM   251  C  CB    . GLN A 1 56  ? 7.907   12.830  6.871   1.00 17.18  ? 31  GLN A CB    1 
ATOM   252  C  CG    . GLN A 1 56  ? 7.031   13.514  7.929   1.00 20.05  ? 31  GLN A CG    1 
ATOM   253  C  CD    . GLN A 1 56  ? 7.821   14.199  9.037   1.00 20.70  ? 31  GLN A CD    1 
ATOM   254  O  OE1   . GLN A 1 56  ? 8.610   13.570  9.742   1.00 18.87  ? 31  GLN A OE1   1 
ATOM   255  N  NE2   . GLN A 1 56  ? 7.598   15.498  9.196   1.00 21.00  ? 31  GLN A NE2   1 
ATOM   256  N  N     . LYS A 1 57  ? 8.447   10.554  4.665   1.00 16.30  ? 32  LYS A N     1 
ATOM   257  C  CA    . LYS A 1 57  ? 9.298   10.003  3.619   1.00 18.83  ? 32  LYS A CA    1 
ATOM   258  C  C     . LYS A 1 57  ? 8.468   9.961   2.337   1.00 20.47  ? 32  LYS A C     1 
ATOM   259  O  O     . LYS A 1 57  ? 8.994   10.051  1.225   1.00 21.18  ? 32  LYS A O     1 
ATOM   260  C  CB    . LYS A 1 57  ? 9.734   8.577   3.945   1.00 19.33  ? 32  LYS A CB    1 
ATOM   261  C  CG    . LYS A 1 57  ? 10.823  8.427   4.976   1.00 19.35  ? 32  LYS A CG    1 
ATOM   262  C  CD    . LYS A 1 57  ? 11.479  7.059   4.799   1.00 21.90  ? 32  LYS A CD    1 
ATOM   263  C  CE    . LYS A 1 57  ? 12.377  6.689   5.954   1.00 22.50  ? 32  LYS A CE    1 
ATOM   264  N  NZ    . LYS A 1 57  ? 11.563  6.477   7.182   1.00 25.68  ? 32  LYS A NZ    1 
ATOM   265  N  N     . LEU A 1 58  ? 7.159   9.815   2.520   1.00 21.43  ? 33  LEU A N     1 
ATOM   266  C  CA    . LEU A 1 58  ? 6.204   9.724   1.422   1.00 21.95  ? 33  LEU A CA    1 
ATOM   267  C  C     . LEU A 1 58  ? 6.039   11.055  0.689   1.00 23.05  ? 33  LEU A C     1 
ATOM   268  O  O     . LEU A 1 58  ? 5.926   11.091  -0.537  1.00 23.37  ? 33  LEU A O     1 
ATOM   269  C  CB    . LEU A 1 58  ? 4.865   9.256   1.979   1.00 21.82  ? 33  LEU A CB    1 
ATOM   270  C  CG    . LEU A 1 58  ? 3.886   8.521   1.080   1.00 20.60  ? 33  LEU A CG    1 
ATOM   271  C  CD1   . LEU A 1 58  ? 4.557   7.302   0.477   1.00 20.14  ? 33  LEU A CD1   1 
ATOM   272  C  CD2   . LEU A 1 58  ? 2.678   8.114   1.917   1.00 20.65  ? 33  LEU A CD2   1 
ATOM   273  N  N     . VAL A 1 59  ? 6.018   12.144  1.449   1.00 23.52  ? 34  VAL A N     1 
ATOM   274  C  CA    . VAL A 1 59  ? 5.888   13.479  0.882   1.00 23.44  ? 34  VAL A CA    1 
ATOM   275  C  C     . VAL A 1 59  ? 7.178   13.847  0.155   1.00 24.40  ? 34  VAL A C     1 
ATOM   276  O  O     . VAL A 1 59  ? 7.154   14.497  -0.892  1.00 22.44  ? 34  VAL A O     1 
ATOM   277  C  CB    . VAL A 1 59  ? 5.634   14.521  1.981   1.00 24.35  ? 34  VAL A CB    1 
ATOM   278  C  CG1   . VAL A 1 59  ? 5.665   15.928  1.386   1.00 22.93  ? 34  VAL A CG1   1 
ATOM   279  C  CG2   . VAL A 1 59  ? 4.295   14.243  2.652   1.00 22.70  ? 34  VAL A CG2   1 
ATOM   280  N  N     . ALA A 1 60  ? 8.301   13.423  0.725   1.00 24.91  ? 35  ALA A N     1 
ATOM   281  C  CA    . ALA A 1 60  ? 9.608   13.686  0.141   1.00 26.61  ? 35  ALA A CA    1 
ATOM   282  C  C     . ALA A 1 60  ? 9.843   12.742  -1.025  1.00 26.55  ? 35  ALA A C     1 
ATOM   283  O  O     . ALA A 1 60  ? 10.740  12.955  -1.838  1.00 28.21  ? 35  ALA A O     1 
ATOM   284  C  CB    . ALA A 1 60  ? 10.700  13.504  1.187   1.00 26.77  ? 35  ALA A CB    1 
ATOM   285  N  N     . PHE A 1 61  ? 9.041   11.689  -1.103  1.00 26.88  ? 36  PHE A N     1 
ATOM   286  C  CA    . PHE A 1 61  ? 9.182   10.736  -2.190  1.00 26.97  ? 36  PHE A CA    1 
ATOM   287  C  C     . PHE A 1 61  ? 8.528   11.248  -3.465  1.00 27.23  ? 36  PHE A C     1 
ATOM   288  O  O     . PHE A 1 61  ? 9.037   11.028  -4.559  1.00 27.27  ? 36  PHE A O     1 
ATOM   289  C  CB    . PHE A 1 61  ? 8.559   9.387   -1.831  1.00 26.63  ? 36  PHE A CB    1 
ATOM   290  C  CG    . PHE A 1 61  ? 8.275   8.530   -3.035  1.00 27.71  ? 36  PHE A CG    1 
ATOM   291  C  CD1   . PHE A 1 61  ? 9.316   8.073   -3.838  1.00 29.01  ? 36  PHE A CD1   1 
ATOM   292  C  CD2   . PHE A 1 61  ? 6.965   8.265   -3.424  1.00 27.09  ? 36  PHE A CD2   1 
ATOM   293  C  CE1   . PHE A 1 61  ? 9.059   7.373   -5.017  1.00 29.37  ? 36  PHE A CE1   1 
ATOM   294  C  CE2   . PHE A 1 61  ? 6.695   7.567   -4.600  1.00 29.03  ? 36  PHE A CE2   1 
ATOM   295  C  CZ    . PHE A 1 61  ? 7.746   7.121   -5.400  1.00 30.48  ? 36  PHE A CZ    1 
ATOM   296  N  N     . LEU A 1 62  ? 7.398   11.930  -3.312  1.00 28.67  ? 37  LEU A N     1 
ATOM   297  C  CA    . LEU A 1 62  ? 6.643   12.445  -4.447  1.00 31.18  ? 37  LEU A CA    1 
ATOM   298  C  C     . LEU A 1 62  ? 7.144   13.756  -5.052  1.00 33.31  ? 37  LEU A C     1 
ATOM   299  O  O     . LEU A 1 62  ? 7.417   13.831  -6.251  1.00 33.90  ? 37  LEU A O     1 
ATOM   300  C  CB    . LEU A 1 62  ? 5.170   12.586  -4.050  1.00 29.61  ? 37  LEU A CB    1 
ATOM   301  C  CG    . LEU A 1 62  ? 4.517   11.278  -3.583  1.00 29.32  ? 37  LEU A CG    1 
ATOM   302  C  CD1   . LEU A 1 62  ? 3.083   11.537  -3.157  1.00 27.49  ? 37  LEU A CD1   1 
ATOM   303  C  CD2   . LEU A 1 62  ? 4.574   10.250  -4.700  1.00 26.12  ? 37  LEU A CD2   1 
ATOM   304  N  N     . THR A 1 63  ? 7.262   14.782  -4.213  1.00 36.14  ? 38  THR A N     1 
ATOM   305  C  CA    . THR A 1 63  ? 7.706   16.112  -4.629  1.00 38.61  ? 38  THR A CA    1 
ATOM   306  C  C     . THR A 1 63  ? 8.727   16.148  -5.771  1.00 40.50  ? 38  THR A C     1 
ATOM   307  O  O     . THR A 1 63  ? 8.578   16.920  -6.718  1.00 40.03  ? 38  THR A O     1 
ATOM   308  C  CB    . THR A 1 63  ? 8.304   16.886  -3.436  1.00 38.73  ? 38  THR A CB    1 
ATOM   309  O  OG1   . THR A 1 63  ? 7.393   16.844  -2.330  1.00 39.23  ? 38  THR A OG1   1 
ATOM   310  C  CG2   . THR A 1 63  ? 8.559   18.340  -3.821  1.00 40.16  ? 38  THR A CG2   1 
ATOM   311  N  N     . PRO A 1 64  ? 9.777   15.316  -5.695  1.00 42.30  ? 39  PRO A N     1 
ATOM   312  C  CA    . PRO A 1 64  ? 10.821  15.271  -6.730  1.00 44.44  ? 39  PRO A CA    1 
ATOM   313  C  C     . PRO A 1 64  ? 10.389  14.722  -8.088  1.00 45.32  ? 39  PRO A C     1 
ATOM   314  O  O     . PRO A 1 64  ? 11.219  14.521  -8.980  1.00 45.03  ? 39  PRO A O     1 
ATOM   315  C  CB    . PRO A 1 64  ? 11.902  14.407  -6.082  1.00 45.36  ? 39  PRO A CB    1 
ATOM   316  C  CG    . PRO A 1 64  ? 11.095  13.449  -5.248  1.00 44.83  ? 39  PRO A CG    1 
ATOM   317  C  CD    . PRO A 1 64  ? 10.083  14.373  -4.603  1.00 43.15  ? 39  PRO A CD    1 
ATOM   318  N  N     . LYS A 1 65  ? 9.090   14.487  -8.240  1.00 46.37  ? 40  LYS A N     1 
ATOM   319  C  CA    . LYS A 1 65  ? 8.537   13.947  -9.476  1.00 46.07  ? 40  LYS A CA    1 
ATOM   320  C  C     . LYS A 1 65  ? 7.047   14.258  -9.530  1.00 46.81  ? 40  LYS A C     1 
ATOM   321  O  O     . LYS A 1 65  ? 6.206   13.355  -9.496  1.00 47.49  ? 40  LYS A O     1 
ATOM   322  C  CB    . LYS A 1 65  ? 8.762   12.431  -9.521  1.00 46.07  ? 40  LYS A CB    1 
ATOM   323  C  CG    . LYS A 1 65  ? 8.246   11.677  -8.288  1.00 43.15  ? 40  LYS A CG    1 
ATOM   324  C  CD    . LYS A 1 65  ? 8.746   10.236  -8.248  1.00 41.29  ? 40  LYS A CD    1 
ATOM   325  C  CE    . LYS A 1 65  ? 10.263  10.156  -8.039  1.00 41.15  ? 40  LYS A CE    1 
ATOM   326  N  NZ    . LYS A 1 65  ? 10.722  10.676  -6.711  1.00 39.35  ? 40  LYS A NZ    1 
ATOM   327  N  N     . PRO A 1 66  ? 6.698   15.552  -9.604  1.00 46.27  ? 41  PRO A N     1 
ATOM   328  C  CA    . PRO A 1 66  ? 5.295   15.969  -9.661  1.00 45.16  ? 41  PRO A CA    1 
ATOM   329  C  C     . PRO A 1 66  ? 4.650   15.587  -10.992 1.00 43.76  ? 41  PRO A C     1 
ATOM   330  O  O     . PRO A 1 66  ? 4.221   16.449  -11.765 1.00 43.77  ? 41  PRO A O     1 
ATOM   331  C  CB    . PRO A 1 66  ? 5.383   17.478  -9.453  1.00 45.47  ? 41  PRO A CB    1 
ATOM   332  C  CG    . PRO A 1 66  ? 6.669   17.817  -10.131 1.00 46.70  ? 41  PRO A CG    1 
ATOM   333  C  CD    . PRO A 1 66  ? 7.597   16.719  -9.657  1.00 46.45  ? 41  PRO A CD    1 
ATOM   334  N  N     . CYS A 1 67  ? 4.593   14.284  -11.247 1.00 41.37  ? 42  CYS A N     1 
ATOM   335  C  CA    . CYS A 1 67  ? 4.013   13.756  -12.474 1.00 39.18  ? 42  CYS A CA    1 
ATOM   336  C  C     . CYS A 1 67  ? 2.772   12.939  -12.131 1.00 38.00  ? 42  CYS A C     1 
ATOM   337  O  O     . CYS A 1 67  ? 1.947   12.642  -12.996 1.00 38.49  ? 42  CYS A O     1 
ATOM   338  C  CB    . CYS A 1 67  ? 5.035   12.880  -13.201 1.00 38.10  ? 42  CYS A CB    1 
ATOM   339  S  SG    . CYS A 1 67  ? 6.595   13.730  -13.561 1.00 37.25  ? 42  CYS A SG    1 
ATOM   340  N  N     . ILE A 1 68  ? 2.650   12.579  -10.859 1.00 35.37  ? 43  ILE A N     1 
ATOM   341  C  CA    . ILE A 1 68  ? 1.507   11.812  -10.393 1.00 33.53  ? 43  ILE A CA    1 
ATOM   342  C  C     . ILE A 1 68  ? 0.292   12.729  -10.285 1.00 32.63  ? 43  ILE A C     1 
ATOM   343  O  O     . ILE A 1 68  ? 0.275   13.653  -9.475  1.00 33.58  ? 43  ILE A O     1 
ATOM   344  C  CB    . ILE A 1 68  ? 1.788   11.187  -9.010  1.00 33.71  ? 43  ILE A CB    1 
ATOM   345  C  CG1   . ILE A 1 68  ? 2.940   10.186  -9.117  1.00 33.49  ? 43  ILE A CG1   1 
ATOM   346  C  CG2   . ILE A 1 68  ? 0.543   10.511  -8.474  1.00 32.17  ? 43  ILE A CG2   1 
ATOM   347  C  CD1   . ILE A 1 68  ? 2.702   9.071   -10.112 1.00 33.31  ? 43  ILE A CD1   1 
ATOM   348  N  N     . LYS A 1 69  ? -0.718  12.478  -11.109 1.00 29.82  ? 44  LYS A N     1 
ATOM   349  C  CA    . LYS A 1 69  ? -1.933  13.282  -11.086 1.00 27.27  ? 44  LYS A CA    1 
ATOM   350  C  C     . LYS A 1 69  ? -3.057  12.527  -10.373 1.00 26.07  ? 44  LYS A C     1 
ATOM   351  O  O     . LYS A 1 69  ? -3.953  13.141  -9.794  1.00 25.77  ? 44  LYS A O     1 
ATOM   352  C  CB    . LYS A 1 69  ? -2.339  13.644  -12.517 1.00 28.50  ? 44  LYS A CB    1 
ATOM   353  C  CG    . LYS A 1 69  ? -3.575  14.515  -12.629 1.00 28.14  ? 44  LYS A CG    1 
ATOM   354  C  CD    . LYS A 1 69  ? -3.528  15.366  -13.898 1.00 30.23  ? 44  LYS A CD    1 
ATOM   355  C  CE    . LYS A 1 69  ? -3.351  14.527  -15.161 1.00 30.60  ? 44  LYS A CE    1 
ATOM   356  N  NZ    . LYS A 1 69  ? -3.190  15.386  -16.376 1.00 31.25  ? 44  LYS A NZ    1 
ATOM   357  N  N     . THR A 1 70  ? -2.993  11.197  -10.422 1.00 23.61  ? 45  THR A N     1 
ATOM   358  C  CA    . THR A 1 70  ? -3.969  10.326  -9.767  1.00 21.87  ? 45  THR A CA    1 
ATOM   359  C  C     . THR A 1 70  ? -3.223  9.212   -9.032  1.00 20.08  ? 45  THR A C     1 
ATOM   360  O  O     . THR A 1 70  ? -2.518  8.425   -9.649  1.00 22.17  ? 45  THR A O     1 
ATOM   361  C  CB    . THR A 1 70  ? -4.932  9.701   -10.783 1.00 21.81  ? 45  THR A CB    1 
ATOM   362  O  OG1   . THR A 1 70  ? -5.732  10.731  -11.368 1.00 23.48  ? 45  THR A OG1   1 
ATOM   363  C  CG2   . THR A 1 70  ? -5.850  8.704   -10.107 1.00 20.83  ? 45  THR A CG2   1 
ATOM   364  N  N     . ILE A 1 71  ? -3.387  9.148   -7.714  1.00 18.43  ? 46  ILE A N     1 
ATOM   365  C  CA    . ILE A 1 71  ? -2.697  8.150   -6.902  1.00 15.94  ? 46  ILE A CA    1 
ATOM   366  C  C     . ILE A 1 71  ? -3.618  7.179   -6.164  1.00 15.69  ? 46  ILE A C     1 
ATOM   367  O  O     . ILE A 1 71  ? -4.692  7.556   -5.696  1.00 14.11  ? 46  ILE A O     1 
ATOM   368  C  CB    . ILE A 1 71  ? -1.781  8.839   -5.856  1.00 14.83  ? 46  ILE A CB    1 
ATOM   369  C  CG1   . ILE A 1 71  ? -0.915  7.806   -5.139  1.00 14.63  ? 46  ILE A CG1   1 
ATOM   370  C  CG2   . ILE A 1 71  ? -2.626  9.602   -4.845  1.00 12.22  ? 46  ILE A CG2   1 
ATOM   371  C  CD1   . ILE A 1 71  ? 0.271   8.416   -4.431  1.00 14.84  ? 46  ILE A CD1   1 
ATOM   372  N  N     . ALA A 1 72  ? -3.171  5.929   -6.053  1.00 12.88  ? 47  ALA A N     1 
ATOM   373  C  CA    . ALA A 1 72  ? -3.927  4.892   -5.369  1.00 10.92  ? 47  ALA A CA    1 
ATOM   374  C  C     . ALA A 1 72  ? -3.468  4.784   -3.923  1.00 9.89   ? 47  ALA A C     1 
ATOM   375  O  O     . ALA A 1 72  ? -2.286  4.604   -3.644  1.00 8.53   ? 47  ALA A O     1 
ATOM   376  C  CB    . ALA A 1 72  ? -3.752  3.558   -6.069  1.00 7.43   ? 47  ALA A CB    1 
ATOM   377  N  N     . LEU A 1 73  ? -4.429  4.907   -3.015  1.00 10.17  ? 48  LEU A N     1 
ATOM   378  C  CA    . LEU A 1 73  ? -4.188  4.829   -1.582  1.00 12.05  ? 48  LEU A CA    1 
ATOM   379  C  C     . LEU A 1 73  ? -4.975  3.638   -1.054  1.00 12.85  ? 48  LEU A C     1 
ATOM   380  O  O     . LEU A 1 73  ? -5.301  2.713   -1.801  1.00 11.68  ? 48  LEU A O     1 
ATOM   381  C  CB    . LEU A 1 73  ? -4.693  6.105   -0.884  1.00 11.20  ? 48  LEU A CB    1 
ATOM   382  C  CG    . LEU A 1 73  ? -3.890  7.411   -0.887  1.00 12.55  ? 48  LEU A CG    1 
ATOM   383  C  CD1   . LEU A 1 73  ? -3.260  7.680   -2.231  1.00 14.18  ? 48  LEU A CD1   1 
ATOM   384  C  CD2   . LEU A 1 73  ? -4.808  8.543   -0.493  1.00 12.70  ? 48  LEU A CD2   1 
ATOM   385  N  N     . TYR A 1 74  ? -5.277  3.678   0.239   1.00 10.50  ? 49  TYR A N     1 
ATOM   386  C  CA    . TYR A 1 74  ? -6.051  2.631   0.889   1.00 13.11  ? 49  TYR A CA    1 
ATOM   387  C  C     . TYR A 1 74  ? -6.576  3.156   2.228   1.00 13.66  ? 49  TYR A C     1 
ATOM   388  O  O     . TYR A 1 74  ? -6.102  4.178   2.729   1.00 13.19  ? 49  TYR A O     1 
ATOM   389  C  CB    . TYR A 1 74  ? -5.191  1.373   1.083   1.00 11.78  ? 49  TYR A CB    1 
ATOM   390  C  CG    . TYR A 1 74  ? -4.089  1.490   2.108   1.00 13.57  ? 49  TYR A CG    1 
ATOM   391  C  CD1   . TYR A 1 74  ? -4.362  1.362   3.477   1.00 14.43  ? 49  TYR A CD1   1 
ATOM   392  C  CD2   . TYR A 1 74  ? -2.761  1.675   1.719   1.00 13.53  ? 49  TYR A CD2   1 
ATOM   393  C  CE1   . TYR A 1 74  ? -3.341  1.406   4.426   1.00 13.33  ? 49  TYR A CE1   1 
ATOM   394  C  CE2   . TYR A 1 74  ? -1.734  1.718   2.659   1.00 12.41  ? 49  TYR A CE2   1 
ATOM   395  C  CZ    . TYR A 1 74  ? -2.030  1.578   4.010   1.00 13.37  ? 49  TYR A CZ    1 
ATOM   396  O  OH    . TYR A 1 74  ? -1.014  1.584   4.947   1.00 11.97  ? 49  TYR A OH    1 
ATOM   397  N  N     . GLU A 1 75  ? -7.567  2.469   2.790   1.00 14.99  ? 50  GLU A N     1 
ATOM   398  C  CA    . GLU A 1 75  ? -8.147  2.872   4.069   1.00 16.15  ? 50  GLU A CA    1 
ATOM   399  C  C     . GLU A 1 75  ? -7.649  1.928   5.155   1.00 17.32  ? 50  GLU A C     1 
ATOM   400  O  O     . GLU A 1 75  ? -8.198  0.845   5.349   1.00 16.86  ? 50  GLU A O     1 
ATOM   401  C  CB    . GLU A 1 75  ? -9.677  2.858   3.976   1.00 16.03  ? 50  GLU A CB    1 
ATOM   402  C  CG    . GLU A 1 75  ? -10.208 3.900   2.991   1.00 18.69  ? 50  GLU A CG    1 
ATOM   403  C  CD    . GLU A 1 75  ? -11.700 3.791   2.728   1.00 20.89  ? 50  GLU A CD    1 
ATOM   404  O  OE1   . GLU A 1 75  ? -12.153 2.718   2.277   1.00 21.67  ? 50  GLU A OE1   1 
ATOM   405  O  OE2   . GLU A 1 75  ? -12.421 4.786   2.963   1.00 22.69  ? 50  GLU A OE2   1 
ATOM   406  N  N     . PRO A 1 76  ? -6.600  2.346   5.890   1.00 17.88  ? 51  PRO A N     1 
ATOM   407  C  CA    . PRO A 1 76  ? -5.995  1.552   6.964   1.00 19.38  ? 51  PRO A CA    1 
ATOM   408  C  C     . PRO A 1 76  ? -7.002  0.752   7.776   1.00 21.83  ? 51  PRO A C     1 
ATOM   409  O  O     . PRO A 1 76  ? -8.035  1.271   8.197   1.00 20.11  ? 51  PRO A O     1 
ATOM   410  C  CB    . PRO A 1 76  ? -5.249  2.599   7.794   1.00 18.14  ? 51  PRO A CB    1 
ATOM   411  C  CG    . PRO A 1 76  ? -5.988  3.858   7.509   1.00 18.29  ? 51  PRO A CG    1 
ATOM   412  C  CD    . PRO A 1 76  ? -6.236  3.764   6.040   1.00 16.54  ? 51  PRO A CD    1 
ATOM   413  N  N     . ILE A 1 77  ? -6.688  -0.520  7.990   1.00 23.93  ? 52  ILE A N     1 
ATOM   414  C  CA    . ILE A 1 77  ? -7.573  -1.396  8.732   1.00 26.87  ? 52  ILE A CA    1 
ATOM   415  C  C     . ILE A 1 77  ? -6.881  -2.043  9.943   1.00 25.74  ? 52  ILE A C     1 
ATOM   416  O  O     . ILE A 1 77  ? -6.659  -1.374  10.947  1.00 28.19  ? 52  ILE A O     1 
ATOM   417  C  CB    . ILE A 1 77  ? -8.203  -2.447  7.764   1.00 29.02  ? 52  ILE A CB    1 
ATOM   418  C  CG1   . ILE A 1 77  ? -9.253  -3.269  8.503   1.00 33.77  ? 52  ILE A CG1   1 
ATOM   419  C  CG2   . ILE A 1 77  ? -7.122  -3.308  7.115   1.00 29.55  ? 52  ILE A CG2   1 
ATOM   420  C  CD1   . ILE A 1 77  ? -10.426 -2.438  8.998   1.00 36.56  ? 52  ILE A CD1   1 
ATOM   421  N  N     . LYS A 1 78  ? -6.536  -3.320  9.871   1.00 23.97  ? 53  LYS A N     1 
ATOM   422  C  CA    . LYS A 1 78  ? -5.889  -4.001  10.994  1.00 21.20  ? 53  LYS A CA    1 
ATOM   423  C  C     . LYS A 1 78  ? -4.594  -3.326  11.461  1.00 18.93  ? 53  LYS A C     1 
ATOM   424  O  O     . LYS A 1 78  ? -3.520  -3.922  11.407  1.00 19.96  ? 53  LYS A O     1 
ATOM   425  C  CB    . LYS A 1 78  ? -5.595  -5.450  10.605  1.00 21.67  ? 53  LYS A CB    1 
ATOM   426  C  CG    . LYS A 1 78  ? -6.816  -6.343  10.505  1.00 22.44  ? 53  LYS A CG    1 
ATOM   427  C  CD    . LYS A 1 78  ? -7.280  -6.758  11.898  1.00 26.63  ? 53  LYS A CD    1 
ATOM   428  C  CE    . LYS A 1 78  ? -8.004  -8.101  11.877  1.00 29.13  ? 53  LYS A CE    1 
ATOM   429  N  NZ    . LYS A 1 78  ? -8.265  -8.612  13.255  1.00 26.64  ? 53  LYS A NZ    1 
ATOM   430  N  N     . ASN A 1 79  ? -4.702  -2.086  11.917  1.00 17.01  ? 54  ASN A N     1 
ATOM   431  C  CA    . ASN A 1 79  ? -3.553  -1.309  12.396  1.00 16.27  ? 54  ASN A CA    1 
ATOM   432  C  C     . ASN A 1 79  ? -2.433  -1.059  11.385  1.00 14.09  ? 54  ASN A C     1 
ATOM   433  O  O     . ASN A 1 79  ? -1.264  -0.983  11.753  1.00 12.67  ? 54  ASN A O     1 
ATOM   434  C  CB    . ASN A 1 79  ? -2.964  -1.955  13.655  1.00 18.26  ? 54  ASN A CB    1 
ATOM   435  C  CG    . ASN A 1 79  ? -2.998  -1.020  14.845  1.00 20.35  ? 54  ASN A CG    1 
ATOM   436  O  OD1   . ASN A 1 79  ? -3.968  -0.287  15.028  1.00 21.38  ? 54  ASN A OD1   1 
ATOM   437  N  ND2   . ASN A 1 79  ? -1.947  -1.039  15.663  1.00 21.69  ? 54  ASN A ND2   1 
ATOM   438  N  N     . GLU A 1 80  ? -2.803  -0.917  10.117  1.00 12.43  ? 55  GLU A N     1 
ATOM   439  C  CA    . GLU A 1 80  ? -1.840  -0.667  9.042   1.00 12.16  ? 55  GLU A CA    1 
ATOM   440  C  C     . GLU A 1 80  ? -1.258  0.744   9.171   1.00 11.92  ? 55  GLU A C     1 
ATOM   441  O  O     . GLU A 1 80  ? -1.751  1.548   9.963   1.00 11.04  ? 55  GLU A O     1 
ATOM   442  C  CB    . GLU A 1 80  ? -2.542  -0.804  7.683   1.00 10.38  ? 55  GLU A CB    1 
ATOM   443  C  CG    . GLU A 1 80  ? -3.136  -2.182  7.414   1.00 9.10   ? 55  GLU A CG    1 
ATOM   444  C  CD    . GLU A 1 80  ? -4.125  -2.199  6.252   1.00 7.53   ? 55  GLU A CD    1 
ATOM   445  O  OE1   . GLU A 1 80  ? -4.242  -3.248  5.590   1.00 7.74   ? 55  GLU A OE1   1 
ATOM   446  O  OE2   . GLU A 1 80  ? -4.800  -1.175  6.013   1.00 7.05   ? 55  GLU A OE2   1 
ATOM   447  N  N     . VAL A 1 81  ? -0.206  1.039   8.409   1.00 11.64  ? 56  VAL A N     1 
ATOM   448  C  CA    . VAL A 1 81  ? 0.380   2.377   8.433   1.00 11.63  ? 56  VAL A CA    1 
ATOM   449  C  C     . VAL A 1 81  ? -0.755  3.314   8.034   1.00 12.22  ? 56  VAL A C     1 
ATOM   450  O  O     . VAL A 1 81  ? -1.520  3.011   7.116   1.00 11.91  ? 56  VAL A O     1 
ATOM   451  C  CB    . VAL A 1 81  ? 1.538   2.537   7.408   1.00 11.30  ? 56  VAL A CB    1 
ATOM   452  C  CG1   . VAL A 1 81  ? 1.989   3.990   7.351   1.00 7.48   ? 56  VAL A CG1   1 
ATOM   453  C  CG2   . VAL A 1 81  ? 2.705   1.644   7.789   1.00 12.91  ? 56  VAL A CG2   1 
ATOM   454  N  N     . THR A 1 82  ? -0.862  4.440   8.730   1.00 11.63  ? 57  THR A N     1 
ATOM   455  C  CA    . THR A 1 82  ? -1.913  5.411   8.482   1.00 11.18  ? 57  THR A CA    1 
ATOM   456  C  C     . THR A 1 82  ? -1.431  6.585   7.644   1.00 13.31  ? 57  THR A C     1 
ATOM   457  O  O     . THR A 1 82  ? -0.257  6.937   7.680   1.00 15.52  ? 57  THR A O     1 
ATOM   458  C  CB    . THR A 1 82  ? -2.458  5.975   9.818   1.00 10.59  ? 57  THR A CB    1 
ATOM   459  O  OG1   . THR A 1 82  ? -3.015  4.912   10.597  1.00 10.98  ? 57  THR A OG1   1 
ATOM   460  C  CG2   . THR A 1 82  ? -3.528  7.038   9.566   1.00 8.75   ? 57  THR A CG2   1 
ATOM   461  N  N     . PHE A 1 83  ? -2.349  7.185   6.891   1.00 14.12  ? 58  PHE A N     1 
ATOM   462  C  CA    . PHE A 1 83  ? -2.037  8.353   6.074   1.00 15.50  ? 58  PHE A CA    1 
ATOM   463  C  C     . PHE A 1 83  ? -2.486  9.561   6.887   1.00 16.65  ? 58  PHE A C     1 
ATOM   464  O  O     . PHE A 1 83  ? -3.671  9.702   7.208   1.00 15.94  ? 58  PHE A O     1 
ATOM   465  C  CB    . PHE A 1 83  ? -2.782  8.313   4.734   1.00 12.14  ? 58  PHE A CB    1 
ATOM   466  C  CG    . PHE A 1 83  ? -2.278  7.264   3.789   1.00 10.79  ? 58  PHE A CG    1 
ATOM   467  C  CD1   . PHE A 1 83  ? -3.066  6.167   3.460   1.00 9.77   ? 58  PHE A CD1   1 
ATOM   468  C  CD2   . PHE A 1 83  ? -1.015  7.374   3.211   1.00 9.96   ? 58  PHE A CD2   1 
ATOM   469  C  CE1   . PHE A 1 83  ? -2.598  5.198   2.564   1.00 8.41   ? 58  PHE A CE1   1 
ATOM   470  C  CE2   . PHE A 1 83  ? -0.541  6.407   2.315   1.00 6.14   ? 58  PHE A CE2   1 
ATOM   471  C  CZ    . PHE A 1 83  ? -1.333  5.324   1.995   1.00 8.90   ? 58  PHE A CZ    1 
ATOM   472  N  N     . VAL A 1 84  ? -1.526  10.423  7.211   1.00 18.44  ? 59  VAL A N     1 
ATOM   473  C  CA    . VAL A 1 84  ? -1.745  11.616  8.024   1.00 20.39  ? 59  VAL A CA    1 
ATOM   474  C  C     . VAL A 1 84  ? -2.338  12.836  7.297   1.00 20.86  ? 59  VAL A C     1 
ATOM   475  O  O     . VAL A 1 84  ? -2.199  12.995  6.074   1.00 19.27  ? 59  VAL A O     1 
ATOM   476  C  CB    . VAL A 1 84  ? -0.406  12.018  8.725   1.00 22.13  ? 59  VAL A CB    1 
ATOM   477  C  CG1   . VAL A 1 84  ? -0.529  13.361  9.395   1.00 22.91  ? 59  VAL A CG1   1 
ATOM   478  C  CG2   . VAL A 1 84  ? -0.032  10.970  9.762   1.00 22.98  ? 59  VAL A CG2   1 
ATOM   479  N  N     . ASP A 1 85  ? -2.997  13.688  8.083   1.00 21.70  ? 60  ASP A N     1 
ATOM   480  C  CA    . ASP A 1 85  ? -3.636  14.913  7.604   1.00 23.29  ? 60  ASP A CA    1 
ATOM   481  C  C     . ASP A 1 85  ? -2.824  15.707  6.588   1.00 22.23  ? 60  ASP A C     1 
ATOM   482  O  O     . ASP A 1 85  ? -3.328  16.028  5.516   1.00 22.08  ? 60  ASP A O     1 
ATOM   483  C  CB    . ASP A 1 85  ? -3.933  15.847  8.776   1.00 26.26  ? 60  ASP A CB    1 
ATOM   484  C  CG    . ASP A 1 85  ? -2.696  16.625  9.225   1.00 30.43  ? 60  ASP A CG    1 
ATOM   485  O  OD1   . ASP A 1 85  ? -1.719  15.992  9.687   1.00 30.16  ? 60  ASP A OD1   1 
ATOM   486  O  OD2   . ASP A 1 85  ? -2.697  17.871  9.098   1.00 31.34  ? 60  ASP A OD2   1 
ATOM   487  N  N     . PHE A 1 86  ? -1.577  16.032  6.935   1.00 21.96  ? 61  PHE A N     1 
ATOM   488  C  CA    . PHE A 1 86  ? -0.717  16.825  6.056   1.00 20.26  ? 61  PHE A CA    1 
ATOM   489  C  C     . PHE A 1 86  ? -0.350  16.135  4.752   1.00 19.25  ? 61  PHE A C     1 
ATOM   490  O  O     . PHE A 1 86  ? 0.031   16.795  3.784   1.00 19.59  ? 61  PHE A O     1 
ATOM   491  C  CB    . PHE A 1 86  ? 0.553   17.290  6.801   1.00 17.78  ? 61  PHE A CB    1 
ATOM   492  C  CG    . PHE A 1 86  ? 1.594   16.217  7.013   1.00 17.50  ? 61  PHE A CG    1 
ATOM   493  C  CD1   . PHE A 1 86  ? 2.368   15.750  5.956   1.00 18.47  ? 61  PHE A CD1   1 
ATOM   494  C  CD2   . PHE A 1 86  ? 1.840   15.712  8.284   1.00 17.84  ? 61  PHE A CD2   1 
ATOM   495  C  CE1   . PHE A 1 86  ? 3.373   14.798  6.163   1.00 16.66  ? 61  PHE A CE1   1 
ATOM   496  C  CE2   . PHE A 1 86  ? 2.840   14.764  8.496   1.00 16.62  ? 61  PHE A CE2   1 
ATOM   497  C  CZ    . PHE A 1 86  ? 3.607   14.308  7.433   1.00 15.96  ? 61  PHE A CZ    1 
ATOM   498  N  N     . PHE A 1 87  ? -0.453  14.810  4.719   1.00 18.78  ? 62  PHE A N     1 
ATOM   499  C  CA    . PHE A 1 87  ? -0.149  14.098  3.488   1.00 20.11  ? 62  PHE A CA    1 
ATOM   500  C  C     . PHE A 1 87  ? -1.299  14.369  2.534   1.00 20.06  ? 62  PHE A C     1 
ATOM   501  O  O     . PHE A 1 87  ? -1.090  14.595  1.348   1.00 20.92  ? 62  PHE A O     1 
ATOM   502  C  CB    . PHE A 1 87  ? -0.026  12.587  3.714   1.00 18.93  ? 62  PHE A CB    1 
ATOM   503  C  CG    . PHE A 1 87  ? -0.018  11.797  2.436   1.00 16.33  ? 62  PHE A CG    1 
ATOM   504  C  CD1   . PHE A 1 87  ? 1.019   11.952  1.514   1.00 16.33  ? 62  PHE A CD1   1 
ATOM   505  C  CD2   . PHE A 1 87  ? -1.068  10.943  2.123   1.00 14.88  ? 62  PHE A CD2   1 
ATOM   506  C  CE1   . PHE A 1 87  ? 1.006   11.268  0.298   1.00 15.42  ? 62  PHE A CE1   1 
ATOM   507  C  CE2   . PHE A 1 87  ? -1.093  10.255  0.910   1.00 15.69  ? 62  PHE A CE2   1 
ATOM   508  C  CZ    . PHE A 1 87  ? -0.053  10.417  -0.005  1.00 15.99  ? 62  PHE A CZ    1 
ATOM   509  N  N     . PHE A 1 88  ? -2.519  14.344  3.064   1.00 20.65  ? 63  PHE A N     1 
ATOM   510  C  CA    . PHE A 1 88  ? -3.696  14.603  2.245   1.00 21.68  ? 63  PHE A CA    1 
ATOM   511  C  C     . PHE A 1 88  ? -3.747  16.054  1.784   1.00 22.20  ? 63  PHE A C     1 
ATOM   512  O  O     . PHE A 1 88  ? -4.447  16.388  0.824   1.00 21.85  ? 63  PHE A O     1 
ATOM   513  C  CB    . PHE A 1 88  ? -4.971  14.267  3.015   1.00 19.14  ? 63  PHE A CB    1 
ATOM   514  C  CG    . PHE A 1 88  ? -5.194  12.797  3.195   1.00 18.68  ? 63  PHE A CG    1 
ATOM   515  C  CD1   . PHE A 1 88  ? -4.922  12.179  4.411   1.00 14.99  ? 63  PHE A CD1   1 
ATOM   516  C  CD2   . PHE A 1 88  ? -5.681  12.024  2.144   1.00 18.12  ? 63  PHE A CD2   1 
ATOM   517  C  CE1   . PHE A 1 88  ? -5.131  10.825  4.582   1.00 14.54  ? 63  PHE A CE1   1 
ATOM   518  C  CE2   . PHE A 1 88  ? -5.893  10.657  2.307   1.00 17.60  ? 63  PHE A CE2   1 
ATOM   519  C  CZ    . PHE A 1 88  ? -5.619  10.058  3.529   1.00 16.00  ? 63  PHE A CZ    1 
ATOM   520  N  N     . GLU A 1 89  ? -3.010  16.916  2.475   1.00 23.72  ? 64  GLU A N     1 
ATOM   521  C  CA    . GLU A 1 89  ? -2.969  18.317  2.116   1.00 24.74  ? 64  GLU A CA    1 
ATOM   522  C  C     . GLU A 1 89  ? -1.936  18.513  1.026   1.00 24.70  ? 64  GLU A C     1 
ATOM   523  O  O     . GLU A 1 89  ? -2.108  19.355  0.149   1.00 25.69  ? 64  GLU A O     1 
ATOM   524  C  CB    . GLU A 1 89  ? -2.636  19.168  3.336   1.00 27.60  ? 64  GLU A CB    1 
ATOM   525  C  CG    . GLU A 1 89  ? -3.694  19.093  4.430   1.00 32.89  ? 64  GLU A CG    1 
ATOM   526  C  CD    . GLU A 1 89  ? -5.084  19.414  3.914   1.00 35.86  ? 64  GLU A CD    1 
ATOM   527  O  OE1   . GLU A 1 89  ? -5.270  20.536  3.399   1.00 37.88  ? 64  GLU A OE1   1 
ATOM   528  O  OE2   . GLU A 1 89  ? -5.989  18.551  4.020   1.00 35.74  ? 64  GLU A OE2   1 
ATOM   529  N  N     . PHE A 1 90  ? -0.868  17.724  1.073   1.00 23.69  ? 65  PHE A N     1 
ATOM   530  C  CA    . PHE A 1 90  ? 0.181   17.800  0.060   1.00 22.52  ? 65  PHE A CA    1 
ATOM   531  C  C     . PHE A 1 90  ? -0.385  17.398  -1.306  1.00 23.05  ? 65  PHE A C     1 
ATOM   532  O  O     . PHE A 1 90  ? 0.105   17.840  -2.344  1.00 23.32  ? 65  PHE A O     1 
ATOM   533  C  CB    . PHE A 1 90  ? 1.333   16.867  0.427   1.00 21.62  ? 65  PHE A CB    1 
ATOM   534  C  CG    . PHE A 1 90  ? 2.359   16.715  -0.659  1.00 21.73  ? 65  PHE A CG    1 
ATOM   535  C  CD1   . PHE A 1 90  ? 3.245   17.747  -0.951  1.00 21.18  ? 65  PHE A CD1   1 
ATOM   536  C  CD2   . PHE A 1 90  ? 2.438   15.537  -1.395  1.00 21.88  ? 65  PHE A CD2   1 
ATOM   537  C  CE1   . PHE A 1 90  ? 4.196   17.607  -1.959  1.00 21.20  ? 65  PHE A CE1   1 
ATOM   538  C  CE2   . PHE A 1 90  ? 3.381   15.386  -2.405  1.00 22.28  ? 65  PHE A CE2   1 
ATOM   539  C  CZ    . PHE A 1 90  ? 4.262   16.424  -2.688  1.00 20.81  ? 65  PHE A CZ    1 
ATOM   540  N  N     . LEU A 1 91  ? -1.410  16.549  -1.297  1.00 22.94  ? 66  LEU A N     1 
ATOM   541  C  CA    . LEU A 1 91  ? -2.050  16.098  -2.526  1.00 23.63  ? 66  LEU A CA    1 
ATOM   542  C  C     . LEU A 1 91  ? -3.068  17.145  -2.963  1.00 24.90  ? 66  LEU A C     1 
ATOM   543  O  O     . LEU A 1 91  ? -3.311  17.334  -4.159  1.00 24.92  ? 66  LEU A O     1 
ATOM   544  C  CB    . LEU A 1 91  ? -2.765  14.760  -2.298  1.00 21.93  ? 66  LEU A CB    1 
ATOM   545  C  CG    . LEU A 1 91  ? -1.942  13.526  -1.903  1.00 22.46  ? 66  LEU A CG    1 
ATOM   546  C  CD1   . LEU A 1 91  ? -2.874  12.429  -1.424  1.00 19.02  ? 66  LEU A CD1   1 
ATOM   547  C  CD2   . LEU A 1 91  ? -1.109  13.046  -3.082  1.00 20.14  ? 66  LEU A CD2   1 
ATOM   548  N  N     . LYS A 1 92  ? -3.657  17.824  -1.985  1.00 26.00  ? 67  LYS A N     1 
ATOM   549  C  CA    . LYS A 1 92  ? -4.662  18.841  -2.250  1.00 29.27  ? 67  LYS A CA    1 
ATOM   550  C  C     . LYS A 1 92  ? -4.067  20.038  -2.979  1.00 31.32  ? 67  LYS A C     1 
ATOM   551  O  O     . LYS A 1 92  ? -4.609  20.489  -3.989  1.00 32.05  ? 67  LYS A O     1 
ATOM   552  C  CB    . LYS A 1 92  ? -5.294  19.302  -0.936  1.00 30.10  ? 67  LYS A CB    1 
ATOM   553  C  CG    . LYS A 1 92  ? -6.811  19.452  -0.973  1.00 31.57  ? 67  LYS A CG    1 
ATOM   554  C  CD    . LYS A 1 92  ? -7.272  20.859  -1.360  1.00 34.54  ? 67  LYS A CD    1 
ATOM   555  C  CE    . LYS A 1 92  ? -7.060  21.165  -2.842  1.00 33.93  ? 67  LYS A CE    1 
ATOM   556  N  NZ    . LYS A 1 92  ? -7.537  22.531  -3.219  1.00 32.16  ? 67  LYS A NZ    1 
ATOM   557  N  N     . ILE A 1 93  ? -2.951  20.552  -2.474  1.00 31.92  ? 68  ILE A N     1 
ATOM   558  C  CA    . ILE A 1 93  ? -2.316  21.705  -3.094  1.00 32.06  ? 68  ILE A CA    1 
ATOM   559  C  C     . ILE A 1 93  ? -1.549  21.368  -4.367  1.00 31.40  ? 68  ILE A C     1 
ATOM   560  O  O     . ILE A 1 93  ? -0.972  22.251  -4.991  1.00 31.42  ? 68  ILE A O     1 
ATOM   561  C  CB    . ILE A 1 93  ? -1.358  22.412  -2.119  1.00 34.07  ? 68  ILE A CB    1 
ATOM   562  C  CG1   . ILE A 1 93  ? -0.274  21.441  -1.653  1.00 35.25  ? 68  ILE A CG1   1 
ATOM   563  C  CG2   . ILE A 1 93  ? -2.143  22.970  -0.949  1.00 33.83  ? 68  ILE A CG2   1 
ATOM   564  C  CD1   . ILE A 1 93  ? 0.747   22.055  -0.721  1.00 34.78  ? 68  ILE A CD1   1 
ATOM   565  N  N     . ASN A 1 94  ? -1.537  20.095  -4.747  1.00 29.81  ? 69  ASN A N     1 
ATOM   566  C  CA    . ASN A 1 94  ? -0.847  19.679  -5.961  1.00 29.02  ? 69  ASN A CA    1 
ATOM   567  C  C     . ASN A 1 94  ? -1.843  19.062  -6.931  1.00 29.07  ? 69  ASN A C     1 
ATOM   568  O  O     . ASN A 1 94  ? -1.462  18.454  -7.932  1.00 27.36  ? 69  ASN A O     1 
ATOM   569  C  CB    . ASN A 1 94  ? 0.259   18.671  -5.641  1.00 28.10  ? 69  ASN A CB    1 
ATOM   570  C  CG    . ASN A 1 94  ? 1.426   19.298  -4.893  1.00 28.29  ? 69  ASN A CG    1 
ATOM   571  O  OD1   . ASN A 1 94  ? 1.319   19.637  -3.715  1.00 26.93  ? 69  ASN A OD1   1 
ATOM   572  N  ND2   . ASN A 1 94  ? 2.547   19.458  -5.583  1.00 24.68  ? 69  ASN A ND2   1 
ATOM   573  N  N     . GLN A 1 95  ? -3.126  19.220  -6.617  1.00 28.95  ? 70  GLN A N     1 
ATOM   574  C  CA    . GLN A 1 95  ? -4.203  18.702  -7.449  1.00 30.25  ? 70  GLN A CA    1 
ATOM   575  C  C     . GLN A 1 95  ? -4.113  17.207  -7.769  1.00 31.01  ? 70  GLN A C     1 
ATOM   576  O  O     . GLN A 1 95  ? -4.545  16.767  -8.839  1.00 31.23  ? 70  GLN A O     1 
ATOM   577  C  CB    . GLN A 1 95  ? -4.291  19.503  -8.757  1.00 31.78  ? 70  GLN A CB    1 
ATOM   578  C  CG    . GLN A 1 95  ? -5.091  20.807  -8.655  1.00 36.08  ? 70  GLN A CG    1 
ATOM   579  C  CD    . GLN A 1 95  ? -4.237  22.035  -8.357  1.00 38.88  ? 70  GLN A CD    1 
ATOM   580  O  OE1   . GLN A 1 95  ? -4.766  23.113  -8.061  1.00 41.46  ? 70  GLN A OE1   1 
ATOM   581  N  NE2   . GLN A 1 95  ? -2.919  21.883  -8.444  1.00 39.97  ? 70  GLN A NE2   1 
ATOM   582  N  N     . ILE A 1 96  ? -3.561  16.425  -6.842  1.00 29.92  ? 71  ILE A N     1 
ATOM   583  C  CA    . ILE A 1 96  ? -3.447  14.980  -7.044  1.00 28.26  ? 71  ILE A CA    1 
ATOM   584  C  C     . ILE A 1 96  ? -4.706  14.286  -6.523  1.00 27.89  ? 71  ILE A C     1 
ATOM   585  O  O     . ILE A 1 96  ? -5.139  14.529  -5.399  1.00 27.83  ? 71  ILE A O     1 
ATOM   586  C  CB    . ILE A 1 96  ? -2.213  14.400  -6.319  1.00 26.82  ? 71  ILE A CB    1 
ATOM   587  C  CG1   . ILE A 1 96  ? -0.940  15.048  -6.868  1.00 25.49  ? 71  ILE A CG1   1 
ATOM   588  C  CG2   . ILE A 1 96  ? -2.156  12.893  -6.514  1.00 26.60  ? 71  ILE A CG2   1 
ATOM   589  C  CD1   . ILE A 1 96  ? 0.328   14.628  -6.151  1.00 24.16  ? 71  ILE A CD1   1 
ATOM   590  N  N     . ARG A 1 97  ? -5.293  13.438  -7.362  1.00 26.95  ? 72  ARG A N     1 
ATOM   591  C  CA    . ARG A 1 97  ? -6.506  12.703  -7.023  1.00 26.92  ? 72  ARG A CA    1 
ATOM   592  C  C     . ARG A 1 97  ? -6.160  11.415  -6.274  1.00 26.09  ? 72  ARG A C     1 
ATOM   593  O  O     . ARG A 1 97  ? -5.251  10.683  -6.668  1.00 26.23  ? 72  ARG A O     1 
ATOM   594  C  CB    . ARG A 1 97  ? -7.274  12.374  -8.307  1.00 28.35  ? 72  ARG A CB    1 
ATOM   595  C  CG    . ARG A 1 97  ? -8.641  13.001  -8.392  1.00 31.55  ? 72  ARG A CG    1 
ATOM   596  C  CD    . ARG A 1 97  ? -9.658  12.223  -7.584  1.00 36.44  ? 72  ARG A CD    1 
ATOM   597  N  NE    . ARG A 1 97  ? -10.871 12.997  -7.314  1.00 41.16  ? 72  ARG A NE    1 
ATOM   598  C  CZ    . ARG A 1 97  ? -11.622 13.583  -8.245  1.00 42.26  ? 72  ARG A CZ    1 
ATOM   599  N  NH1   . ARG A 1 97  ? -11.296 13.496  -9.532  1.00 43.17  ? 72  ARG A NH1   1 
ATOM   600  N  NH2   . ARG A 1 97  ? -12.709 14.256  -7.886  1.00 41.85  ? 72  ARG A NH2   1 
ATOM   601  N  N     . ALA A 1 98  ? -6.890  11.142  -5.196  1.00 23.53  ? 73  ALA A N     1 
ATOM   602  C  CA    . ALA A 1 98  ? -6.654  9.947   -4.392  1.00 21.02  ? 73  ALA A CA    1 
ATOM   603  C  C     . ALA A 1 98  ? -7.791  8.946   -4.561  1.00 19.76  ? 73  ALA A C     1 
ATOM   604  O  O     . ALA A 1 98  ? -8.917  9.210   -4.139  1.00 21.48  ? 73  ALA A O     1 
ATOM   605  C  CB    . ALA A 1 98  ? -6.510  10.333  -2.928  1.00 18.17  ? 73  ALA A CB    1 
ATOM   606  N  N     . VAL A 1 99  ? -7.496  7.804   -5.177  1.00 17.14  ? 74  VAL A N     1 
ATOM   607  C  CA    . VAL A 1 99  ? -8.499  6.757   -5.407  1.00 13.83  ? 74  VAL A CA    1 
ATOM   608  C  C     . VAL A 1 99  ? -8.269  5.564   -4.476  1.00 14.29  ? 74  VAL A C     1 
ATOM   609  O  O     . VAL A 1 99  ? -7.128  5.199   -4.196  1.00 14.59  ? 74  VAL A O     1 
ATOM   610  C  CB    . VAL A 1 99  ? -8.482  6.294   -6.886  1.00 11.48  ? 74  VAL A CB    1 
ATOM   611  C  CG1   . VAL A 1 99  ? -8.861  7.466   -7.793  1.00 7.32   ? 74  VAL A CG1   1 
ATOM   612  C  CG2   . VAL A 1 99  ? -7.104  5.758   -7.266  1.00 8.41   ? 74  VAL A CG2   1 
ATOM   613  N  N     . TYR A 1 100 ? -9.357  4.957   -4.005  1.00 14.35  ? 75  TYR A N     1 
ATOM   614  C  CA    . TYR A 1 100 ? -9.284  3.836   -3.060  1.00 14.62  ? 75  TYR A CA    1 
ATOM   615  C  C     . TYR A 1 100 ? -9.854  2.506   -3.548  1.00 13.71  ? 75  TYR A C     1 
ATOM   616  O  O     . TYR A 1 100 ? -10.804 2.470   -4.334  1.00 11.93  ? 75  TYR A O     1 
ATOM   617  C  CB    . TYR A 1 100 ? -9.995  4.221   -1.763  1.00 15.83  ? 75  TYR A CB    1 
ATOM   618  C  CG    . TYR A 1 100 ? -9.538  5.536   -1.184  1.00 17.53  ? 75  TYR A CG    1 
ATOM   619  C  CD1   . TYR A 1 100 ? -9.927  6.751   -1.758  1.00 18.19  ? 75  TYR A CD1   1 
ATOM   620  C  CD2   . TYR A 1 100 ? -8.712  5.574   -0.061  1.00 19.05  ? 75  TYR A CD2   1 
ATOM   621  C  CE1   . TYR A 1 100 ? -9.509  7.963   -1.228  1.00 18.08  ? 75  TYR A CE1   1 
ATOM   622  C  CE2   . TYR A 1 100 ? -8.286  6.785   0.476   1.00 19.48  ? 75  TYR A CE2   1 
ATOM   623  C  CZ    . TYR A 1 100 ? -8.689  7.970   -0.112  1.00 18.92  ? 75  TYR A CZ    1 
ATOM   624  O  OH    . TYR A 1 100 ? -8.277  9.160   0.426   1.00 19.39  ? 75  TYR A OH    1 
ATOM   625  N  N     . PRO A 1 101 ? -9.299  1.386   -3.054  1.00 12.41  ? 76  PRO A N     1 
ATOM   626  C  CA    . PRO A 1 101 ? -9.762  0.058   -3.449  1.00 13.54  ? 76  PRO A CA    1 
ATOM   627  C  C     . PRO A 1 101 ? -11.086 -0.378  -2.829  1.00 14.24  ? 76  PRO A C     1 
ATOM   628  O  O     . PRO A 1 101 ? -11.323 -0.200  -1.636  1.00 14.37  ? 76  PRO A O     1 
ATOM   629  C  CB    . PRO A 1 101 ? -8.604  -0.846  -3.033  1.00 11.85  ? 76  PRO A CB    1 
ATOM   630  C  CG    . PRO A 1 101 ? -8.137  -0.207  -1.801  1.00 10.76  ? 76  PRO A CG    1 
ATOM   631  C  CD    . PRO A 1 101 ? -8.118  1.272   -2.185  1.00 13.94  ? 76  PRO A CD    1 
ATOM   632  N  N     . LYS A 1 102 ? -11.931 -0.970  -3.667  1.00 16.62  ? 77  LYS A N     1 
ATOM   633  C  CA    . LYS A 1 102 ? -13.238 -1.474  -3.263  1.00 17.85  ? 77  LYS A CA    1 
ATOM   634  C  C     . LYS A 1 102 ? -13.415 -2.874  -3.875  1.00 18.03  ? 77  LYS A C     1 
ATOM   635  O  O     . LYS A 1 102 ? -13.338 -3.032  -5.097  1.00 17.37  ? 77  LYS A O     1 
ATOM   636  C  CB    . LYS A 1 102 ? -14.340 -0.532  -3.771  1.00 18.95  ? 77  LYS A CB    1 
ATOM   637  C  CG    . LYS A 1 102 ? -15.049 0.295   -2.692  1.00 20.41  ? 77  LYS A CG    1 
ATOM   638  C  CD    . LYS A 1 102 ? -14.159 1.358   -2.071  1.00 21.30  ? 77  LYS A CD    1 
ATOM   639  C  CE    . LYS A 1 102 ? -14.907 2.106   -0.975  1.00 23.95  ? 77  LYS A CE    1 
ATOM   640  N  NZ    . LYS A 1 102 ? -14.096 3.169   -0.317  1.00 22.98  ? 77  LYS A NZ    1 
ATOM   641  N  N     . VAL A 1 103 ? -13.637 -3.879  -3.029  1.00 19.19  ? 78  VAL A N     1 
ATOM   642  C  CA    . VAL A 1 103 ? -13.819 -5.259  -3.491  1.00 22.66  ? 78  VAL A CA    1 
ATOM   643  C  C     . VAL A 1 103 ? -15.182 -5.449  -4.145  1.00 24.75  ? 78  VAL A C     1 
ATOM   644  O  O     . VAL A 1 103 ? -16.206 -5.294  -3.491  1.00 25.42  ? 78  VAL A O     1 
ATOM   645  C  CB    . VAL A 1 103 ? -13.719 -6.264  -2.325  1.00 22.77  ? 78  VAL A CB    1 
ATOM   646  C  CG1   . VAL A 1 103 ? -13.701 -7.690  -2.867  1.00 20.28  ? 78  VAL A CG1   1 
ATOM   647  C  CG2   . VAL A 1 103 ? -12.481 -5.975  -1.493  1.00 23.97  ? 78  VAL A CG2   1 
ATOM   648  N  N     . ILE A 1 104 ? -15.189 -5.802  -5.427  1.00 28.57  ? 79  ILE A N     1 
ATOM   649  C  CA    . ILE A 1 104 ? -16.436 -5.998  -6.159  1.00 32.12  ? 79  ILE A CA    1 
ATOM   650  C  C     . ILE A 1 104 ? -17.249 -7.186  -5.664  1.00 33.62  ? 79  ILE A C     1 
ATOM   651  O  O     . ILE A 1 104 ? -18.385 -7.008  -5.232  1.00 36.57  ? 79  ILE A O     1 
ATOM   652  C  CB    . ILE A 1 104 ? -16.184 -6.146  -7.685  1.00 32.87  ? 79  ILE A CB    1 
ATOM   653  C  CG1   . ILE A 1 104 ? -15.982 -4.763  -8.306  1.00 32.08  ? 79  ILE A CG1   1 
ATOM   654  C  CG2   . ILE A 1 104 ? -17.353 -6.867  -8.357  1.00 34.38  ? 79  ILE A CG2   1 
ATOM   655  C  CD1   . ILE A 1 104 ? -15.955 -4.766  -9.822  1.00 34.74  ? 79  ILE A CD1   1 
ATOM   656  N  N     . SER A 1 105 ? -16.697 -8.392  -5.737  1.00 35.09  ? 80  SER A N     1 
ATOM   657  C  CA    . SER A 1 105 ? -17.429 -9.564  -5.254  1.00 37.46  ? 80  SER A CA    1 
ATOM   658  C  C     . SER A 1 105 ? -16.606 -10.293 -4.199  1.00 38.45  ? 80  SER A C     1 
ATOM   659  O  O     . SER A 1 105 ? -16.918 -10.268 -3.006  1.00 39.52  ? 80  SER A O     1 
ATOM   660  C  CB    . SER A 1 105 ? -17.751 -10.516 -6.407  1.00 38.45  ? 80  SER A CB    1 
ATOM   661  O  OG    . SER A 1 105 ? -16.573 -11.087 -6.952  1.00 40.73  ? 80  SER A OG    1 
ATOM   662  N  N     . ASP A 1 106 ? -15.553 -10.944 -4.667  1.00 38.45  ? 81  ASP A N     1 
ATOM   663  C  CA    . ASP A 1 106 ? -14.622 -11.688 -3.838  1.00 38.88  ? 81  ASP A CA    1 
ATOM   664  C  C     . ASP A 1 106 ? -13.654 -12.205 -4.874  1.00 37.35  ? 81  ASP A C     1 
ATOM   665  O  O     . ASP A 1 106 ? -12.799 -13.050 -4.611  1.00 37.95  ? 81  ASP A O     1 
ATOM   666  C  CB    . ASP A 1 106 ? -15.318 -12.847 -3.112  1.00 41.34  ? 81  ASP A CB    1 
ATOM   667  C  CG    . ASP A 1 106 ? -15.667 -14.004 -4.034  1.00 43.56  ? 81  ASP A CG    1 
ATOM   668  O  OD1   . ASP A 1 106 ? -16.249 -14.992 -3.533  1.00 42.94  ? 81  ASP A OD1   1 
ATOM   669  O  OD2   . ASP A 1 106 ? -15.364 -13.937 -5.245  1.00 45.15  ? 81  ASP A OD2   1 
ATOM   670  N  N     . THR A 1 107 ? -13.837 -11.658 -6.069  1.00 35.23  ? 82  THR A N     1 
ATOM   671  C  CA    . THR A 1 107 ? -13.065 -11.973 -7.255  1.00 32.69  ? 82  THR A CA    1 
ATOM   672  C  C     . THR A 1 107 ? -12.053 -10.863 -7.507  1.00 32.11  ? 82  THR A C     1 
ATOM   673  O  O     . THR A 1 107 ? -10.842 -11.087 -7.503  1.00 32.91  ? 82  THR A O     1 
ATOM   674  C  CB    . THR A 1 107 ? -13.986 -12.045 -8.499  1.00 31.85  ? 82  THR A CB    1 
ATOM   675  O  OG1   . THR A 1 107 ? -15.108 -12.902 -8.233  1.00 28.63  ? 82  THR A OG1   1 
ATOM   676  C  CG2   . THR A 1 107 ? -13.216 -12.556 -9.701  1.00 30.97  ? 82  THR A CG2   1 
ATOM   677  N  N     . GLU A 1 108 ? -12.560 -9.653  -7.720  1.00 29.55  ? 83  GLU A N     1 
ATOM   678  C  CA    . GLU A 1 108 ? -11.695 -8.526  -8.019  1.00 27.50  ? 83  GLU A CA    1 
ATOM   679  C  C     . GLU A 1 108 ? -12.044 -7.245  -7.281  1.00 25.85  ? 83  GLU A C     1 
ATOM   680  O  O     . GLU A 1 108 ? -13.140 -7.090  -6.742  1.00 24.87  ? 83  GLU A O     1 
ATOM   681  C  CB    . GLU A 1 108 ? -11.728 -8.249  -9.524  1.00 29.55  ? 83  GLU A CB    1 
ATOM   682  C  CG    . GLU A 1 108 ? -13.118 -7.894  -10.065 1.00 30.10  ? 83  GLU A CG    1 
ATOM   683  C  CD    . GLU A 1 108 ? -13.077 -7.349  -11.488 1.00 30.74  ? 83  GLU A CD    1 
ATOM   684  O  OE1   . GLU A 1 108 ? -12.502 -8.023  -12.371 1.00 29.85  ? 83  GLU A OE1   1 
ATOM   685  O  OE2   . GLU A 1 108 ? -13.623 -6.245  -11.723 1.00 30.83  ? 83  GLU A OE2   1 
ATOM   686  N  N     . ILE A 1 109 ? -11.092 -6.320  -7.274  1.00 23.50  ? 84  ILE A N     1 
ATOM   687  C  CA    . ILE A 1 109 ? -11.286 -5.032  -6.634  1.00 21.47  ? 84  ILE A CA    1 
ATOM   688  C  C     . ILE A 1 109 ? -11.231 -3.946  -7.697  1.00 20.53  ? 84  ILE A C     1 
ATOM   689  O  O     . ILE A 1 109 ? -10.659 -4.148  -8.765  1.00 20.73  ? 84  ILE A O     1 
ATOM   690  C  CB    . ILE A 1 109 ? -10.183 -4.737  -5.595  1.00 20.37  ? 84  ILE A CB    1 
ATOM   691  C  CG1   . ILE A 1 109 ? -8.809  -4.805  -6.268  1.00 20.37  ? 84  ILE A CG1   1 
ATOM   692  C  CG2   . ILE A 1 109 ? -10.308 -5.696  -4.412  1.00 20.24  ? 84  ILE A CG2   1 
ATOM   693  C  CD1   . ILE A 1 109 ? -7.661  -4.343  -5.395  1.00 17.92  ? 84  ILE A CD1   1 
ATOM   694  N  N     . ILE A 1 110 ? -11.847 -2.806  -7.407  1.00 20.17  ? 85  ILE A N     1 
ATOM   695  C  CA    . ILE A 1 110 ? -11.832 -1.672  -8.321  1.00 19.42  ? 85  ILE A CA    1 
ATOM   696  C  C     . ILE A 1 110 ? -11.463 -0.435  -7.500  1.00 17.89  ? 85  ILE A C     1 
ATOM   697  O  O     . ILE A 1 110 ? -11.574 -0.455  -6.269  1.00 17.14  ? 85  ILE A O     1 
ATOM   698  C  CB    . ILE A 1 110 ? -13.205 -1.446  -8.990  1.00 19.46  ? 85  ILE A CB    1 
ATOM   699  C  CG1   . ILE A 1 110 ? -14.279 -1.259  -7.918  1.00 20.54  ? 85  ILE A CG1   1 
ATOM   700  C  CG2   . ILE A 1 110 ? -13.534 -2.605  -9.907  1.00 19.17  ? 85  ILE A CG2   1 
ATOM   701  C  CD1   . ILE A 1 110 ? -15.611 -0.785  -8.462  1.00 21.68  ? 85  ILE A CD1   1 
ATOM   702  N  N     . PHE A 1 111 ? -11.024 0.626   -8.181  1.00 16.66  ? 86  PHE A N     1 
ATOM   703  C  CA    . PHE A 1 111 ? -10.632 1.870   -7.528  1.00 13.75  ? 86  PHE A CA    1 
ATOM   704  C  C     . PHE A 1 111 ? -11.565 3.001   -7.910  1.00 15.28  ? 86  PHE A C     1 
ATOM   705  O  O     . PHE A 1 111 ? -11.843 3.241   -9.094  1.00 15.25  ? 86  PHE A O     1 
ATOM   706  C  CB    . PHE A 1 111 ? -9.195  2.266   -7.904  1.00 13.00  ? 86  PHE A CB    1 
ATOM   707  C  CG    . PHE A 1 111 ? -8.140  1.335   -7.369  1.00 8.02   ? 86  PHE A CG    1 
ATOM   708  C  CD1   . PHE A 1 111 ? -7.944  0.084   -7.937  1.00 6.14   ? 86  PHE A CD1   1 
ATOM   709  C  CD2   . PHE A 1 111 ? -7.353  1.709   -6.286  1.00 8.36   ? 86  PHE A CD2   1 
ATOM   710  C  CE1   . PHE A 1 111 ? -6.980  -0.787  -7.432  1.00 7.44   ? 86  PHE A CE1   1 
ATOM   711  C  CE2   . PHE A 1 111 ? -6.382  0.846   -5.770  1.00 8.86   ? 86  PHE A CE2   1 
ATOM   712  C  CZ    . PHE A 1 111 ? -6.195  -0.405  -6.345  1.00 7.57   ? 86  PHE A CZ    1 
ATOM   713  N  N     . ILE A 1 112 ? -12.037 3.714   -6.898  1.00 16.85  ? 87  ILE A N     1 
ATOM   714  C  CA    . ILE A 1 112 ? -12.948 4.819   -7.124  1.00 17.75  ? 87  ILE A CA    1 
ATOM   715  C  C     . ILE A 1 112 ? -12.483 6.010   -6.304  1.00 19.94  ? 87  ILE A C     1 
ATOM   716  O  O     . ILE A 1 112 ? -11.626 5.862   -5.442  1.00 20.06  ? 87  ILE A O     1 
ATOM   717  C  CB    . ILE A 1 112 ? -14.375 4.432   -6.694  1.00 16.98  ? 87  ILE A CB    1 
ATOM   718  C  CG1   . ILE A 1 112 ? -14.407 4.177   -5.181  1.00 16.73  ? 87  ILE A CG1   1 
ATOM   719  C  CG2   . ILE A 1 112 ? -14.806 3.170   -7.426  1.00 17.29  ? 87  ILE A CG2   1 
ATOM   720  C  CD1   . ILE A 1 112 ? -15.790 4.192   -4.575  1.00 13.84  ? 87  ILE A CD1   1 
ATOM   721  N  N     . ASP A 1 113 ? -13.034 7.190   -6.569  1.00 22.82  ? 88  ASP A N     1 
ATOM   722  C  CA    . ASP A 1 113 ? -12.660 8.371   -5.808  1.00 25.83  ? 88  ASP A CA    1 
ATOM   723  C  C     . ASP A 1 113 ? -13.799 8.797   -4.886  1.00 28.22  ? 88  ASP A C     1 
ATOM   724  O  O     . ASP A 1 113 ? -14.740 8.035   -4.658  1.00 27.39  ? 88  ASP A O     1 
ATOM   725  C  CB    . ASP A 1 113 ? -12.271 9.519   -6.742  1.00 28.51  ? 88  ASP A CB    1 
ATOM   726  C  CG    . ASP A 1 113 ? -13.425 10.010  -7.585  1.00 29.64  ? 88  ASP A CG    1 
ATOM   727  O  OD1   . ASP A 1 113 ? -13.979 9.199   -8.358  1.00 30.71  ? 88  ASP A OD1   1 
ATOM   728  O  OD2   . ASP A 1 113 ? -13.769 11.208  -7.478  1.00 30.85  ? 88  ASP A OD2   1 
ATOM   729  N  N     . GLN A 1 114 ? -13.708 10.013  -4.354  1.00 31.92  ? 89  GLN A N     1 
ATOM   730  C  CA    . GLN A 1 114 ? -14.715 10.534  -3.436  1.00 35.42  ? 89  GLN A CA    1 
ATOM   731  C  C     . GLN A 1 114 ? -16.120 10.674  -4.011  1.00 36.44  ? 89  GLN A C     1 
ATOM   732  O  O     . GLN A 1 114 ? -17.102 10.447  -3.308  1.00 37.73  ? 89  GLN A O     1 
ATOM   733  C  CB    . GLN A 1 114 ? -14.247 11.875  -2.848  1.00 37.42  ? 89  GLN A CB    1 
ATOM   734  C  CG    . GLN A 1 114 ? -13.581 12.838  -3.834  1.00 40.87  ? 89  GLN A CG    1 
ATOM   735  C  CD    . GLN A 1 114 ? -14.563 13.747  -4.558  1.00 42.82  ? 89  GLN A CD    1 
ATOM   736  O  OE1   . GLN A 1 114 ? -15.386 13.293  -5.354  1.00 44.00  ? 89  GLN A OE1   1 
ATOM   737  N  NE2   . GLN A 1 114 ? -14.477 15.047  -4.282  1.00 44.06  ? 89  GLN A NE2   1 
ATOM   738  N  N     . GLU A 1 115 ? -16.226 11.038  -5.282  1.00 36.33  ? 90  GLU A N     1 
ATOM   739  C  CA    . GLU A 1 115 ? -17.533 11.186  -5.898  1.00 37.01  ? 90  GLU A CA    1 
ATOM   740  C  C     . GLU A 1 115 ? -18.007 9.809   -6.353  1.00 36.56  ? 90  GLU A C     1 
ATOM   741  O  O     . GLU A 1 115 ? -19.072 9.668   -6.950  1.00 36.85  ? 90  GLU A O     1 
ATOM   742  C  CB    . GLU A 1 115 ? -17.454 12.148  -7.084  1.00 38.05  ? 90  GLU A CB    1 
ATOM   743  C  CG    . GLU A 1 115 ? -18.811 12.665  -7.569  1.00 43.42  ? 90  GLU A CG    1 
ATOM   744  C  CD    . GLU A 1 115 ? -19.621 13.365  -6.472  1.00 45.31  ? 90  GLU A CD    1 
ATOM   745  O  OE1   . GLU A 1 115 ? -20.146 12.674  -5.569  1.00 46.98  ? 90  GLU A OE1   1 
ATOM   746  O  OE2   . GLU A 1 115 ? -19.731 14.611  -6.513  1.00 45.67  ? 90  GLU A OE2   1 
ATOM   747  N  N     . THR A 1 116 ? -17.195 8.800   -6.054  1.00 34.79  ? 91  THR A N     1 
ATOM   748  C  CA    . THR A 1 116 ? -17.477 7.408   -6.387  1.00 34.82  ? 91  THR A CA    1 
ATOM   749  C  C     . THR A 1 116 ? -17.349 7.050   -7.869  1.00 33.92  ? 91  THR A C     1 
ATOM   750  O  O     . THR A 1 116 ? -17.961 6.084   -8.330  1.00 33.89  ? 91  THR A O     1 
ATOM   751  C  CB    . THR A 1 116 ? -18.880 6.971   -5.909  1.00 35.24  ? 91  THR A CB    1 
ATOM   752  O  OG1   . THR A 1 116 ? -19.870 7.474   -6.811  1.00 37.25  ? 91  THR A OG1   1 
ATOM   753  C  CG2   . THR A 1 116 ? -19.163 7.502   -4.504  1.00 35.90  ? 91  THR A CG2   1 
ATOM   754  N  N     . ASN A 1 117 ? -16.565 7.821   -8.617  1.00 32.33  ? 92  ASN A N     1 
ATOM   755  C  CA    . ASN A 1 117 ? -16.348 7.512   -10.026 1.00 31.49  ? 92  ASN A CA    1 
ATOM   756  C  C     . ASN A 1 117 ? -15.207 6.506   -10.064 1.00 29.15  ? 92  ASN A C     1 
ATOM   757  O  O     . ASN A 1 117 ? -14.239 6.642   -9.327  1.00 29.00  ? 92  ASN A O     1 
ATOM   758  C  CB    . ASN A 1 117 ? -15.955 8.761   -10.814 1.00 34.33  ? 92  ASN A CB    1 
ATOM   759  C  CG    . ASN A 1 117 ? -17.085 9.754   -10.927 1.00 36.39  ? 92  ASN A CG    1 
ATOM   760  O  OD1   . ASN A 1 117 ? -18.152 9.435   -11.445 1.00 36.16  ? 92  ASN A OD1   1 
ATOM   761  N  ND2   . ASN A 1 117 ? -16.856 10.971  -10.441 1.00 38.52  ? 92  ASN A ND2   1 
ATOM   762  N  N     . THR A 1 118 ? -15.319 5.501   -10.921 1.00 27.46  ? 93  THR A N     1 
ATOM   763  C  CA    . THR A 1 118 ? -14.294 4.474   -11.013 1.00 27.49  ? 93  THR A CA    1 
ATOM   764  C  C     . THR A 1 118 ? -13.241 4.708   -12.105 1.00 26.57  ? 93  THR A C     1 
ATOM   765  O  O     . THR A 1 118 ? -13.560 4.885   -13.281 1.00 28.28  ? 93  THR A O     1 
ATOM   766  C  CB    . THR A 1 118 ? -14.948 3.082   -11.186 1.00 27.32  ? 93  THR A CB    1 
ATOM   767  O  OG1   . THR A 1 118 ? -14.013 2.184   -11.793 1.00 28.27  ? 93  THR A OG1   1 
ATOM   768  C  CG2   . THR A 1 118 ? -16.209 3.181   -12.029 1.00 29.72  ? 93  THR A CG2   1 
ATOM   769  N  N     . PHE A 1 119 ? -11.979 4.709   -11.685 1.00 24.79  ? 94  PHE A N     1 
ATOM   770  C  CA    . PHE A 1 119 ? -10.843 4.928   -12.572 1.00 21.45  ? 94  PHE A CA    1 
ATOM   771  C  C     . PHE A 1 119 ? -10.233 3.605   -13.003 1.00 20.80  ? 94  PHE A C     1 
ATOM   772  O  O     . PHE A 1 119 ? -9.924  2.763   -12.168 1.00 20.91  ? 94  PHE A O     1 
ATOM   773  C  CB    . PHE A 1 119 ? -9.778  5.756   -11.856 1.00 20.94  ? 94  PHE A CB    1 
ATOM   774  C  CG    . PHE A 1 119 ? -10.202 7.166   -11.550 1.00 22.26  ? 94  PHE A CG    1 
ATOM   775  C  CD1   . PHE A 1 119 ? -11.376 7.421   -10.840 1.00 22.10  ? 94  PHE A CD1   1 
ATOM   776  C  CD2   . PHE A 1 119 ? -9.429  8.241   -11.970 1.00 22.77  ? 94  PHE A CD2   1 
ATOM   777  C  CE1   . PHE A 1 119 ? -11.770 8.728   -10.554 1.00 25.27  ? 94  PHE A CE1   1 
ATOM   778  C  CE2   . PHE A 1 119 ? -9.810  9.548   -11.691 1.00 24.46  ? 94  PHE A CE2   1 
ATOM   779  C  CZ    . PHE A 1 119 ? -10.981 9.796   -10.983 1.00 25.69  ? 94  PHE A CZ    1 
ATOM   780  N  N     . GLU A 1 120 ? -10.055 3.434   -14.309 1.00 21.04  ? 95  GLU A N     1 
ATOM   781  C  CA    . GLU A 1 120 ? -9.474  2.216   -14.852 1.00 20.82  ? 95  GLU A CA    1 
ATOM   782  C  C     . GLU A 1 120 ? -8.037  2.087   -14.363 1.00 19.15  ? 95  GLU A C     1 
ATOM   783  O  O     . GLU A 1 120 ? -7.442  3.055   -13.894 1.00 17.55  ? 95  GLU A O     1 
ATOM   784  C  CB    . GLU A 1 120 ? -9.485  2.253   -16.379 1.00 23.74  ? 95  GLU A CB    1 
ATOM   785  C  CG    . GLU A 1 120 ? -10.858 2.361   -17.015 1.00 28.75  ? 95  GLU A CG    1 
ATOM   786  C  CD    . GLU A 1 120 ? -11.685 1.096   -16.879 1.00 33.53  ? 95  GLU A CD    1 
ATOM   787  O  OE1   . GLU A 1 120 ? -12.773 1.036   -17.495 1.00 35.31  ? 95  GLU A OE1   1 
ATOM   788  O  OE2   . GLU A 1 120 ? -11.260 0.162   -16.164 1.00 35.40  ? 95  GLU A OE2   1 
ATOM   789  N  N     . PRO A 1 121 ? -7.462  0.882   -14.471 1.00 17.90  ? 96  PRO A N     1 
ATOM   790  C  CA    . PRO A 1 121 ? -6.091  0.615   -14.041 1.00 18.15  ? 96  PRO A CA    1 
ATOM   791  C  C     . PRO A 1 121 ? -5.047  1.602   -14.552 1.00 18.55  ? 96  PRO A C     1 
ATOM   792  O  O     . PRO A 1 121 ? -4.211  2.071   -13.786 1.00 19.25  ? 96  PRO A O     1 
ATOM   793  C  CB    . PRO A 1 121 ? -5.845  -0.798  -14.553 1.00 18.33  ? 96  PRO A CB    1 
ATOM   794  C  CG    . PRO A 1 121 ? -7.203  -1.426  -14.426 1.00 17.84  ? 96  PRO A CG    1 
ATOM   795  C  CD    . PRO A 1 121 ? -8.098  -0.349  -14.975 1.00 18.33  ? 96  PRO A CD    1 
ATOM   796  N  N     . ASN A 1 122 ? -5.089  1.924   -15.839 1.00 19.11  ? 97  ASN A N     1 
ATOM   797  C  CA    . ASN A 1 122 ? -4.109  2.845   -16.400 1.00 19.27  ? 97  ASN A CA    1 
ATOM   798  C  C     . ASN A 1 122 ? -4.408  4.330   -16.221 1.00 17.91  ? 97  ASN A C     1 
ATOM   799  O  O     . ASN A 1 122 ? -3.648  5.187   -16.682 1.00 15.55  ? 97  ASN A O     1 
ATOM   800  C  CB    . ASN A 1 122 ? -3.871  2.516   -17.873 1.00 22.24  ? 97  ASN A CB    1 
ATOM   801  C  CG    . ASN A 1 122 ? -2.969  1.307   -18.053 1.00 24.56  ? 97  ASN A CG    1 
ATOM   802  O  OD1   . ASN A 1 122 ? -2.687  0.890   -19.176 1.00 29.87  ? 97  ASN A OD1   1 
ATOM   803  N  ND2   . ASN A 1 122 ? -2.503  0.740   -16.939 1.00 20.61  ? 97  ASN A ND2   1 
ATOM   804  N  N     . GLN A 1 123 ? -5.504  4.635   -15.539 1.00 14.88  ? 98  GLN A N     1 
ATOM   805  C  CA    . GLN A 1 123 ? -5.864  6.017   -15.274 1.00 13.56  ? 98  GLN A CA    1 
ATOM   806  C  C     . GLN A 1 123 ? -5.200  6.380   -13.957 1.00 13.46  ? 98  GLN A C     1 
ATOM   807  O  O     . GLN A 1 123 ? -5.305  7.515   -13.487 1.00 14.59  ? 98  GLN A O     1 
ATOM   808  C  CB    . GLN A 1 123 ? -7.380  6.181   -15.126 1.00 14.85  ? 98  GLN A CB    1 
ATOM   809  C  CG    . GLN A 1 123 ? -8.205  5.828   -16.353 1.00 17.11  ? 98  GLN A CG    1 
ATOM   810  C  CD    . GLN A 1 123 ? -9.667  6.229   -16.199 1.00 17.87  ? 98  GLN A CD    1 
ATOM   811  O  OE1   . GLN A 1 123 ? -9.987  7.410   -16.078 1.00 19.09  ? 98  GLN A OE1   1 
ATOM   812  N  NE2   . GLN A 1 123 ? -10.556 5.247   -16.204 1.00 17.74  ? 98  GLN A NE2   1 
ATOM   813  N  N     . ILE A 1 124 ? -4.524  5.401   -13.363 1.00 12.53  ? 99  ILE A N     1 
ATOM   814  C  CA    . ILE A 1 124 ? -3.847  5.585   -12.085 1.00 12.31  ? 99  ILE A CA    1 
ATOM   815  C  C     . ILE A 1 124 ? -2.342  5.598   -12.307 1.00 13.47  ? 99  ILE A C     1 
ATOM   816  O  O     . ILE A 1 124 ? -1.769  4.630   -12.814 1.00 12.84  ? 99  ILE A O     1 
ATOM   817  C  CB    . ILE A 1 124 ? -4.217  4.458   -11.103 1.00 12.11  ? 99  ILE A CB    1 
ATOM   818  C  CG1   . ILE A 1 124 ? -5.739  4.326   -11.015 1.00 11.02  ? 99  ILE A CG1   1 
ATOM   819  C  CG2   . ILE A 1 124 ? -3.633  4.757   -9.727  1.00 11.57  ? 99  ILE A CG2   1 
ATOM   820  C  CD1   . ILE A 1 124 ? -6.192  3.180   -10.131 1.00 12.90  ? 99  ILE A CD1   1 
ATOM   821  N  N     . ASP A 1 125 ? -1.712  6.696   -11.902 1.00 13.45  ? 100 ASP A N     1 
ATOM   822  C  CA    . ASP A 1 125 ? -0.286  6.903   -12.089 1.00 15.44  ? 100 ASP A CA    1 
ATOM   823  C  C     . ASP A 1 125 ? 0.633   6.314   -11.033 1.00 15.25  ? 100 ASP A C     1 
ATOM   824  O  O     . ASP A 1 125 ? 1.832   6.189   -11.271 1.00 16.54  ? 100 ASP A O     1 
ATOM   825  C  CB    . ASP A 1 125 ? 0.006   8.409   -12.191 1.00 15.82  ? 100 ASP A CB    1 
ATOM   826  C  CG    . ASP A 1 125 ? -0.898  9.122   -13.192 1.00 16.75  ? 100 ASP A CG    1 
ATOM   827  O  OD1   . ASP A 1 125 ? -0.982  8.686   -14.358 1.00 17.18  ? 100 ASP A OD1   1 
ATOM   828  O  OD2   . ASP A 1 125 ? -1.524  10.126  -12.809 1.00 16.16  ? 100 ASP A OD2   1 
ATOM   829  N  N     . CYS A 1 126 ? 0.091   5.959   -9.873  1.00 14.62  ? 101 CYS A N     1 
ATOM   830  C  CA    . CYS A 1 126 ? 0.920   5.432   -8.787  1.00 12.52  ? 101 CYS A CA    1 
ATOM   831  C  C     . CYS A 1 126 ? 0.075   4.692   -7.754  1.00 11.97  ? 101 CYS A C     1 
ATOM   832  O  O     . CYS A 1 126 ? -1.024  5.123   -7.426  1.00 10.03  ? 101 CYS A O     1 
ATOM   833  C  CB    . CYS A 1 126 ? 1.665   6.594   -8.117  1.00 12.94  ? 101 CYS A CB    1 
ATOM   834  S  SG    . CYS A 1 126 ? 2.768   6.171   -6.751  1.00 19.54  ? 101 CYS A SG    1 
ATOM   835  N  N     . PHE A 1 127 ? 0.602   3.586   -7.237  1.00 10.81  ? 102 PHE A N     1 
ATOM   836  C  CA    . PHE A 1 127 ? -0.125  2.786   -6.261  1.00 11.29  ? 102 PHE A CA    1 
ATOM   837  C  C     . PHE A 1 127 ? 0.548   2.632   -4.901  1.00 10.71  ? 102 PHE A C     1 
ATOM   838  O  O     . PHE A 1 127 ? 1.596   1.983   -4.789  1.00 12.50  ? 102 PHE A O     1 
ATOM   839  C  CB    . PHE A 1 127 ? -0.395  1.376   -6.811  1.00 11.83  ? 102 PHE A CB    1 
ATOM   840  C  CG    . PHE A 1 127 ? -1.388  1.328   -7.945  1.00 11.33  ? 102 PHE A CG    1 
ATOM   841  C  CD1   . PHE A 1 127 ? -1.028  1.734   -9.224  1.00 11.03  ? 102 PHE A CD1   1 
ATOM   842  C  CD2   . PHE A 1 127 ? -2.675  0.848   -7.732  1.00 10.16  ? 102 PHE A CD2   1 
ATOM   843  C  CE1   . PHE A 1 127 ? -1.921  1.662   -10.271 1.00 12.45  ? 102 PHE A CE1   1 
ATOM   844  C  CE2   . PHE A 1 127 ? -3.587  0.769   -8.774  1.00 13.28  ? 102 PHE A CE2   1 
ATOM   845  C  CZ    . PHE A 1 127 ? -3.207  1.179   -10.051 1.00 14.70  ? 102 PHE A CZ    1 
ATOM   846  N  N     . LEU A 1 128 ? -0.064  3.214   -3.872  1.00 9.07   ? 103 LEU A N     1 
ATOM   847  C  CA    . LEU A 1 128 ? 0.452   3.084   -2.515  1.00 8.63   ? 103 LEU A CA    1 
ATOM   848  C  C     . LEU A 1 128 ? -0.342  1.925   -1.941  1.00 9.09   ? 103 LEU A C     1 
ATOM   849  O  O     . LEU A 1 128 ? -1.538  2.043   -1.680  1.00 10.54  ? 103 LEU A O     1 
ATOM   850  C  CB    . LEU A 1 128 ? 0.229   4.365   -1.719  1.00 8.02   ? 103 LEU A CB    1 
ATOM   851  C  CG    . LEU A 1 128 ? 0.908   5.563   -2.377  1.00 6.06   ? 103 LEU A CG    1 
ATOM   852  C  CD1   . LEU A 1 128 ? 0.684   6.803   -1.546  1.00 5.80   ? 103 LEU A CD1   1 
ATOM   853  C  CD2   . LEU A 1 128 ? 2.399   5.263   -2.552  1.00 5.35   ? 103 LEU A CD2   1 
ATOM   854  N  N     . ILE A 1 129 ? 0.347   0.800   -1.771  1.00 8.17   ? 104 ILE A N     1 
ATOM   855  C  CA    . ILE A 1 129 ? -0.244  -0.450  -1.312  1.00 7.71   ? 104 ILE A CA    1 
ATOM   856  C  C     . ILE A 1 129 ? -0.033  -0.847  0.138   1.00 6.73   ? 104 ILE A C     1 
ATOM   857  O  O     . ILE A 1 129 ? 1.079   -0.756  0.659   1.00 6.89   ? 104 ILE A O     1 
ATOM   858  C  CB    . ILE A 1 129 ? 0.296   -1.610  -2.149  1.00 7.53   ? 104 ILE A CB    1 
ATOM   859  C  CG1   . ILE A 1 129 ? 0.082   -1.320  -3.627  1.00 7.43   ? 104 ILE A CG1   1 
ATOM   860  C  CG2   . ILE A 1 129 ? -0.350  -2.906  -1.717  1.00 4.44   ? 104 ILE A CG2   1 
ATOM   861  C  CD1   . ILE A 1 129 ? 0.904   -2.197  -4.520  1.00 10.21  ? 104 ILE A CD1   1 
ATOM   862  N  N     . PRO A 1 130 ? -1.104  -1.308  0.804   1.00 6.23   ? 105 PRO A N     1 
ATOM   863  C  CA    . PRO A 1 130 ? -1.061  -1.749  2.205   1.00 5.33   ? 105 PRO A CA    1 
ATOM   864  C  C     . PRO A 1 130 ? -0.625  -3.228  2.251   1.00 5.97   ? 105 PRO A C     1 
ATOM   865  O  O     . PRO A 1 130 ? -0.953  -4.016  1.357   1.00 5.41   ? 105 PRO A O     1 
ATOM   866  C  CB    . PRO A 1 130 ? -2.499  -1.556  2.662   1.00 5.76   ? 105 PRO A CB    1 
ATOM   867  C  CG    . PRO A 1 130 ? -3.262  -1.926  1.436   1.00 0.63   ? 105 PRO A CG    1 
ATOM   868  C  CD    . PRO A 1 130 ? -2.500  -1.207  0.342   1.00 2.95   ? 105 PRO A CD    1 
ATOM   869  N  N     . LEU A 1 131 ? 0.114   -3.615  3.278   1.00 6.58   ? 106 LEU A N     1 
ATOM   870  C  CA    . LEU A 1 131 ? 0.554   -4.996  3.343   1.00 7.02   ? 106 LEU A CA    1 
ATOM   871  C  C     . LEU A 1 131 ? 0.823   -5.535  4.738   1.00 8.40   ? 106 LEU A C     1 
ATOM   872  O  O     . LEU A 1 131 ? 0.968   -4.779  5.699   1.00 9.31   ? 106 LEU A O     1 
ATOM   873  C  CB    . LEU A 1 131 ? 1.795   -5.175  2.467   1.00 6.24   ? 106 LEU A CB    1 
ATOM   874  C  CG    . LEU A 1 131 ? 2.996   -4.265  2.712   1.00 9.70   ? 106 LEU A CG    1 
ATOM   875  C  CD1   . LEU A 1 131 ? 3.706   -4.680  3.996   1.00 7.20   ? 106 LEU A CD1   1 
ATOM   876  C  CD2   . LEU A 1 131 ? 3.946   -4.370  1.528   1.00 8.93   ? 106 LEU A CD2   1 
ATOM   877  N  N     . VAL A 1 132 ? 0.874   -6.860  4.827   1.00 9.40   ? 107 VAL A N     1 
ATOM   878  C  CA    . VAL A 1 132 ? 1.144   -7.552  6.077   1.00 7.77   ? 107 VAL A CA    1 
ATOM   879  C  C     . VAL A 1 132 ? 2.652   -7.746  6.238   1.00 8.17   ? 107 VAL A C     1 
ATOM   880  O  O     . VAL A 1 132 ? 3.195   -7.555  7.316   1.00 10.94  ? 107 VAL A O     1 
ATOM   881  C  CB    . VAL A 1 132 ? 0.455   -8.919  6.092   1.00 7.70   ? 107 VAL A CB    1 
ATOM   882  C  CG1   . VAL A 1 132 ? 0.729   -9.635  7.417   1.00 5.83   ? 107 VAL A CG1   1 
ATOM   883  C  CG2   . VAL A 1 132 ? -1.024  -8.733  5.863   1.00 5.77   ? 107 VAL A CG2   1 
ATOM   884  N  N     . GLY A 1 133 ? 3.322   -8.124  5.158   1.00 8.37   ? 108 GLY A N     1 
ATOM   885  C  CA    . GLY A 1 133 ? 4.753   -8.324  5.218   1.00 9.38   ? 108 GLY A CA    1 
ATOM   886  C  C     . GLY A 1 133 ? 5.390   -8.208  3.852   1.00 11.57  ? 108 GLY A C     1 
ATOM   887  O  O     . GLY A 1 133 ? 4.701   -7.934  2.871   1.00 14.03  ? 108 GLY A O     1 
ATOM   888  N  N     . PHE A 1 134 ? 6.702   -8.398  3.785   1.00 13.92  ? 109 PHE A N     1 
ATOM   889  C  CA    . PHE A 1 134 ? 7.427   -8.352  2.519   1.00 15.73  ? 109 PHE A CA    1 
ATOM   890  C  C     . PHE A 1 134 ? 8.793   -9.001  2.689   1.00 16.36  ? 109 PHE A C     1 
ATOM   891  O  O     . PHE A 1 134 ? 9.416   -8.885  3.744   1.00 17.18  ? 109 PHE A O     1 
ATOM   892  C  CB    . PHE A 1 134 ? 7.585   -6.910  2.004   1.00 17.28  ? 109 PHE A CB    1 
ATOM   893  C  CG    . PHE A 1 134 ? 8.221   -5.967  2.990   1.00 19.97  ? 109 PHE A CG    1 
ATOM   894  C  CD1   . PHE A 1 134 ? 7.465   -5.373  3.997   1.00 21.25  ? 109 PHE A CD1   1 
ATOM   895  C  CD2   . PHE A 1 134 ? 9.583   -5.681  2.923   1.00 19.27  ? 109 PHE A CD2   1 
ATOM   896  C  CE1   . PHE A 1 134 ? 8.066   -4.503  4.930   1.00 19.55  ? 109 PHE A CE1   1 
ATOM   897  C  CE2   . PHE A 1 134 ? 10.187  -4.817  3.844   1.00 18.69  ? 109 PHE A CE2   1 
ATOM   898  C  CZ    . PHE A 1 134 ? 9.429   -4.229  4.848   1.00 18.55  ? 109 PHE A CZ    1 
ATOM   899  N  N     . ASN A 1 135 ? 9.255   -9.706  1.664   1.00 17.14  ? 110 ASN A N     1 
ATOM   900  C  CA    . ASN A 1 135 ? 10.546  -10.352 1.770   1.00 18.61  ? 110 ASN A CA    1 
ATOM   901  C  C     . ASN A 1 135 ? 11.666  -9.557  1.102   1.00 18.92  ? 110 ASN A C     1 
ATOM   902  O  O     . ASN A 1 135 ? 11.437  -8.464  0.582   1.00 17.88  ? 110 ASN A O     1 
ATOM   903  C  CB    . ASN A 1 135 ? 10.468  -11.797 1.247   1.00 17.23  ? 110 ASN A CB    1 
ATOM   904  C  CG    . ASN A 1 135 ? 10.087  -11.889 -0.219  1.00 19.49  ? 110 ASN A CG    1 
ATOM   905  O  OD1   . ASN A 1 135 ? 9.619   -12.938 -0.675  1.00 18.64  ? 110 ASN A OD1   1 
ATOM   906  N  ND2   . ASN A 1 135 ? 10.299  -10.813 -0.970  1.00 15.67  ? 110 ASN A ND2   1 
ATOM   907  N  N     . LYS A 1 136 ? 12.875  -10.107 1.133   1.00 19.11  ? 111 LYS A N     1 
ATOM   908  C  CA    . LYS A 1 136 ? 14.042  -9.443  0.565   1.00 19.80  ? 111 LYS A CA    1 
ATOM   909  C  C     . LYS A 1 136 ? 13.934  -9.081  -0.910  1.00 20.51  ? 111 LYS A C     1 
ATOM   910  O  O     . LYS A 1 136 ? 14.666  -8.220  -1.387  1.00 21.05  ? 111 LYS A O     1 
ATOM   911  C  CB    . LYS A 1 136 ? 15.297  -10.294 0.793   1.00 19.82  ? 111 LYS A CB    1 
ATOM   912  C  CG    . LYS A 1 136 ? 15.308  -11.643 0.081   1.00 20.93  ? 111 LYS A CG    1 
ATOM   913  C  CD    . LYS A 1 136 ? 16.610  -12.388 0.364   1.00 23.29  ? 111 LYS A CD    1 
ATOM   914  C  CE    . LYS A 1 136 ? 16.635  -13.775 -0.275  1.00 23.93  ? 111 LYS A CE    1 
ATOM   915  N  NZ    . LYS A 1 136 ? 16.634  -13.728 -1.773  1.00 28.85  ? 111 LYS A NZ    1 
ATOM   916  N  N     . ASP A 1 137 ? 13.033  -9.725  -1.637  1.00 19.99  ? 112 ASP A N     1 
ATOM   917  C  CA    . ASP A 1 137 ? 12.893  -9.420  -3.051  1.00 19.87  ? 112 ASP A CA    1 
ATOM   918  C  C     . ASP A 1 137 ? 11.785  -8.406  -3.303  1.00 20.62  ? 112 ASP A C     1 
ATOM   919  O  O     . ASP A 1 137 ? 11.401  -8.153  -4.447  1.00 20.91  ? 112 ASP A O     1 
ATOM   920  C  CB    . ASP A 1 137 ? 12.633  -10.700 -3.842  1.00 20.53  ? 112 ASP A CB    1 
ATOM   921  C  CG    . ASP A 1 137 ? 13.785  -11.686 -3.744  1.00 22.86  ? 112 ASP A CG    1 
ATOM   922  O  OD1   . ASP A 1 137 ? 14.948  -11.235 -3.674  1.00 20.95  ? 112 ASP A OD1   1 
ATOM   923  O  OD2   . ASP A 1 137 ? 13.529  -12.909 -3.745  1.00 23.29  ? 112 ASP A OD2   1 
ATOM   924  N  N     . ASN A 1 138 ? 11.287  -7.813  -2.223  1.00 21.17  ? 113 ASN A N     1 
ATOM   925  C  CA    . ASN A 1 138 ? 10.223  -6.831  -2.315  1.00 20.31  ? 113 ASN A CA    1 
ATOM   926  C  C     . ASN A 1 138 ? 8.883   -7.415  -2.760  1.00 18.99  ? 113 ASN A C     1 
ATOM   927  O  O     . ASN A 1 138 ? 8.061   -6.717  -3.351  1.00 20.55  ? 113 ASN A O     1 
ATOM   928  C  CB    . ASN A 1 138 ? 10.628  -5.686  -3.247  1.00 20.50  ? 113 ASN A CB    1 
ATOM   929  C  CG    . ASN A 1 138 ? 11.670  -4.769  -2.624  1.00 23.02  ? 113 ASN A CG    1 
ATOM   930  O  OD1   . ASN A 1 138 ? 11.438  -4.158  -1.582  1.00 26.78  ? 113 ASN A OD1   1 
ATOM   931  N  ND2   . ASN A 1 138 ? 12.831  -4.677  -3.263  1.00 23.16  ? 113 ASN A ND2   1 
ATOM   932  N  N     . TYR A 1 139 ? 8.662   -8.695  -2.491  1.00 17.16  ? 114 TYR A N     1 
ATOM   933  C  CA    . TYR A 1 139 ? 7.385   -9.295  -2.842  1.00 16.75  ? 114 TYR A CA    1 
ATOM   934  C  C     . TYR A 1 139 ? 6.459   -9.013  -1.656  1.00 16.69  ? 114 TYR A C     1 
ATOM   935  O  O     . TYR A 1 139 ? 6.921   -8.887  -0.519  1.00 14.49  ? 114 TYR A O     1 
ATOM   936  C  CB    . TYR A 1 139 ? 7.526   -10.800 -3.090  1.00 16.72  ? 114 TYR A CB    1 
ATOM   937  C  CG    . TYR A 1 139 ? 8.047   -11.148 -4.470  1.00 18.35  ? 114 TYR A CG    1 
ATOM   938  C  CD1   . TYR A 1 139 ? 9.416   -11.187 -4.735  1.00 18.84  ? 114 TYR A CD1   1 
ATOM   939  C  CD2   . TYR A 1 139 ? 7.169   -11.433 -5.515  1.00 17.53  ? 114 TYR A CD2   1 
ATOM   940  C  CE1   . TYR A 1 139 ? 9.896   -11.511 -6.009  1.00 19.89  ? 114 TYR A CE1   1 
ATOM   941  C  CE2   . TYR A 1 139 ? 7.636   -11.751 -6.790  1.00 18.85  ? 114 TYR A CE2   1 
ATOM   942  C  CZ    . TYR A 1 139 ? 8.998   -11.791 -7.030  1.00 20.11  ? 114 TYR A CZ    1 
ATOM   943  O  OH    . TYR A 1 139 ? 9.460   -12.122 -8.282  1.00 19.70  ? 114 TYR A OH    1 
ATOM   944  N  N     . ARG A 1 140 ? 5.163   -8.902  -1.931  1.00 16.13  ? 115 ARG A N     1 
ATOM   945  C  CA    . ARG A 1 140 ? 4.179   -8.588  -0.905  1.00 16.51  ? 115 ARG A CA    1 
ATOM   946  C  C     . ARG A 1 140 ? 3.474   -9.779  -0.284  1.00 15.95  ? 115 ARG A C     1 
ATOM   947  O  O     . ARG A 1 140 ? 3.387   -10.855 -0.872  1.00 16.59  ? 115 ARG A O     1 
ATOM   948  C  CB    . ARG A 1 140 ? 3.131   -7.631  -1.488  1.00 17.95  ? 115 ARG A CB    1 
ATOM   949  C  CG    . ARG A 1 140 ? 1.878   -7.410  -0.635  1.00 19.07  ? 115 ARG A CG    1 
ATOM   950  C  CD    . ARG A 1 140 ? 1.007   -6.319  -1.241  1.00 17.17  ? 115 ARG A CD    1 
ATOM   951  N  NE    . ARG A 1 140 ? -0.223  -6.092  -0.488  1.00 19.13  ? 115 ARG A NE    1 
ATOM   952  C  CZ    . ARG A 1 140 ? -1.336  -6.817  -0.603  1.00 14.63  ? 115 ARG A CZ    1 
ATOM   953  N  NH1   . ARG A 1 140 ? -1.407  -7.838  -1.455  1.00 13.83  ? 115 ARG A NH1   1 
ATOM   954  N  NH2   . ARG A 1 140 ? -2.384  -6.521  0.156   1.00 9.90   ? 115 ARG A NH2   1 
ATOM   955  N  N     . LEU A 1 141 ? 2.976   -9.564  0.926   1.00 13.83  ? 116 LEU A N     1 
ATOM   956  C  CA    . LEU A 1 141 ? 2.227   -10.571 1.654   1.00 14.59  ? 116 LEU A CA    1 
ATOM   957  C  C     . LEU A 1 141 ? 0.971   -9.857  2.146   1.00 14.41  ? 116 LEU A C     1 
ATOM   958  O  O     . LEU A 1 141 ? 1.013   -9.111  3.124   1.00 13.63  ? 116 LEU A O     1 
ATOM   959  C  CB    . LEU A 1 141 ? 3.038   -11.096 2.845   1.00 13.12  ? 116 LEU A CB    1 
ATOM   960  C  CG    . LEU A 1 141 ? 2.297   -12.059 3.774   1.00 12.96  ? 116 LEU A CG    1 
ATOM   961  C  CD1   . LEU A 1 141 ? 2.015   -13.367 3.049   1.00 10.52  ? 116 LEU A CD1   1 
ATOM   962  C  CD2   . LEU A 1 141 ? 3.119   -12.300 5.020   1.00 12.48  ? 116 LEU A CD2   1 
ATOM   963  N  N     . GLY A 1 142 ? -0.138  -10.074 1.447   1.00 16.62  ? 117 GLY A N     1 
ATOM   964  C  CA    . GLY A 1 142 ? -1.391  -9.437  1.812   1.00 16.01  ? 117 GLY A CA    1 
ATOM   965  C  C     . GLY A 1 142 ? -2.257  -10.355 2.638   1.00 17.24  ? 117 GLY A C     1 
ATOM   966  O  O     . GLY A 1 142 ? -1.759  -11.319 3.209   1.00 19.70  ? 117 GLY A O     1 
ATOM   967  N  N     . PHE A 1 143 ? -3.552  -10.066 2.693   1.00 16.88  ? 118 PHE A N     1 
ATOM   968  C  CA    . PHE A 1 143 ? -4.498  -10.869 3.463   1.00 15.98  ? 118 PHE A CA    1 
ATOM   969  C  C     . PHE A 1 143 ? -4.752  -12.277 2.926   1.00 15.23  ? 118 PHE A C     1 
ATOM   970  O  O     . PHE A 1 143 ? -5.483  -13.053 3.532   1.00 15.34  ? 118 PHE A O     1 
ATOM   971  C  CB    . PHE A 1 143 ? -5.820  -10.110 3.616   1.00 13.74  ? 118 PHE A CB    1 
ATOM   972  C  CG    . PHE A 1 143 ? -5.748  -8.978  4.603   1.00 15.01  ? 118 PHE A CG    1 
ATOM   973  C  CD1   . PHE A 1 143 ? -5.990  -7.669  4.212   1.00 16.29  ? 118 PHE A CD1   1 
ATOM   974  C  CD2   . PHE A 1 143 ? -5.403  -9.219  5.932   1.00 17.43  ? 118 PHE A CD2   1 
ATOM   975  C  CE1   . PHE A 1 143 ? -5.888  -6.614  5.132   1.00 14.22  ? 118 PHE A CE1   1 
ATOM   976  C  CE2   . PHE A 1 143 ? -5.297  -8.168  6.854   1.00 15.34  ? 118 PHE A CE2   1 
ATOM   977  C  CZ    . PHE A 1 143 ? -5.541  -6.869  6.447   1.00 16.76  ? 118 PHE A CZ    1 
ATOM   978  N  N     . GLY A 1 144 ? -4.145  -12.610 1.794   1.00 15.84  ? 119 GLY A N     1 
ATOM   979  C  CA    . GLY A 1 144 ? -4.300  -13.945 1.245   1.00 14.70  ? 119 GLY A CA    1 
ATOM   980  C  C     . GLY A 1 144 ? -5.441  -14.137 0.270   1.00 14.44  ? 119 GLY A C     1 
ATOM   981  O  O     . GLY A 1 144 ? -5.689  -15.260 -0.170  1.00 13.89  ? 119 GLY A O     1 
ATOM   982  N  N     . LYS A 1 145 ? -6.140  -13.054 -0.054  1.00 15.69  ? 120 LYS A N     1 
ATOM   983  C  CA    . LYS A 1 145 ? -7.254  -13.105 -0.992  1.00 16.42  ? 120 LYS A CA    1 
ATOM   984  C  C     . LYS A 1 145 ? -6.728  -13.128 -2.422  1.00 17.22  ? 120 LYS A C     1 
ATOM   985  O  O     . LYS A 1 145 ? -7.255  -13.842 -3.273  1.00 18.61  ? 120 LYS A O     1 
ATOM   986  C  CB    . LYS A 1 145 ? -8.147  -11.885 -0.803  1.00 18.60  ? 120 LYS A CB    1 
ATOM   987  C  CG    . LYS A 1 145 ? -8.865  -11.834 0.525   1.00 20.15  ? 120 LYS A CG    1 
ATOM   988  C  CD    . LYS A 1 145 ? -10.266 -12.433 0.434   1.00 22.82  ? 120 LYS A CD    1 
ATOM   989  C  CE    . LYS A 1 145 ? -10.248 -13.947 0.329   1.00 22.55  ? 120 LYS A CE    1 
ATOM   990  N  NZ    . LYS A 1 145 ? -11.631 -14.502 0.189   1.00 26.57  ? 120 LYS A NZ    1 
ATOM   991  N  N     . GLY A 1 146 ? -5.700  -12.323 -2.682  1.00 16.89  ? 121 GLY A N     1 
ATOM   992  C  CA    . GLY A 1 146 ? -5.108  -12.267 -4.005  1.00 17.99  ? 121 GLY A CA    1 
ATOM   993  C  C     . GLY A 1 146 ? -5.604  -11.166 -4.920  1.00 17.76  ? 121 GLY A C     1 
ATOM   994  O  O     . GLY A 1 146 ? -5.267  -11.150 -6.111  1.00 18.44  ? 121 GLY A O     1 
ATOM   995  N  N     . TYR A 1 147 ? -6.388  -10.240 -4.376  1.00 16.49  ? 122 TYR A N     1 
ATOM   996  C  CA    . TYR A 1 147 ? -6.929  -9.135  -5.167  1.00 16.25  ? 122 TYR A CA    1 
ATOM   997  C  C     . TYR A 1 147 ? -5.866  -8.248  -5.819  1.00 14.61  ? 122 TYR A C     1 
ATOM   998  O  O     . TYR A 1 147 ? -5.975  -7.902  -7.001  1.00 13.86  ? 122 TYR A O     1 
ATOM   999  C  CB    . TYR A 1 147 ? -7.844  -8.276  -4.300  1.00 16.52  ? 122 TYR A CB    1 
ATOM   1000 C  CG    . TYR A 1 147 ? -9.065  -9.000  -3.782  1.00 18.36  ? 122 TYR A CG    1 
ATOM   1001 C  CD1   . TYR A 1 147 ? -9.444  -8.886  -2.445  1.00 18.31  ? 122 TYR A CD1   1 
ATOM   1002 C  CD2   . TYR A 1 147 ? -9.869  -9.765  -4.628  1.00 19.10  ? 122 TYR A CD2   1 
ATOM   1003 C  CE1   . TYR A 1 147 ? -10.580 -9.506  -1.961  1.00 17.29  ? 122 TYR A CE1   1 
ATOM   1004 C  CE2   . TYR A 1 147 ? -11.024 -10.394 -4.148  1.00 19.67  ? 122 TYR A CE2   1 
ATOM   1005 C  CZ    . TYR A 1 147 ? -11.370 -10.255 -2.810  1.00 19.59  ? 122 TYR A CZ    1 
ATOM   1006 O  OH    . TYR A 1 147 ? -12.502 -10.852 -2.304  1.00 16.02  ? 122 TYR A OH    1 
ATOM   1007 N  N     . TYR A 1 148 ? -4.849  -7.865  -5.051  1.00 12.44  ? 123 TYR A N     1 
ATOM   1008 C  CA    . TYR A 1 148 ? -3.786  -7.020  -5.589  1.00 11.29  ? 123 TYR A CA    1 
ATOM   1009 C  C     . TYR A 1 148 ? -2.925  -7.709  -6.631  1.00 9.03   ? 123 TYR A C     1 
ATOM   1010 O  O     . TYR A 1 148 ? -2.585  -7.107  -7.643  1.00 7.77   ? 123 TYR A O     1 
ATOM   1011 C  CB    . TYR A 1 148 ? -2.881  -6.491  -4.477  1.00 10.01  ? 123 TYR A CB    1 
ATOM   1012 C  CG    . TYR A 1 148 ? -3.343  -5.176  -3.917  1.00 9.06   ? 123 TYR A CG    1 
ATOM   1013 C  CD1   . TYR A 1 148 ? -4.159  -5.124  -2.796  1.00 6.13   ? 123 TYR A CD1   1 
ATOM   1014 C  CD2   . TYR A 1 148 ? -2.976  -3.975  -4.529  1.00 8.13   ? 123 TYR A CD2   1 
ATOM   1015 C  CE1   . TYR A 1 148 ? -4.601  -3.902  -2.286  1.00 8.04   ? 123 TYR A CE1   1 
ATOM   1016 C  CE2   . TYR A 1 148 ? -3.416  -2.754  -4.032  1.00 9.09   ? 123 TYR A CE2   1 
ATOM   1017 C  CZ    . TYR A 1 148 ? -4.227  -2.725  -2.907  1.00 8.74   ? 123 TYR A CZ    1 
ATOM   1018 O  OH    . TYR A 1 148 ? -4.645  -1.521  -2.402  1.00 7.66   ? 123 TYR A OH    1 
ATOM   1019 N  N     . ASP A 1 149 ? -2.552  -8.960  -6.395  1.00 9.88   ? 124 ASP A N     1 
ATOM   1020 C  CA    . ASP A 1 149 ? -1.741  -9.658  -7.385  1.00 10.76  ? 124 ASP A CA    1 
ATOM   1021 C  C     . ASP A 1 149 ? -2.545  -9.671  -8.673  1.00 11.02  ? 124 ASP A C     1 
ATOM   1022 O  O     . ASP A 1 149 ? -2.054  -9.305  -9.734  1.00 11.81  ? 124 ASP A O     1 
ATOM   1023 C  CB    . ASP A 1 149 ? -1.447  -11.094 -6.950  1.00 8.92   ? 124 ASP A CB    1 
ATOM   1024 C  CG    . ASP A 1 149 ? -0.594  -11.160 -5.711  1.00 9.68   ? 124 ASP A CG    1 
ATOM   1025 O  OD1   . ASP A 1 149 ? 0.509   -10.585 -5.730  1.00 7.18   ? 124 ASP A OD1   1 
ATOM   1026 O  OD2   . ASP A 1 149 ? -1.021  -11.792 -4.720  1.00 12.84  ? 124 ASP A OD2   1 
ATOM   1027 N  N     . ARG A 1 150 ? -3.801  -10.075 -8.553  1.00 13.23  ? 125 ARG A N     1 
ATOM   1028 C  CA    . ARG A 1 150 ? -4.714  -10.161 -9.685  1.00 15.59  ? 125 ARG A CA    1 
ATOM   1029 C  C     . ARG A 1 150 ? -4.819  -8.837  -10.447 1.00 14.64  ? 125 ARG A C     1 
ATOM   1030 O  O     . ARG A 1 150 ? -4.649  -8.791  -11.670 1.00 16.46  ? 125 ARG A O     1 
ATOM   1031 C  CB    . ARG A 1 150 ? -6.101  -10.577 -9.174  1.00 18.46  ? 125 ARG A CB    1 
ATOM   1032 C  CG    . ARG A 1 150 ? -6.906  -11.452 -10.121 1.00 22.86  ? 125 ARG A CG    1 
ATOM   1033 C  CD    . ARG A 1 150 ? -8.272  -11.773 -9.520  1.00 27.96  ? 125 ARG A CD    1 
ATOM   1034 N  NE    . ARG A 1 150 ? -8.165  -12.355 -8.179  1.00 31.91  ? 125 ARG A NE    1 
ATOM   1035 C  CZ    . ARG A 1 150 ? -7.827  -13.618 -7.927  1.00 33.54  ? 125 ARG A CZ    1 
ATOM   1036 N  NH1   . ARG A 1 150 ? -7.565  -14.447 -8.925  1.00 33.96  ? 125 ARG A NH1   1 
ATOM   1037 N  NH2   . ARG A 1 150 ? -7.750  -14.050 -6.673  1.00 33.15  ? 125 ARG A NH2   1 
ATOM   1038 N  N     . TYR A 1 151 ? -5.091  -7.766  -9.708  1.00 13.45  ? 126 TYR A N     1 
ATOM   1039 C  CA    . TYR A 1 151 ? -5.265  -6.431  -10.265 1.00 14.46  ? 126 TYR A CA    1 
ATOM   1040 C  C     . TYR A 1 151 ? -4.005  -5.839  -10.873 1.00 15.29  ? 126 TYR A C     1 
ATOM   1041 O  O     . TYR A 1 151 ? -3.965  -5.496  -12.055 1.00 15.93  ? 126 TYR A O     1 
ATOM   1042 C  CB    . TYR A 1 151 ? -5.764  -5.486  -9.172  1.00 15.31  ? 126 TYR A CB    1 
ATOM   1043 C  CG    . TYR A 1 151 ? -6.234  -4.145  -9.682  1.00 13.74  ? 126 TYR A CG    1 
ATOM   1044 C  CD1   . TYR A 1 151 ? -7.558  -3.955  -10.081 1.00 14.99  ? 126 TYR A CD1   1 
ATOM   1045 C  CD2   . TYR A 1 151 ? -5.349  -3.077  -9.798  1.00 14.89  ? 126 TYR A CD2   1 
ATOM   1046 C  CE1   . TYR A 1 151 ? -7.983  -2.733  -10.586 1.00 17.10  ? 126 TYR A CE1   1 
ATOM   1047 C  CE2   . TYR A 1 151 ? -5.764  -1.849  -10.304 1.00 14.62  ? 126 TYR A CE2   1 
ATOM   1048 C  CZ    . TYR A 1 151 ? -7.078  -1.684  -10.695 1.00 16.05  ? 126 TYR A CZ    1 
ATOM   1049 O  OH    . TYR A 1 151 ? -7.491  -0.467  -11.186 1.00 15.14  ? 126 TYR A OH    1 
ATOM   1050 N  N     . LEU A 1 152 ? -2.978  -5.709  -10.044 1.00 15.10  ? 127 LEU A N     1 
ATOM   1051 C  CA    . LEU A 1 152 ? -1.717  -5.136  -10.471 1.00 15.94  ? 127 LEU A CA    1 
ATOM   1052 C  C     . LEU A 1 152 ? -1.076  -5.780  -11.696 1.00 17.36  ? 127 LEU A C     1 
ATOM   1053 O  O     . LEU A 1 152 ? 0.034   -5.410  -12.065 1.00 18.84  ? 127 LEU A O     1 
ATOM   1054 C  CB    . LEU A 1 152 ? -0.730  -5.143  -9.304  1.00 12.50  ? 127 LEU A CB    1 
ATOM   1055 C  CG    . LEU A 1 152 ? -1.184  -4.372  -8.060  1.00 11.87  ? 127 LEU A CG    1 
ATOM   1056 C  CD1   . LEU A 1 152 ? -0.108  -4.465  -6.987  1.00 11.16  ? 127 LEU A CD1   1 
ATOM   1057 C  CD2   . LEU A 1 152 ? -1.464  -2.910  -8.414  1.00 11.70  ? 127 LEU A CD2   1 
ATOM   1058 N  N     . MET A 1 153 ? -1.751  -6.736  -12.327 1.00 20.02  ? 128 MET A N     1 
ATOM   1059 C  CA    . MET A 1 153 ? -1.197  -7.369  -13.524 1.00 22.13  ? 128 MET A CA    1 
ATOM   1060 C  C     . MET A 1 153 ? -1.645  -6.584  -14.754 1.00 22.59  ? 128 MET A C     1 
ATOM   1061 O  O     . MET A 1 153 ? -1.039  -6.669  -15.819 1.00 23.73  ? 128 MET A O     1 
ATOM   1062 C  CB    . MET A 1 153 ? -1.680  -8.816  -13.673 1.00 23.74  ? 128 MET A CB    1 
ATOM   1063 C  CG    . MET A 1 153 ? -1.189  -9.801  -12.624 1.00 26.23  ? 128 MET A CG    1 
ATOM   1064 S  SD    . MET A 1 153 ? -1.614  -11.521 -13.078 1.00 29.59  ? 128 MET A SD    1 
ATOM   1065 C  CE    . MET A 1 153 ? -3.371  -11.396 -13.260 1.00 26.54  ? 128 MET A CE    1 
ATOM   1066 N  N     . GLN A 1 154 ? -2.718  -5.821  -14.585 1.00 21.58  ? 129 GLN A N     1 
ATOM   1067 C  CA    . GLN A 1 154 ? -3.299  -5.015  -15.653 1.00 21.71  ? 129 GLN A CA    1 
ATOM   1068 C  C     . GLN A 1 154 ? -2.523  -3.746  -15.973 1.00 21.72  ? 129 GLN A C     1 
ATOM   1069 O  O     . GLN A 1 154 ? -2.760  -3.117  -17.002 1.00 22.30  ? 129 GLN A O     1 
ATOM   1070 C  CB    . GLN A 1 154 ? -4.732  -4.630  -15.283 1.00 21.20  ? 129 GLN A CB    1 
ATOM   1071 C  CG    . GLN A 1 154 ? -5.700  -5.800  -15.227 1.00 24.42  ? 129 GLN A CG    1 
ATOM   1072 C  CD    . GLN A 1 154 ? -6.983  -5.456  -14.498 1.00 27.00  ? 129 GLN A CD    1 
ATOM   1073 O  OE1   . GLN A 1 154 ? -8.032  -6.033  -14.765 1.00 29.19  ? 129 GLN A OE1   1 
ATOM   1074 N  NE2   . GLN A 1 154 ? -6.901  -4.519  -13.561 1.00 29.29  ? 129 GLN A NE2   1 
ATOM   1075 N  N     . LEU A 1 155 ? -1.608  -3.365  -15.090 1.00 19.55  ? 130 LEU A N     1 
ATOM   1076 C  CA    . LEU A 1 155 ? -0.822  -2.154  -15.280 1.00 20.31  ? 130 LEU A CA    1 
ATOM   1077 C  C     . LEU A 1 155 ? 0.204   -2.296  -16.410 1.00 20.85  ? 130 LEU A C     1 
ATOM   1078 O  O     . LEU A 1 155 ? 1.204   -3.008  -16.274 1.00 21.68  ? 130 LEU A O     1 
ATOM   1079 C  CB    . LEU A 1 155 ? -0.137  -1.780  -13.960 1.00 20.50  ? 130 LEU A CB    1 
ATOM   1080 C  CG    . LEU A 1 155 ? -1.079  -1.657  -12.745 1.00 19.46  ? 130 LEU A CG    1 
ATOM   1081 C  CD1   . LEU A 1 155 ? -0.297  -1.187  -11.529 1.00 18.25  ? 130 LEU A CD1   1 
ATOM   1082 C  CD2   . LEU A 1 155 ? -2.214  -0.691  -13.052 1.00 17.82  ? 130 LEU A CD2   1 
ATOM   1083 N  N     . THR A 1 156 ? -0.059  -1.609  -17.522 1.00 18.99  ? 131 THR A N     1 
ATOM   1084 C  CA    . THR A 1 156 ? 0.800   -1.644  -18.705 1.00 18.51  ? 131 THR A CA    1 
ATOM   1085 C  C     . THR A 1 156 ? 1.568   -0.346  -18.897 1.00 18.86  ? 131 THR A C     1 
ATOM   1086 O  O     . THR A 1 156 ? 2.154   -0.115  -19.952 1.00 18.10  ? 131 THR A O     1 
ATOM   1087 C  CB    . THR A 1 156 ? -0.032  -1.844  -19.976 1.00 18.59  ? 131 THR A CB    1 
ATOM   1088 O  OG1   . THR A 1 156 ? -1.024  -0.811  -20.050 1.00 19.30  ? 131 THR A OG1   1 
ATOM   1089 C  CG2   . THR A 1 156 ? -0.712  -3.204  -19.973 1.00 17.61  ? 131 THR A CG2   1 
ATOM   1090 N  N     . ARG A 1 157 ? 1.571   0.497   -17.872 1.00 20.15  ? 132 ARG A N     1 
ATOM   1091 C  CA    . ARG A 1 157 ? 2.232   1.797   -17.945 1.00 19.11  ? 132 ARG A CA    1 
ATOM   1092 C  C     . ARG A 1 157 ? 3.449   1.886   -17.012 1.00 18.73  ? 132 ARG A C     1 
ATOM   1093 O  O     . ARG A 1 157 ? 3.993   2.970   -16.778 1.00 19.52  ? 132 ARG A O     1 
ATOM   1094 C  CB    . ARG A 1 157 ? 1.194   2.872   -17.598 1.00 17.50  ? 132 ARG A CB    1 
ATOM   1095 C  CG    . ARG A 1 157 ? 1.499   4.251   -18.093 1.00 17.23  ? 132 ARG A CG    1 
ATOM   1096 C  CD    . ARG A 1 157 ? 0.229   4.935   -18.577 1.00 17.09  ? 132 ARG A CD    1 
ATOM   1097 N  NE    . ARG A 1 157 ? -0.710  5.253   -17.507 1.00 13.22  ? 132 ARG A NE    1 
ATOM   1098 C  CZ    . ARG A 1 157 ? -0.482  6.150   -16.554 1.00 18.38  ? 132 ARG A CZ    1 
ATOM   1099 N  NH1   . ARG A 1 157 ? 0.662   6.823   -16.525 1.00 15.68  ? 132 ARG A NH1   1 
ATOM   1100 N  NH2   . ARG A 1 157 ? -1.414  6.396   -15.641 1.00 17.56  ? 132 ARG A NH2   1 
ATOM   1101 N  N     . GLN A 1 158 ? 3.879   0.734   -16.499 1.00 18.39  ? 133 GLN A N     1 
ATOM   1102 C  CA    . GLN A 1 158 ? 5.020   0.658   -15.583 1.00 19.11  ? 133 GLN A CA    1 
ATOM   1103 C  C     . GLN A 1 158 ? 4.848   1.620   -14.421 1.00 17.74  ? 133 GLN A C     1 
ATOM   1104 O  O     . GLN A 1 158 ? 5.816   2.215   -13.947 1.00 17.52  ? 133 GLN A O     1 
ATOM   1105 C  CB    . GLN A 1 158 ? 6.340   0.963   -16.307 1.00 21.06  ? 133 GLN A CB    1 
ATOM   1106 C  CG    . GLN A 1 158 ? 6.829   -0.154  -17.213 1.00 23.55  ? 133 GLN A CG    1 
ATOM   1107 C  CD    . GLN A 1 158 ? 5.938   -0.344  -18.423 1.00 26.26  ? 133 GLN A CD    1 
ATOM   1108 O  OE1   . GLN A 1 158 ? 5.785   -1.455  -18.935 1.00 28.79  ? 133 GLN A OE1   1 
ATOM   1109 N  NE2   . GLN A 1 158 ? 5.353   0.748   -18.897 1.00 24.77  ? 133 GLN A NE2   1 
ATOM   1110 N  N     . GLN A 1 159 ? 3.601   1.763   -13.971 1.00 17.06  ? 134 GLN A N     1 
ATOM   1111 C  CA    . GLN A 1 159 ? 3.275   2.639   -12.859 1.00 15.51  ? 134 GLN A CA    1 
ATOM   1112 C  C     . GLN A 1 159 ? 3.971   2.114   -11.624 1.00 15.75  ? 134 GLN A C     1 
ATOM   1113 O  O     . GLN A 1 159 ? 4.150   0.912   -11.463 1.00 18.06  ? 134 GLN A O     1 
ATOM   1114 C  CB    . GLN A 1 159 ? 1.765   2.674   -12.619 1.00 15.39  ? 134 GLN A CB    1 
ATOM   1115 C  CG    . GLN A 1 159 ? 0.947   3.176   -13.804 1.00 15.50  ? 134 GLN A CG    1 
ATOM   1116 C  CD    . GLN A 1 159 ? 0.315   2.053   -14.608 1.00 16.03  ? 134 GLN A CD    1 
ATOM   1117 O  OE1   . GLN A 1 159 ? 0.973   1.062   -14.938 1.00 18.31  ? 134 GLN A OE1   1 
ATOM   1118 N  NE2   . GLN A 1 159 ? -0.965  2.208   -14.940 1.00 13.38  ? 134 GLN A NE2   1 
ATOM   1119 N  N     . PRO A 1 160 ? 4.396   3.018   -10.737 1.00 15.48  ? 135 PRO A N     1 
ATOM   1120 C  CA    . PRO A 1 160 ? 5.085   2.649   -9.499  1.00 14.97  ? 135 PRO A CA    1 
ATOM   1121 C  C     . PRO A 1 160 ? 4.199   1.906   -8.508  1.00 14.69  ? 135 PRO A C     1 
ATOM   1122 O  O     . PRO A 1 160 ? 3.108   2.371   -8.156  1.00 15.39  ? 135 PRO A O     1 
ATOM   1123 C  CB    . PRO A 1 160 ? 5.538   3.994   -8.952  1.00 14.36  ? 135 PRO A CB    1 
ATOM   1124 C  CG    . PRO A 1 160 ? 5.754   4.792   -10.192 1.00 14.32  ? 135 PRO A CG    1 
ATOM   1125 C  CD    . PRO A 1 160 ? 4.534   4.460   -10.992 1.00 15.99  ? 135 PRO A CD    1 
ATOM   1126 N  N     . LYS A 1 161 ? 4.670   0.743   -8.071  1.00 11.67  ? 136 LYS A N     1 
ATOM   1127 C  CA    . LYS A 1 161 ? 3.946   -0.053  -7.093  1.00 10.35  ? 136 LYS A CA    1 
ATOM   1128 C  C     . LYS A 1 161 ? 4.742   0.024   -5.788  1.00 10.73  ? 136 LYS A C     1 
ATOM   1129 O  O     . LYS A 1 161 ? 5.667   -0.750  -5.567  1.00 8.80   ? 136 LYS A O     1 
ATOM   1130 C  CB    . LYS A 1 161 ? 3.820   -1.496  -7.584  1.00 9.13   ? 136 LYS A CB    1 
ATOM   1131 C  CG    . LYS A 1 161 ? 3.100   -1.609  -8.919  1.00 6.78   ? 136 LYS A CG    1 
ATOM   1132 C  CD    . LYS A 1 161 ? 2.895   -3.059  -9.366  1.00 8.55   ? 136 LYS A CD    1 
ATOM   1133 C  CE    . LYS A 1 161 ? 4.218   -3.794  -9.612  1.00 8.10   ? 136 LYS A CE    1 
ATOM   1134 N  NZ    . LYS A 1 161 ? 5.098   -3.121  -10.599 1.00 11.29  ? 136 LYS A NZ    1 
ATOM   1135 N  N     . ILE A 1 162 ? 4.370   0.989   -4.943  1.00 12.19  ? 137 ILE A N     1 
ATOM   1136 C  CA    . ILE A 1 162 ? 5.033   1.250   -3.661  1.00 11.59  ? 137 ILE A CA    1 
ATOM   1137 C  C     . ILE A 1 162 ? 4.311   0.615   -2.477  1.00 10.84  ? 137 ILE A C     1 
ATOM   1138 O  O     . ILE A 1 162 ? 3.143   0.909   -2.239  1.00 11.39  ? 137 ILE A O     1 
ATOM   1139 C  CB    . ILE A 1 162 ? 5.092   2.766   -3.349  1.00 12.18  ? 137 ILE A CB    1 
ATOM   1140 C  CG1   . ILE A 1 162 ? 5.023   3.595   -4.637  1.00 11.02  ? 137 ILE A CG1   1 
ATOM   1141 C  CG2   . ILE A 1 162 ? 6.344   3.075   -2.539  1.00 12.11  ? 137 ILE A CG2   1 
ATOM   1142 C  CD1   . ILE A 1 162 ? 6.112   3.312   -5.600  1.00 11.98  ? 137 ILE A CD1   1 
ATOM   1143 N  N     . GLY A 1 163 ? 5.011   -0.235  -1.730  1.00 10.72  ? 138 GLY A N     1 
ATOM   1144 C  CA    . GLY A 1 163 ? 4.410   -0.869  -0.569  1.00 9.57   ? 138 GLY A CA    1 
ATOM   1145 C  C     . GLY A 1 163 ? 4.636   0.002   0.656   1.00 10.54  ? 138 GLY A C     1 
ATOM   1146 O  O     . GLY A 1 163 ? 5.749   0.480   0.866   1.00 9.77   ? 138 GLY A O     1 
ATOM   1147 N  N     . ILE A 1 164 ? 3.585   0.223   1.449   1.00 8.62   ? 139 ILE A N     1 
ATOM   1148 C  CA    . ILE A 1 164 ? 3.674   1.044   2.661   1.00 9.81   ? 139 ILE A CA    1 
ATOM   1149 C  C     . ILE A 1 164 ? 3.699   0.110   3.871   1.00 10.13  ? 139 ILE A C     1 
ATOM   1150 O  O     . ILE A 1 164 ? 2.837   -0.761  3.999   1.00 9.62   ? 139 ILE A O     1 
ATOM   1151 C  CB    . ILE A 1 164 ? 2.458   1.986   2.765   1.00 12.07  ? 139 ILE A CB    1 
ATOM   1152 C  CG1   . ILE A 1 164 ? 2.266   2.716   1.433   1.00 13.27  ? 139 ILE A CG1   1 
ATOM   1153 C  CG2   . ILE A 1 164 ? 2.672   3.020   3.869   1.00 12.68  ? 139 ILE A CG2   1 
ATOM   1154 C  CD1   . ILE A 1 164 ? 0.827   3.132   1.187   1.00 14.71  ? 139 ILE A CD1   1 
ATOM   1155 N  N     . ALA A 1 165 ? 4.674   0.272   4.761   1.00 8.03   ? 140 ALA A N     1 
ATOM   1156 C  CA    . ALA A 1 165 ? 4.747   -0.626  5.903   1.00 9.66   ? 140 ALA A CA    1 
ATOM   1157 C  C     . ALA A 1 165 ? 5.758   -0.275  6.985   1.00 10.93  ? 140 ALA A C     1 
ATOM   1158 O  O     . ALA A 1 165 ? 6.736   0.434   6.742   1.00 11.54  ? 140 ALA A O     1 
ATOM   1159 C  CB    . ALA A 1 165 ? 5.025   -2.037  5.408   1.00 8.23   ? 140 ALA A CB    1 
ATOM   1160 N  N     . TYR A 1 166 ? 5.503   -0.806  8.182   1.00 10.85  ? 141 TYR A N     1 
ATOM   1161 C  CA    . TYR A 1 166 ? 6.379   -0.628  9.323   1.00 10.75  ? 141 TYR A CA    1 
ATOM   1162 C  C     . TYR A 1 166 ? 7.580   -1.517  9.035   1.00 13.10  ? 141 TYR A C     1 
ATOM   1163 O  O     . TYR A 1 166 ? 7.435   -2.590  8.438   1.00 13.61  ? 141 TYR A O     1 
ATOM   1164 C  CB    . TYR A 1 166 ? 5.671   -1.079  10.605  1.00 11.36  ? 141 TYR A CB    1 
ATOM   1165 C  CG    . TYR A 1 166 ? 4.468   -0.234  10.962  1.00 10.32  ? 141 TYR A CG    1 
ATOM   1166 C  CD1   . TYR A 1 166 ? 3.201   -0.800  11.078  1.00 10.65  ? 141 TYR A CD1   1 
ATOM   1167 C  CD2   . TYR A 1 166 ? 4.592   1.133   11.156  1.00 10.56  ? 141 TYR A CD2   1 
ATOM   1168 C  CE1   . TYR A 1 166 ? 2.090   -0.020  11.372  1.00 9.45   ? 141 TYR A CE1   1 
ATOM   1169 C  CE2   . TYR A 1 166 ? 3.485   1.921   11.455  1.00 13.58  ? 141 TYR A CE2   1 
ATOM   1170 C  CZ    . TYR A 1 166 ? 2.241   1.339   11.560  1.00 13.37  ? 141 TYR A CZ    1 
ATOM   1171 O  OH    . TYR A 1 166 ? 1.154   2.118   11.853  1.00 10.33  ? 141 TYR A OH    1 
ATOM   1172 N  N     . SER A 1 167 ? 8.761   -1.074  9.458   1.00 13.65  ? 142 SER A N     1 
ATOM   1173 C  CA    . SER A 1 167 ? 9.993   -1.814  9.204   1.00 13.48  ? 142 SER A CA    1 
ATOM   1174 C  C     . SER A 1 167 ? 10.045  -3.232  9.765   1.00 13.19  ? 142 SER A C     1 
ATOM   1175 O  O     . SER A 1 167 ? 10.854  -4.032  9.309   1.00 15.28  ? 142 SER A O     1 
ATOM   1176 C  CB    . SER A 1 167 ? 11.205  -1.012  9.702   1.00 13.41  ? 142 SER A CB    1 
ATOM   1177 O  OG    . SER A 1 167 ? 11.177  -0.813  11.106  1.00 14.32  ? 142 SER A OG    1 
ATOM   1178 N  N     . PHE A 1 168 ? 9.195   -3.556  10.739  1.00 12.75  ? 143 PHE A N     1 
ATOM   1179 C  CA    . PHE A 1 168 ? 9.204   -4.908  11.309  1.00 13.37  ? 143 PHE A CA    1 
ATOM   1180 C  C     . PHE A 1 168 ? 8.281   -5.863  10.561  1.00 14.97  ? 143 PHE A C     1 
ATOM   1181 O  O     . PHE A 1 168 ? 8.132   -7.026  10.942  1.00 14.99  ? 143 PHE A O     1 
ATOM   1182 C  CB    . PHE A 1 168 ? 8.808   -4.891  12.784  1.00 11.89  ? 143 PHE A CB    1 
ATOM   1183 C  CG    . PHE A 1 168 ? 7.426   -4.376  13.032  1.00 11.85  ? 143 PHE A CG    1 
ATOM   1184 C  CD1   . PHE A 1 168 ? 7.232   -3.129  13.611  1.00 12.59  ? 143 PHE A CD1   1 
ATOM   1185 C  CD2   . PHE A 1 168 ? 6.310   -5.133  12.668  1.00 10.92  ? 143 PHE A CD2   1 
ATOM   1186 C  CE1   . PHE A 1 168 ? 5.951   -2.638  13.825  1.00 13.17  ? 143 PHE A CE1   1 
ATOM   1187 C  CE2   . PHE A 1 168 ? 5.019   -4.647  12.877  1.00 12.57  ? 143 PHE A CE2   1 
ATOM   1188 C  CZ    . PHE A 1 168 ? 4.841   -3.397  13.457  1.00 11.67  ? 143 PHE A CZ    1 
ATOM   1189 N  N     . GLN A 1 169 ? 7.639   -5.370  9.510   1.00 15.79  ? 144 GLN A N     1 
ATOM   1190 C  CA    . GLN A 1 169 ? 6.760   -6.219  8.727   1.00 18.01  ? 144 GLN A CA    1 
ATOM   1191 C  C     . GLN A 1 169 ? 7.604   -7.042  7.759   1.00 17.44  ? 144 GLN A C     1 
ATOM   1192 O  O     . GLN A 1 169 ? 7.078   -7.770  6.921   1.00 18.00  ? 144 GLN A O     1 
ATOM   1193 C  CB    . GLN A 1 169 ? 5.731   -5.382  7.971   1.00 15.81  ? 144 GLN A CB    1 
ATOM   1194 C  CG    . GLN A 1 169 ? 4.814   -4.593  8.890   1.00 14.25  ? 144 GLN A CG    1 
ATOM   1195 C  CD    . GLN A 1 169 ? 3.597   -4.037  8.178   1.00 13.37  ? 144 GLN A CD    1 
ATOM   1196 O  OE1   . GLN A 1 169 ? 2.741   -4.787  7.711   1.00 14.72  ? 144 GLN A OE1   1 
ATOM   1197 N  NE2   . GLN A 1 169 ? 3.518   -2.716  8.086   1.00 13.08  ? 144 GLN A NE2   1 
ATOM   1198 N  N     . LYS A 1 170 ? 8.922   -6.922  7.883   1.00 19.89  ? 145 LYS A N     1 
ATOM   1199 C  CA    . LYS A 1 170 ? 9.826   -7.690  7.034   1.00 22.78  ? 145 LYS A CA    1 
ATOM   1200 C  C     . LYS A 1 170 ? 9.622   -9.161  7.371   1.00 23.14  ? 145 LYS A C     1 
ATOM   1201 O  O     . LYS A 1 170 ? 9.530   -9.514  8.539   1.00 25.19  ? 145 LYS A O     1 
ATOM   1202 C  CB    . LYS A 1 170 ? 11.281  -7.300  7.303   1.00 24.16  ? 145 LYS A CB    1 
ATOM   1203 C  CG    . LYS A 1 170 ? 12.250  -7.866  6.285   1.00 28.52  ? 145 LYS A CG    1 
ATOM   1204 C  CD    . LYS A 1 170 ? 11.922  -7.373  4.880   1.00 29.53  ? 145 LYS A CD    1 
ATOM   1205 C  CE    . LYS A 1 170 ? 12.863  -7.968  3.846   1.00 31.78  ? 145 LYS A CE    1 
ATOM   1206 N  NZ    . LYS A 1 170 ? 12.757  -7.276  2.526   1.00 35.80  ? 145 LYS A NZ    1 
ATOM   1207 N  N     . GLY A 1 171 ? 9.541   -10.014 6.357   1.00 23.35  ? 146 GLY A N     1 
ATOM   1208 C  CA    . GLY A 1 171 ? 9.329   -11.428 6.612   1.00 22.26  ? 146 GLY A CA    1 
ATOM   1209 C  C     . GLY A 1 171 ? 9.984   -12.338 5.593   1.00 23.02  ? 146 GLY A C     1 
ATOM   1210 O  O     . GLY A 1 171 ? 10.243  -11.938 4.452   1.00 23.74  ? 146 GLY A O     1 
ATOM   1211 N  N     . ASP A 1 172 ? 10.263  -13.571 6.002   1.00 21.63  ? 147 ASP A N     1 
ATOM   1212 C  CA    . ASP A 1 172 ? 10.897  -14.526 5.106   1.00 22.10  ? 147 ASP A CA    1 
ATOM   1213 C  C     . ASP A 1 172 ? 9.892   -15.534 4.566   1.00 20.85  ? 147 ASP A C     1 
ATOM   1214 O  O     . ASP A 1 172 ? 9.462   -16.440 5.280   1.00 21.79  ? 147 ASP A O     1 
ATOM   1215 C  CB    . ASP A 1 172 ? 12.032  -15.246 5.834   1.00 24.88  ? 147 ASP A CB    1 
ATOM   1216 C  CG    . ASP A 1 172 ? 12.591  -16.411 5.040   1.00 27.19  ? 147 ASP A CG    1 
ATOM   1217 O  OD1   . ASP A 1 172 ? 12.816  -16.254 3.820   1.00 29.89  ? 147 ASP A OD1   1 
ATOM   1218 O  OD2   . ASP A 1 172 ? 12.815  -17.483 5.642   1.00 28.67  ? 147 ASP A OD2   1 
ATOM   1219 N  N     . PHE A 1 173 ? 9.504   -15.352 3.309   1.00 17.01  ? 148 PHE A N     1 
ATOM   1220 C  CA    . PHE A 1 173 ? 8.559   -16.246 2.664   1.00 15.30  ? 148 PHE A CA    1 
ATOM   1221 C  C     . PHE A 1 173 ? 8.841   -16.345 1.172   1.00 16.24  ? 148 PHE A C     1 
ATOM   1222 O  O     . PHE A 1 173 ? 9.229   -15.364 0.514   1.00 13.36  ? 148 PHE A O     1 
ATOM   1223 C  CB    . PHE A 1 173 ? 7.117   -15.782 2.874   1.00 14.94  ? 148 PHE A CB    1 
ATOM   1224 C  CG    . PHE A 1 173 ? 6.746   -14.551 2.087   1.00 16.37  ? 148 PHE A CG    1 
ATOM   1225 C  CD1   . PHE A 1 173 ? 7.142   -13.284 2.510   1.00 18.21  ? 148 PHE A CD1   1 
ATOM   1226 C  CD2   . PHE A 1 173 ? 6.006   -14.660 0.916   1.00 15.27  ? 148 PHE A CD2   1 
ATOM   1227 C  CE1   . PHE A 1 173 ? 6.806   -12.148 1.778   1.00 18.05  ? 148 PHE A CE1   1 
ATOM   1228 C  CE2   . PHE A 1 173 ? 5.665   -13.534 0.176   1.00 16.43  ? 148 PHE A CE2   1 
ATOM   1229 C  CZ    . PHE A 1 173 ? 6.066   -12.274 0.608   1.00 16.33  ? 148 PHE A CZ    1 
ATOM   1230 N  N     . LEU A 1 174 ? 8.649   -17.549 0.646   1.00 16.83  ? 149 LEU A N     1 
ATOM   1231 C  CA    . LEU A 1 174 ? 8.871   -17.822 -0.761  1.00 17.56  ? 149 LEU A CA    1 
ATOM   1232 C  C     . LEU A 1 174 ? 7.691   -17.321 -1.600  1.00 18.47  ? 149 LEU A C     1 
ATOM   1233 O  O     . LEU A 1 174 ? 6.526   -17.625 -1.292  1.00 18.77  ? 149 LEU A O     1 
ATOM   1234 C  CB    . LEU A 1 174 ? 9.063   -19.329 -0.957  1.00 17.32  ? 149 LEU A CB    1 
ATOM   1235 C  CG    . LEU A 1 174 ? 10.318  -19.878 -0.279  1.00 18.58  ? 149 LEU A CG    1 
ATOM   1236 C  CD1   . LEU A 1 174 ? 10.240  -21.391 -0.139  1.00 19.68  ? 149 LEU A CD1   1 
ATOM   1237 C  CD2   . LEU A 1 174 ? 11.532  -19.467 -1.088  1.00 18.22  ? 149 LEU A CD2   1 
ATOM   1238 N  N     . ALA A 1 175 ? 8.001   -16.556 -2.650  1.00 17.89  ? 150 ALA A N     1 
ATOM   1239 C  CA    . ALA A 1 175 ? 6.983   -16.010 -3.546  1.00 17.70  ? 150 ALA A CA    1 
ATOM   1240 C  C     . ALA A 1 175 ? 6.443   -17.051 -4.521  1.00 17.59  ? 150 ALA A C     1 
ATOM   1241 O  O     . ALA A 1 175 ? 7.179   -17.922 -4.998  1.00 18.06  ? 150 ALA A O     1 
ATOM   1242 C  CB    . ALA A 1 175 ? 7.551   -14.836 -4.324  1.00 18.17  ? 150 ALA A CB    1 
ATOM   1243 N  N     . ASP A 1 176 ? 5.149   -16.955 -4.808  1.00 17.16  ? 151 ASP A N     1 
ATOM   1244 C  CA    . ASP A 1 176 ? 4.489   -17.860 -5.744  1.00 17.41  ? 151 ASP A CA    1 
ATOM   1245 C  C     . ASP A 1 176 ? 4.624   -17.236 -7.128  1.00 16.55  ? 151 ASP A C     1 
ATOM   1246 O  O     . ASP A 1 176 ? 4.897   -16.043 -7.248  1.00 17.12  ? 151 ASP A O     1 
ATOM   1247 C  CB    . ASP A 1 176 ? 3.009   -18.018 -5.379  1.00 18.37  ? 151 ASP A CB    1 
ATOM   1248 C  CG    . ASP A 1 176 ? 2.799   -18.853 -4.120  1.00 19.19  ? 151 ASP A CG    1 
ATOM   1249 O  OD1   . ASP A 1 176 ? 3.294   -19.994 -4.085  1.00 19.70  ? 151 ASP A OD1   1 
ATOM   1250 O  OD2   . ASP A 1 176 ? 2.135   -18.378 -3.173  1.00 19.27  ? 151 ASP A OD2   1 
ATOM   1251 N  N     . PRO A 1 177 ? 4.437   -18.028 -8.195  1.00 17.31  ? 152 PRO A N     1 
ATOM   1252 C  CA    . PRO A 1 177 ? 4.566   -17.463 -9.544  1.00 17.69  ? 152 PRO A CA    1 
ATOM   1253 C  C     . PRO A 1 177 ? 3.642   -16.276 -9.824  1.00 18.03  ? 152 PRO A C     1 
ATOM   1254 O  O     . PRO A 1 177 ? 3.960   -15.416 -10.645 1.00 18.58  ? 152 PRO A O     1 
ATOM   1255 C  CB    . PRO A 1 177 ? 4.281   -18.665 -10.448 1.00 17.12  ? 152 PRO A CB    1 
ATOM   1256 C  CG    . PRO A 1 177 ? 3.351   -19.507 -9.618  1.00 16.40  ? 152 PRO A CG    1 
ATOM   1257 C  CD    . PRO A 1 177 ? 3.981   -19.430 -8.251  1.00 17.65  ? 152 PRO A CD    1 
ATOM   1258 N  N     . TRP A 1 178 ? 2.516   -16.224 -9.116  1.00 18.12  ? 153 TRP A N     1 
ATOM   1259 C  CA    . TRP A 1 178 ? 1.532   -15.155 -9.295  1.00 16.54  ? 153 TRP A CA    1 
ATOM   1260 C  C     . TRP A 1 178 ? 1.784   -13.887 -8.484  1.00 16.24  ? 153 TRP A C     1 
ATOM   1261 O  O     . TRP A 1 178 ? 1.142   -12.863 -8.711  1.00 15.64  ? 153 TRP A O     1 
ATOM   1262 C  CB    . TRP A 1 178 ? 0.133   -15.684 -8.972  1.00 15.56  ? 153 TRP A CB    1 
ATOM   1263 C  CG    . TRP A 1 178 ? -0.035  -16.175 -7.561  1.00 16.97  ? 153 TRP A CG    1 
ATOM   1264 C  CD1   . TRP A 1 178 ? -0.190  -15.415 -6.435  1.00 14.92  ? 153 TRP A CD1   1 
ATOM   1265 C  CD2   . TRP A 1 178 ? -0.102  -17.541 -7.133  1.00 16.03  ? 153 TRP A CD2   1 
ATOM   1266 N  NE1   . TRP A 1 178 ? -0.358  -16.222 -5.338  1.00 14.95  ? 153 TRP A NE1   1 
ATOM   1267 C  CE2   . TRP A 1 178 ? -0.307  -17.531 -5.737  1.00 16.13  ? 153 TRP A CE2   1 
ATOM   1268 C  CE3   . TRP A 1 178 ? -0.014  -18.774 -7.796  1.00 17.49  ? 153 TRP A CE3   1 
ATOM   1269 C  CZ2   . TRP A 1 178 ? -0.427  -18.709 -4.988  1.00 18.71  ? 153 TRP A CZ2   1 
ATOM   1270 C  CZ3   . TRP A 1 178 ? -0.133  -19.950 -7.052  1.00 18.44  ? 153 TRP A CZ3   1 
ATOM   1271 C  CH2   . TRP A 1 178 ? -0.337  -19.905 -5.661  1.00 17.95  ? 153 TRP A CH2   1 
ATOM   1272 N  N     . ASP A 1 179 ? 2.709   -13.949 -7.537  1.00 16.82  ? 154 ASP A N     1 
ATOM   1273 C  CA    . ASP A 1 179 ? 2.993   -12.786 -6.714  1.00 16.14  ? 154 ASP A CA    1 
ATOM   1274 C  C     . ASP A 1 179 ? 3.615   -11.641 -7.492  1.00 17.56  ? 154 ASP A C     1 
ATOM   1275 O  O     . ASP A 1 179 ? 4.552   -11.821 -8.273  1.00 17.51  ? 154 ASP A O     1 
ATOM   1276 C  CB    . ASP A 1 179 ? 3.893   -13.167 -5.540  1.00 15.00  ? 154 ASP A CB    1 
ATOM   1277 C  CG    . ASP A 1 179 ? 3.197   -14.071 -4.562  1.00 14.27  ? 154 ASP A CG    1 
ATOM   1278 O  OD1   . ASP A 1 179 ? 1.998   -14.330 -4.773  1.00 17.82  ? 154 ASP A OD1   1 
ATOM   1279 O  OD2   . ASP A 1 179 ? 3.828   -14.522 -3.592  1.00 13.25  ? 154 ASP A OD2   1 
ATOM   1280 N  N     . VAL A 1 180 ? 3.059   -10.458 -7.276  1.00 17.45  ? 155 VAL A N     1 
ATOM   1281 C  CA    . VAL A 1 180 ? 3.547   -9.256  -7.913  1.00 18.39  ? 155 VAL A CA    1 
ATOM   1282 C  C     . VAL A 1 180 ? 4.652   -8.657  -7.047  1.00 18.56  ? 155 VAL A C     1 
ATOM   1283 O  O     . VAL A 1 180 ? 4.512   -8.533  -5.827  1.00 19.45  ? 155 VAL A O     1 
ATOM   1284 C  CB    . VAL A 1 180 ? 2.398   -8.238  -8.108  1.00 18.83  ? 155 VAL A CB    1 
ATOM   1285 C  CG1   . VAL A 1 180 ? 2.950   -6.824  -8.231  1.00 18.54  ? 155 VAL A CG1   1 
ATOM   1286 C  CG2   . VAL A 1 180 ? 1.614   -8.599  -9.369  1.00 19.26  ? 155 VAL A CG2   1 
ATOM   1287 N  N     . GLN A 1 181 ? 5.758   -8.311  -7.692  1.00 17.79  ? 156 GLN A N     1 
ATOM   1288 C  CA    . GLN A 1 181 ? 6.906   -7.723  -7.025  1.00 18.37  ? 156 GLN A CA    1 
ATOM   1289 C  C     . GLN A 1 181 ? 6.700   -6.216  -6.911  1.00 18.89  ? 156 GLN A C     1 
ATOM   1290 O  O     . GLN A 1 181 ? 6.386   -5.554  -7.900  1.00 21.69  ? 156 GLN A O     1 
ATOM   1291 C  CB    . GLN A 1 181 ? 8.166   -8.015  -7.841  1.00 19.06  ? 156 GLN A CB    1 
ATOM   1292 C  CG    . GLN A 1 181 ? 9.461   -7.718  -7.135  1.00 20.14  ? 156 GLN A CG    1 
ATOM   1293 C  CD    . GLN A 1 181 ? 10.670  -8.108  -7.966  1.00 22.89  ? 156 GLN A CD    1 
ATOM   1294 O  OE1   . GLN A 1 181 ? 11.750  -8.375  -7.429  1.00 21.10  ? 156 GLN A OE1   1 
ATOM   1295 N  NE2   . GLN A 1 181 ? 10.500  -8.137  -9.282  1.00 22.16  ? 156 GLN A NE2   1 
ATOM   1296 N  N     . LEU A 1 182 ? 6.861   -5.677  -5.705  1.00 18.04  ? 157 LEU A N     1 
ATOM   1297 C  CA    . LEU A 1 182 ? 6.705   -4.241  -5.489  1.00 16.14  ? 157 LEU A CA    1 
ATOM   1298 C  C     . LEU A 1 182 ? 8.008   -3.545  -5.865  1.00 17.81  ? 157 LEU A C     1 
ATOM   1299 O  O     . LEU A 1 182 ? 9.093   -4.074  -5.628  1.00 17.49  ? 157 LEU A O     1 
ATOM   1300 C  CB    . LEU A 1 182 ? 6.351   -3.948  -4.029  1.00 12.79  ? 157 LEU A CB    1 
ATOM   1301 C  CG    . LEU A 1 182 ? 5.048   -4.571  -3.518  1.00 13.88  ? 157 LEU A CG    1 
ATOM   1302 C  CD1   . LEU A 1 182 ? 4.856   -4.256  -2.062  1.00 13.96  ? 157 LEU A CD1   1 
ATOM   1303 C  CD2   . LEU A 1 182 ? 3.880   -4.058  -4.334  1.00 7.72   ? 157 LEU A CD2   1 
ATOM   1304 N  N     . ASP A 1 183 ? 7.894   -2.361  -6.457  1.00 16.86  ? 158 ASP A N     1 
ATOM   1305 C  CA    . ASP A 1 183 ? 9.057   -1.596  -6.887  1.00 17.34  ? 158 ASP A CA    1 
ATOM   1306 C  C     . ASP A 1 183 ? 9.841   -0.980  -5.738  1.00 18.70  ? 158 ASP A C     1 
ATOM   1307 O  O     . ASP A 1 183 ? 11.068  -0.933  -5.764  1.00 18.88  ? 158 ASP A O     1 
ATOM   1308 C  CB    . ASP A 1 183 ? 8.625   -0.476  -7.832  1.00 15.97  ? 158 ASP A CB    1 
ATOM   1309 C  CG    . ASP A 1 183 ? 7.857   -0.988  -9.023  1.00 15.73  ? 158 ASP A CG    1 
ATOM   1310 O  OD1   . ASP A 1 183 ? 8.347   -1.916  -9.696  1.00 17.52  ? 158 ASP A OD1   1 
ATOM   1311 O  OD2   . ASP A 1 183 ? 6.766   -0.460  -9.288  1.00 15.66  ? 158 ASP A OD2   1 
ATOM   1312 N  N     . LEU A 1 184 ? 9.122   -0.508  -4.729  1.00 19.52  ? 159 LEU A N     1 
ATOM   1313 C  CA    . LEU A 1 184 ? 9.751   0.138   -3.586  1.00 18.99  ? 159 LEU A CA    1 
ATOM   1314 C  C     . LEU A 1 184 ? 8.949   -0.152  -2.329  1.00 18.78  ? 159 LEU A C     1 
ATOM   1315 O  O     . LEU A 1 184 ? 7.733   -0.349  -2.391  1.00 16.91  ? 159 LEU A O     1 
ATOM   1316 C  CB    . LEU A 1 184 ? 9.805   1.656   -3.835  1.00 21.86  ? 159 LEU A CB    1 
ATOM   1317 C  CG    . LEU A 1 184 ? 10.303  2.607   -2.743  1.00 23.01  ? 159 LEU A CG    1 
ATOM   1318 C  CD1   . LEU A 1 184 ? 11.774  2.366   -2.491  1.00 23.88  ? 159 LEU A CD1   1 
ATOM   1319 C  CD2   . LEU A 1 184 ? 10.078  4.052   -3.172  1.00 23.94  ? 159 LEU A CD2   1 
ATOM   1320 N  N     . ILE A 1 185 ? 9.639   -0.205  -1.192  1.00 18.64  ? 160 ILE A N     1 
ATOM   1321 C  CA    . ILE A 1 185 ? 8.974   -0.430  0.084   1.00 16.81  ? 160 ILE A CA    1 
ATOM   1322 C  C     . ILE A 1 185 ? 9.342   0.691   1.045   1.00 17.82  ? 160 ILE A C     1 
ATOM   1323 O  O     . ILE A 1 185 ? 10.387  0.650   1.696   1.00 16.84  ? 160 ILE A O     1 
ATOM   1324 C  CB    . ILE A 1 185 ? 9.362   -1.770  0.728   1.00 16.39  ? 160 ILE A CB    1 
ATOM   1325 C  CG1   . ILE A 1 185 ? 8.993   -2.937  -0.195  1.00 16.38  ? 160 ILE A CG1   1 
ATOM   1326 C  CG2   . ILE A 1 185 ? 8.612   -1.925  2.044   1.00 16.84  ? 160 ILE A CG2   1 
ATOM   1327 C  CD1   . ILE A 1 185 ? 7.514   -3.015  -0.533  1.00 13.66  ? 160 ILE A CD1   1 
ATOM   1328 N  N     . ILE A 1 186 ? 8.479   1.702   1.108   1.00 17.31  ? 161 ILE A N     1 
ATOM   1329 C  CA    . ILE A 1 186 ? 8.682   2.842   1.982   1.00 15.77  ? 161 ILE A CA    1 
ATOM   1330 C  C     . ILE A 1 186 ? 8.286   2.459   3.398   1.00 16.66  ? 161 ILE A C     1 
ATOM   1331 O  O     . ILE A 1 186 ? 7.150   2.055   3.647   1.00 17.17  ? 161 ILE A O     1 
ATOM   1332 C  CB    . ILE A 1 186 ? 7.836   4.048   1.515   1.00 16.00  ? 161 ILE A CB    1 
ATOM   1333 C  CG1   . ILE A 1 186 ? 8.371   4.556   0.176   1.00 16.38  ? 161 ILE A CG1   1 
ATOM   1334 C  CG2   . ILE A 1 186 ? 7.860   5.163   2.564   1.00 15.99  ? 161 ILE A CG2   1 
ATOM   1335 C  CD1   . ILE A 1 186 ? 7.648   5.779   -0.364  1.00 17.66  ? 161 ILE A CD1   1 
ATOM   1336 N  N     . ASN A 1 187 ? 9.234   2.576   4.322   1.00 17.57  ? 162 ASN A N     1 
ATOM   1337 C  CA    . ASN A 1 187 ? 8.988   2.238   5.722   1.00 19.51  ? 162 ASN A CA    1 
ATOM   1338 C  C     . ASN A 1 187 ? 9.751   3.197   6.638   1.00 19.49  ? 162 ASN A C     1 
ATOM   1339 O  O     . ASN A 1 187 ? 10.407  4.125   6.165   1.00 21.16  ? 162 ASN A O     1 
ATOM   1340 C  CB    . ASN A 1 187 ? 9.391   0.781   5.996   1.00 17.58  ? 162 ASN A CB    1 
ATOM   1341 C  CG    . ASN A 1 187 ? 10.883  0.562   5.904   1.00 19.24  ? 162 ASN A CG    1 
ATOM   1342 O  OD1   . ASN A 1 187 ? 11.628  0.887   6.831   1.00 18.67  ? 162 ASN A OD1   1 
ATOM   1343 N  ND2   . ASN A 1 187 ? 11.330  0.014   4.784   1.00 15.45  ? 162 ASN A ND2   1 
ATOM   1344 N  N     . ASP A 1 188 ? 9.676   2.966   7.941   1.00 20.97  ? 163 ASP A N     1 
ATOM   1345 C  CA    . ASP A 1 188 ? 10.328  3.850   8.899   1.00 24.08  ? 163 ASP A CA    1 
ATOM   1346 C  C     . ASP A 1 188 ? 11.853  3.759   8.957   1.00 26.55  ? 163 ASP A C     1 
ATOM   1347 O  O     . ASP A 1 188 ? 12.509  4.711   9.378   1.00 26.67  ? 163 ASP A O     1 
ATOM   1348 C  CB    . ASP A 1 188 ? 9.721   3.633   10.289  1.00 21.84  ? 163 ASP A CB    1 
ATOM   1349 C  CG    . ASP A 1 188 ? 9.846   2.209   10.757  1.00 19.61  ? 163 ASP A CG    1 
ATOM   1350 O  OD1   . ASP A 1 188 ? 10.868  1.893   11.391  1.00 20.04  ? 163 ASP A OD1   1 
ATOM   1351 O  OD2   . ASP A 1 188 ? 8.931   1.403   10.479  1.00 18.00  ? 163 ASP A OD2   1 
ATOM   1352 N  N     . GLU A 1 189 ? 12.407  2.623   8.538   1.00 30.54  ? 164 GLU A N     1 
ATOM   1353 C  CA    . GLU A 1 189 ? 13.859  2.411   8.519   1.00 34.52  ? 164 GLU A CA    1 
ATOM   1354 C  C     . GLU A 1 189 ? 14.599  3.050   9.692   1.00 36.32  ? 164 GLU A C     1 
ATOM   1355 O  O     . GLU A 1 189 ? 15.237  4.109   9.476   1.00 37.10  ? 164 GLU A O     1 
ATOM   1356 C  CB    . GLU A 1 189 ? 14.441  2.932   7.201   1.00 34.95  ? 164 GLU A CB    1 
ATOM   1357 C  CG    . GLU A 1 189 ? 13.962  2.165   5.990   1.00 38.39  ? 164 GLU A CG    1 
ATOM   1358 C  CD    . GLU A 1 189 ? 13.913  3.012   4.742   1.00 40.80  ? 164 GLU A CD    1 
ATOM   1359 O  OE1   . GLU A 1 189 ? 13.266  2.579   3.760   1.00 40.25  ? 164 GLU A OE1   1 
ATOM   1360 O  OE2   . GLU A 1 189 ? 14.519  4.107   4.744   1.00 42.54  ? 164 GLU A OE2   1 
ATOM   1361 O  OXT   . GLU A 1 189 ? 14.529  2.489   10.811  1.00 38.26  ? 164 GLU A OXT   1 
HETATM 1362 P  P     . PO4 B 2 .   ? -4.873  -9.150  -0.828  1.00 16.27  ? 201 PO4 A P     1 
HETATM 1363 O  O1    . PO4 B 2 .   ? -4.091  -8.704  -2.012  1.00 11.87  ? 201 PO4 A O1    1 
HETATM 1364 O  O2    . PO4 B 2 .   ? -6.293  -8.729  -0.991  1.00 10.93  ? 201 PO4 A O2    1 
HETATM 1365 O  O3    . PO4 B 2 .   ? -4.801  -10.625 -0.710  1.00 14.74  ? 201 PO4 A O3    1 
HETATM 1366 O  O4    . PO4 B 2 .   ? -4.305  -8.541  0.397   1.00 12.61  ? 201 PO4 A O4    1 
HETATM 1367 MG MG    . MG  C 3 .   ? 0.704   -12.912 -3.312  1.00 7.54   ? 401 MG  A MG    1 
HETATM 1368 P  PB    . ADP D 4 .   ? -1.663  -12.439 -0.818  1.00 18.30  ? 301 ADP A PB    1 
HETATM 1369 O  O1B   . ADP D 4 .   ? -2.621  -11.595 -0.079  1.00 19.80  ? 301 ADP A O1B   1 
HETATM 1370 O  O2B   . ADP D 4 .   ? -0.456  -12.977 0.114   1.00 18.45  ? 301 ADP A O2B   1 
HETATM 1371 O  O3B   . ADP D 4 .   ? -1.106  -11.726 -1.985  1.00 15.22  ? 301 ADP A O3B   1 
HETATM 1372 P  PA    . ADP D 4 .   ? -1.925  -15.104 -1.857  1.00 25.04  ? 301 ADP A PA    1 
HETATM 1373 O  O1A   . ADP D 4 .   ? -1.089  -14.810 -3.032  1.00 24.88  ? 301 ADP A O1A   1 
HETATM 1374 O  O2A   . ADP D 4 .   ? -1.178  -15.859 -0.833  1.00 25.47  ? 301 ADP A O2A   1 
HETATM 1375 O  O3A   . ADP D 4 .   ? -2.410  -13.736 -1.249  1.00 21.67  ? 301 ADP A O3A   1 
HETATM 1376 O  "O5'" . ADP D 4 .   ? -3.271  -15.862 -2.234  1.00 28.64  ? 301 ADP A "O5'" 1 
HETATM 1377 C  "C5'" . ADP D 4 .   ? -4.182  -15.357 -3.213  1.00 33.63  ? 301 ADP A "C5'" 1 
HETATM 1378 C  "C4'" . ADP D 4 .   ? -4.854  -16.556 -3.908  1.00 36.19  ? 301 ADP A "C4'" 1 
HETATM 1379 O  "O4'" . ADP D 4 .   ? -5.509  -16.049 -5.074  1.00 38.74  ? 301 ADP A "O4'" 1 
HETATM 1380 C  "C3'" . ADP D 4 .   ? -3.866  -17.626 -4.379  1.00 38.54  ? 301 ADP A "C3'" 1 
HETATM 1381 O  "O3'" . ADP D 4 .   ? -4.123  -18.895 -3.766  1.00 38.13  ? 301 ADP A "O3'" 1 
HETATM 1382 C  "C2'" . ADP D 4 .   ? -4.020  -17.760 -5.893  1.00 40.23  ? 301 ADP A "C2'" 1 
HETATM 1383 O  "O2'" . ADP D 4 .   ? -4.362  -19.090 -6.322  1.00 41.56  ? 301 ADP A "O2'" 1 
HETATM 1384 C  "C1'" . ADP D 4 .   ? -5.028  -16.679 -6.279  1.00 41.29  ? 301 ADP A "C1'" 1 
HETATM 1385 N  N9    . ADP D 4 .   ? -4.410  -15.639 -7.190  1.00 43.36  ? 301 ADP A N9    1 
HETATM 1386 C  C8    . ADP D 4 .   ? -3.545  -14.683 -6.805  1.00 43.80  ? 301 ADP A C8    1 
HETATM 1387 N  N7    . ADP D 4 .   ? -3.200  -13.939 -7.855  1.00 44.53  ? 301 ADP A N7    1 
HETATM 1388 C  C5    . ADP D 4 .   ? -3.823  -14.394 -8.909  1.00 45.53  ? 301 ADP A C5    1 
HETATM 1389 C  C6    . ADP D 4 .   ? -3.871  -14.044 -10.263 1.00 46.19  ? 301 ADP A C6    1 
HETATM 1390 N  N6    . ADP D 4 .   ? -3.147  -13.010 -10.711 1.00 46.94  ? 301 ADP A N6    1 
HETATM 1391 N  N1    . ADP D 4 .   ? -4.660  -14.758 -11.136 1.00 46.87  ? 301 ADP A N1    1 
HETATM 1392 C  C2    . ADP D 4 .   ? -5.408  -15.815 -10.717 1.00 48.14  ? 301 ADP A C2    1 
HETATM 1393 N  N3    . ADP D 4 .   ? -5.370  -16.163 -9.407  1.00 46.99  ? 301 ADP A N3    1 
HETATM 1394 C  C4    . ADP D 4 .   ? -4.610  -15.498 -8.488  1.00 45.12  ? 301 ADP A C4    1 
HETATM 1395 N  N1    . THF E 5 .   ? -7.359  -1.967  2.045   1.00 28.42  ? 501 THF A N1    1 
HETATM 1396 C  C2    . THF E 5 .   ? -6.723  -2.133  3.205   1.00 30.24  ? 501 THF A C2    1 
HETATM 1397 N  NA2   . THF E 5 .   ? -6.709  -0.984  4.118   1.00 29.87  ? 501 THF A NA2   1 
HETATM 1398 N  N3    . THF E 5 .   ? -6.141  -3.053  3.693   1.00 27.52  ? 501 THF A N3    1 
HETATM 1399 C  C4    . THF E 5 .   ? -5.947  -4.093  2.816   1.00 25.15  ? 501 THF A C4    1 
HETATM 1400 O  O4    . THF E 5 .   ? -4.794  -4.860  2.842   1.00 22.40  ? 501 THF A O4    1 
HETATM 1401 C  C4A   . THF E 5 .   ? -6.995  -4.364  1.848   1.00 29.88  ? 501 THF A C4A   1 
HETATM 1402 N  N5    . THF E 5 .   ? -6.821  -5.181  0.698   1.00 31.65  ? 501 THF A N5    1 
HETATM 1403 C  C6    . THF E 5 .   ? -7.950  -5.309  -0.355  1.00 32.89  ? 501 THF A C6    1 
HETATM 1404 C  C7    . THF E 5 .   ? -8.457  -3.933  -0.670  1.00 30.15  ? 501 THF A C7    1 
HETATM 1405 N  N8    . THF E 5 .   ? -7.776  -3.039  0.072   1.00 26.11  ? 501 THF A N8    1 
HETATM 1406 C  C8A   . THF E 5 .   ? -7.708  -3.140  1.449   1.00 28.09  ? 501 THF A C8A   1 
HETATM 1407 C  C9    . THF E 5 .   ? -9.118  -6.188  0.086   1.00 39.15  ? 501 THF A C9    1 
HETATM 1408 N  N10   . THF E 5 .   ? -8.728  -7.103  1.174   0.00 148.49 ? 501 THF A N10   1 
HETATM 1409 C  C11   . THF E 5 .   ? -11.275 -10.085 2.968   0.00 148.49 ? 501 THF A C11   1 
HETATM 1410 C  C12   . THF E 5 .   ? -9.902  -9.884  3.371   0.00 148.49 ? 501 THF A C12   1 
HETATM 1411 C  C13   . THF E 5 .   ? -9.057  -8.892  2.795   0.00 148.49 ? 501 THF A C13   1 
HETATM 1412 C  C14   . THF E 5 .   ? -9.621  -8.088  1.772   0.00 148.49 ? 501 THF A C14   1 
HETATM 1413 C  C15   . THF E 5 .   ? -10.989 -8.250  1.339   0.00 148.49 ? 501 THF A C15   1 
HETATM 1414 C  C16   . THF E 5 .   ? -11.826 -9.247  1.932   0.00 148.49 ? 501 THF A C16   1 
HETATM 1415 C  C     . THF E 5 .   ? -12.017 -11.147 3.650   0.00 148.49 ? 501 THF A C     1 
HETATM 1416 O  O     . THF E 5 .   ? -11.815 -12.325 3.306   0.00 148.49 ? 501 THF A O     1 
HETATM 1417 N  N     . THF E 5 .   ? -12.927 -10.877 4.635   0.00 148.49 ? 501 THF A N     1 
HETATM 1418 C  CA    . THF E 5 .   ? -13.474 -11.930 5.526   0.00 148.49 ? 501 THF A CA    1 
HETATM 1419 C  CB    . THF E 5 .   ? -13.606 -11.307 6.852   0.00 148.49 ? 501 THF A CB    1 
HETATM 1420 C  CG    . THF E 5 .   ? -13.297 -12.310 7.967   0.00 148.49 ? 501 THF A CG    1 
HETATM 1421 C  CD    . THF E 5 .   ? -14.499 -12.912 8.749   0.00 148.49 ? 501 THF A CD    1 
HETATM 1422 O  OE1   . THF E 5 .   ? -14.781 -14.118 8.579   0.00 148.49 ? 501 THF A OE1   1 
HETATM 1423 O  OE2   . THF E 5 .   ? -15.161 -12.197 9.527   0.00 148.49 ? 501 THF A OE2   1 
HETATM 1424 C  CT    . THF E 5 .   ? -14.762 -12.683 5.031   0.00 148.49 ? 501 THF A CT    1 
HETATM 1425 O  O1    . THF E 5 .   ? -15.871 -12.110 5.133   0.00 148.49 ? 501 THF A O1    1 
HETATM 1426 O  O2    . THF E 5 .   ? -14.673 -13.828 4.546   0.00 148.49 ? 501 THF A O2    1 
HETATM 1427 C  CP1   . THF E 5 .   ? -5.582  -5.936  0.378   1.00 40.02  ? 501 THF A CP1   1 
HETATM 1428 O  O3    . THF E 5 .   ? -4.350  -5.183  0.280   1.00 47.65  ? 501 THF A O3    1 
HETATM 1429 O  O     . HOH F 6 .   ? -4.120  1.555   11.533  1.00 14.81  ? 601 HOH A O     1 
HETATM 1430 O  O     . HOH F 6 .   ? -3.732  0.892   -2.757  1.00 8.35   ? 602 HOH A O     1 
HETATM 1431 O  O     . HOH F 6 .   ? -18.254 -12.553 -10.071 1.00 17.87  ? 603 HOH A O     1 
HETATM 1432 O  O     . HOH F 6 .   ? -8.587  -7.695  -8.227  1.00 16.96  ? 604 HOH A O     1 
HETATM 1433 O  O     . HOH F 6 .   ? -18.546 -3.898  -2.719  1.00 21.99  ? 605 HOH A O     1 
HETATM 1434 O  O     . HOH F 6 .   ? -5.215  7.171   6.524   1.00 12.63  ? 606 HOH A O     1 
HETATM 1435 O  O     . HOH F 6 .   ? 1.016   -1.892  7.671   1.00 12.82  ? 607 HOH A O     1 
HETATM 1436 O  O     . HOH F 6 .   ? -8.717  0.196   1.635   1.00 10.81  ? 608 HOH A O     1 
HETATM 1437 O  O     . HOH F 6 .   ? 0.684   -0.911  5.258   1.00 11.33  ? 609 HOH A O     1 
HETATM 1438 O  O     . HOH F 6 .   ? 12.857  -12.973 2.447   1.00 14.01  ? 610 HOH A O     1 
HETATM 1439 O  O     . HOH F 6 .   ? -16.996 -11.845 -1.084  1.00 21.32  ? 611 HOH A O     1 
HETATM 1440 O  O     . HOH F 6 .   ? 6.979   -19.018 2.287   1.00 7.95   ? 612 HOH A O     1 
HETATM 1441 O  O     . HOH F 6 .   ? -2.913  -10.176 -3.628  1.00 15.09  ? 613 HOH A O     1 
HETATM 1442 O  O     . HOH F 6 .   ? -4.813  0.405   22.203  1.00 22.35  ? 614 HOH A O     1 
HETATM 1443 O  O     . HOH F 6 .   ? -10.167 -0.288  -10.358 1.00 44.66  ? 615 HOH A O     1 
HETATM 1444 O  O     . HOH F 6 .   ? -2.506  -4.988  6.142   1.00 10.44  ? 616 HOH A O     1 
HETATM 1445 O  O     . HOH F 6 .   ? -9.375  -7.998  -12.556 1.00 39.05  ? 617 HOH A O     1 
HETATM 1446 O  O     . HOH F 6 .   ? 7.860   -15.397 -8.594  1.00 24.92  ? 618 HOH A O     1 
HETATM 1447 O  O     . HOH F 6 .   ? -3.974  21.545  -11.260 1.00 18.88  ? 619 HOH A O     1 
HETATM 1448 O  O     . HOH F 6 .   ? -0.724  -8.596  20.416  1.00 31.14  ? 620 HOH A O     1 
HETATM 1449 O  O     . HOH F 6 .   ? -1.853  20.002  8.606   1.00 22.20  ? 621 HOH A O     1 
HETATM 1450 O  O     . HOH F 6 .   ? 4.681   -4.450  18.591  1.00 21.81  ? 622 HOH A O     1 
HETATM 1451 O  O     . HOH F 6 .   ? -21.710 11.257  -3.968  1.00 18.41  ? 623 HOH A O     1 
HETATM 1452 O  O     . HOH F 6 .   ? 10.825  -19.989 5.093   1.00 30.91  ? 624 HOH A O     1 
HETATM 1453 O  O     . HOH F 6 .   ? -1.395  6.285   16.792  1.00 33.38  ? 625 HOH A O     1 
HETATM 1454 O  O     . HOH F 6 .   ? 8.063   -17.889 -7.657  1.00 15.82  ? 626 HOH A O     1 
HETATM 1455 O  O     . HOH F 6 .   ? 3.852   -5.821  -15.674 1.00 39.72  ? 627 HOH A O     1 
HETATM 1456 O  O     . HOH F 6 .   ? -8.188  13.591  -4.264  1.00 30.98  ? 628 HOH A O     1 
HETATM 1457 O  O     . HOH F 6 .   ? -10.251 5.650   6.724   1.00 27.73  ? 629 HOH A O     1 
HETATM 1458 O  O     . HOH F 6 .   ? -3.898  1.453   -21.894 1.00 31.27  ? 630 HOH A O     1 
HETATM 1459 O  O     . HOH F 6 .   ? -6.123  14.998  -11.339 1.00 21.46  ? 631 HOH A O     1 
HETATM 1460 O  O     . HOH F 6 .   ? -11.170 -1.183  -12.789 1.00 24.84  ? 632 HOH A O     1 
HETATM 1461 O  O     . HOH F 6 .   ? -6.865  17.188  6.713   1.00 29.53  ? 633 HOH A O     1 
HETATM 1462 O  O     . HOH F 6 .   ? 1.517   4.856   23.851  1.00 19.42  ? 634 HOH A O     1 
HETATM 1463 O  O     . HOH F 6 .   ? -9.607  3.699   8.071   1.00 16.50  ? 635 HOH A O     1 
HETATM 1464 O  O     . HOH F 6 .   ? -11.012 11.383  -3.951  1.00 18.95  ? 636 HOH A O     1 
HETATM 1465 O  O     . HOH F 6 .   ? -3.835  -7.476  13.650  1.00 42.99  ? 637 HOH A O     1 
HETATM 1466 O  O     . HOH F 6 .   ? 0.567   15.923  11.636  1.00 28.48  ? 638 HOH A O     1 
HETATM 1467 O  O     . HOH F 6 .   ? 10.060  -8.194  14.148  1.00 22.43  ? 639 HOH A O     1 
HETATM 1468 O  O     . HOH F 6 .   ? 11.304  16.233  -1.268  1.00 30.08  ? 640 HOH A O     1 
HETATM 1469 O  O     . HOH F 6 .   ? -8.058  15.487  9.387   1.00 31.87  ? 641 HOH A O     1 
HETATM 1470 O  O     . HOH F 6 .   ? -5.335  17.217  -16.690 1.00 25.70  ? 642 HOH A O     1 
HETATM 1471 O  O     . HOH F 6 .   ? 8.426   1.256   17.198  1.00 20.24  ? 643 HOH A O     1 
HETATM 1472 O  O     . HOH F 6 .   ? -15.158 19.832  -9.366  1.00 32.27  ? 644 HOH A O     1 
HETATM 1473 O  O     . HOH F 6 .   ? -13.119 6.551   0.321   1.00 25.65  ? 645 HOH A O     1 
HETATM 1474 O  O     . HOH F 6 .   ? -11.188 -2.083  0.296   1.00 12.12  ? 646 HOH A O     1 
HETATM 1475 O  O     . HOH F 6 .   ? 17.549  -11.348 -2.497  1.00 34.79  ? 647 HOH A O     1 
HETATM 1476 O  O     . HOH F 6 .   ? -2.544  -24.126 0.423   1.00 18.08  ? 648 HOH A O     1 
HETATM 1477 O  O     . HOH F 6 .   ? 5.792   -13.632 -9.630  1.00 36.04  ? 649 HOH A O     1 
HETATM 1478 O  O     . HOH F 6 .   ? 12.626  -4.651  -7.787  1.00 25.64  ? 650 HOH A O     1 
HETATM 1479 O  O     . HOH F 6 .   ? 3.645   -1.346  -12.702 1.00 17.57  ? 651 HOH A O     1 
HETATM 1480 O  O     . HOH F 6 .   ? 7.649   19.147  -6.618  1.00 32.78  ? 652 HOH A O     1 
HETATM 1481 O  O     . HOH F 6 .   ? -12.888 8.432   -14.810 1.00 29.13  ? 653 HOH A O     1 
HETATM 1482 O  O     . HOH F 6 .   ? -10.457 1.475   0.326   1.00 18.36  ? 654 HOH A O     1 
HETATM 1483 O  O     . HOH F 6 .   ? 5.485   15.083  13.592  1.00 35.07  ? 655 HOH A O     1 
HETATM 1484 O  O     . HOH F 6 .   ? 15.385  0.323   11.859  1.00 24.07  ? 656 HOH A O     1 
HETATM 1485 O  O     . HOH F 6 .   ? -8.824  6.244   4.844   1.00 28.75  ? 657 HOH A O     1 
HETATM 1486 O  O     . HOH F 6 .   ? -5.744  5.691   21.167  1.00 21.84  ? 658 HOH A O     1 
HETATM 1487 O  O     . HOH F 6 .   ? -9.821  -5.432  -11.748 1.00 35.27  ? 659 HOH A O     1 
HETATM 1488 O  O     . HOH F 6 .   ? 10.900  4.029   17.067  1.00 36.96  ? 660 HOH A O     1 
HETATM 1489 O  O     . HOH F 6 .   ? -9.831  -12.818 -5.880  1.00 46.57  ? 661 HOH A O     1 
HETATM 1490 O  O     . HOH F 6 .   ? 1.703   -13.287 -1.285  1.00 15.59  ? 662 HOH A O     1 
HETATM 1491 O  O     . HOH F 6 .   ? -8.750  13.194  -11.436 1.00 41.97  ? 663 HOH A O     1 
HETATM 1492 O  O     . HOH F 6 .   ? 12.425  -15.187 1.143   1.00 34.05  ? 664 HOH A O     1 
HETATM 1493 O  O     . HOH F 6 .   ? 2.568   -8.109  -14.866 1.00 22.89  ? 665 HOH A O     1 
HETATM 1494 O  O     . HOH F 6 .   ? 0.947   16.581  -10.266 1.00 35.03  ? 666 HOH A O     1 
HETATM 1495 O  O     . HOH F 6 .   ? -9.399  0.388   -12.462 1.00 49.34  ? 667 HOH A O     1 
HETATM 1496 O  O     . HOH F 6 .   ? -7.114  0.605   12.508  1.00 36.03  ? 668 HOH A O     1 
HETATM 1497 O  O     . HOH F 6 .   ? 2.345   -5.765  -13.150 1.00 16.77  ? 669 HOH A O     1 
HETATM 1498 O  O     . HOH F 6 .   ? -2.924  -6.777  3.818   1.00 20.33  ? 670 HOH A O     1 
HETATM 1499 O  O     . HOH F 6 .   ? -12.576 7.522   2.489   1.00 50.03  ? 671 HOH A O     1 
HETATM 1500 O  O     . HOH F 6 .   ? 8.285   5.617   20.042  1.00 22.49  ? 672 HOH A O     1 
HETATM 1501 O  O     . HOH F 6 .   ? -15.346 -16.083 -8.518  1.00 17.35  ? 673 HOH A O     1 
HETATM 1502 O  O     . HOH F 6 .   ? -4.029  -4.499  14.758  1.00 38.62  ? 674 HOH A O     1 
HETATM 1503 O  O     . HOH F 6 .   ? 11.308  -0.981  -10.504 1.00 20.37  ? 675 HOH A O     1 
HETATM 1504 O  O     . HOH F 6 .   ? 4.429   21.942  -1.301  1.00 29.28  ? 676 HOH A O     1 
HETATM 1505 O  O     . HOH F 6 .   ? -5.730  -11.118 20.437  1.00 27.99  ? 677 HOH A O     1 
HETATM 1506 O  O     . HOH F 6 .   ? 6.604   7.497   -11.566 1.00 22.66  ? 678 HOH A O     1 
HETATM 1507 O  O     . HOH F 6 .   ? 9.715   15.340  -12.868 1.00 27.40  ? 679 HOH A O     1 
HETATM 1508 O  O     . HOH F 6 .   ? -3.897  12.711  11.263  1.00 26.09  ? 680 HOH A O     1 
HETATM 1509 O  O     . HOH F 6 .   ? 6.362   19.284  -0.657  1.00 32.11  ? 681 HOH A O     1 
# 
